data_5LB5
#
_entry.id   5LB5
#
_cell.length_a   63.590
_cell.length_b   84.750
_cell.length_c   106.691
_cell.angle_alpha   108.82
_cell.angle_beta   90.06
_cell.angle_gamma   96.86
#
_symmetry.space_group_name_H-M   'P 1'
#
loop_
_entity.id
_entity.type
_entity.pdbx_description
1 polymer 'ATP-dependent DNA helicase Q5'
2 non-polymer 'ZINC ION'
3 non-polymer 'DIMETHYL SULFOXIDE'
4 non-polymer 'MAGNESIUM ION'
5 non-polymer "ADENOSINE-5'-DIPHOSPHATE"
6 water water
#
_entity_poly.entity_id   1
_entity_poly.type   'polypeptide(L)'
_entity_poly.pdbx_seq_one_letter_code
;SMDPERRVRSTLKKVFGFDSFKTPLQESATMAVVKGNKDVFVCMPTGAGKSLCYQLPALLAKGITIVVSPLIALIQDQVD
HLLTLKVRVSSLNSKLSAQERKELLADLEREKPQTKILYITPEMAASSSFQPTLNSLVSRHLLSYLVVDEAHCVSQWGHD
FRPDYLRLGALRSRLGHAPCVALTATATPQVQEDVFAALHLKKPVAIFKTPCFRANLFYDVQFKELISDPYGNLKDFCLK
ALGQEADKGLSGCGIVYCRTREACEQLAIELSCRGVNAKAYHAGLKASERTLVQNDWMEEKVPVIVATISFGMGVDKANV
RFVAHWNIAKSMAGYYQESGRAGRDGKPSWCRLYYSRNDRDQVSFLIRKEVAKLQEKRGNKASDKATIMAFDALVTFCEE
LGCRHAAIAKYFGDALPACAKGCDHCQNPTAVRRRLEALERSSSW
;
_entity_poly.pdbx_strand_id   A,B,C,D
#
loop_
_chem_comp.id
_chem_comp.type
_chem_comp.name
_chem_comp.formula
ADP non-polymer ADENOSINE-5'-DIPHOSPHATE 'C10 H15 N5 O10 P2'
DMS non-polymer 'DIMETHYL SULFOXIDE' 'C2 H6 O S'
MG non-polymer 'MAGNESIUM ION' 'Mg 2'
ZN non-polymer 'ZINC ION' 'Zn 2'
#
# COMPACT_ATOMS: atom_id res chain seq x y z
N ASP A 3 10.90 -57.66 15.27
CA ASP A 3 11.73 -56.88 14.35
C ASP A 3 11.94 -55.44 14.92
N PRO A 4 12.94 -55.26 15.83
CA PRO A 4 13.16 -53.93 16.45
C PRO A 4 13.63 -52.83 15.51
N GLU A 5 14.40 -53.20 14.47
CA GLU A 5 14.91 -52.29 13.43
C GLU A 5 13.75 -51.52 12.78
N ARG A 6 12.66 -52.25 12.46
CA ARG A 6 11.44 -51.74 11.86
C ARG A 6 10.70 -50.81 12.83
N ARG A 7 10.61 -51.21 14.14
CA ARG A 7 10.01 -50.40 15.21
C ARG A 7 10.75 -49.05 15.29
N VAL A 8 12.10 -49.10 15.24
CA VAL A 8 12.99 -47.94 15.27
C VAL A 8 12.77 -47.07 14.02
N ARG A 9 12.76 -47.69 12.83
CA ARG A 9 12.57 -47.01 11.55
C ARG A 9 11.27 -46.23 11.46
N SER A 10 10.16 -46.81 11.99
CA SER A 10 8.84 -46.18 11.99
C SER A 10 8.76 -45.00 12.95
N THR A 11 9.38 -45.12 14.14
CA THR A 11 9.44 -44.07 15.15
C THR A 11 10.27 -42.90 14.60
N LEU A 12 11.36 -43.21 13.86
CA LEU A 12 12.24 -42.23 13.22
C LEU A 12 11.45 -41.33 12.26
N LYS A 13 10.49 -41.94 11.52
CA LYS A 13 9.63 -41.25 10.56
C LYS A 13 8.41 -40.58 11.19
N LYS A 14 7.55 -41.35 11.90
CA LYS A 14 6.33 -40.80 12.50
C LYS A 14 6.56 -39.71 13.57
N VAL A 15 7.61 -39.84 14.40
CA VAL A 15 7.85 -38.83 15.45
C VAL A 15 8.84 -37.78 15.00
N PHE A 16 10.05 -38.21 14.62
CA PHE A 16 11.16 -37.32 14.28
C PHE A 16 11.14 -36.81 12.83
N GLY A 17 10.27 -37.40 12.00
CA GLY A 17 10.07 -37.01 10.61
C GLY A 17 11.26 -37.20 9.71
N PHE A 18 11.95 -38.34 9.85
CA PHE A 18 13.15 -38.65 9.07
C PHE A 18 13.06 -40.03 8.43
N ASP A 19 13.55 -40.12 7.18
CA ASP A 19 13.56 -41.35 6.38
C ASP A 19 14.80 -42.21 6.64
N SER A 20 15.88 -41.60 7.15
CA SER A 20 17.14 -42.30 7.40
C SER A 20 17.94 -41.67 8.55
N PHE A 21 18.92 -42.43 9.04
CA PHE A 21 19.85 -41.92 10.05
C PHE A 21 20.89 -41.06 9.32
N LYS A 22 21.36 -39.99 9.99
CA LYS A 22 22.38 -39.06 9.49
C LYS A 22 23.62 -39.82 8.98
N THR A 23 24.08 -40.83 9.76
CA THR A 23 25.25 -41.67 9.46
C THR A 23 24.98 -43.10 9.97
N PRO A 24 25.71 -44.15 9.52
CA PRO A 24 25.51 -45.49 10.13
C PRO A 24 25.98 -45.58 11.60
N LEU A 25 26.91 -44.71 12.04
CA LEU A 25 27.34 -44.74 13.45
C LEU A 25 26.18 -44.29 14.36
N GLN A 26 25.40 -43.26 13.91
CA GLN A 26 24.20 -42.79 14.62
C GLN A 26 23.18 -43.94 14.75
N GLU A 27 23.09 -44.75 13.67
CA GLU A 27 22.23 -45.94 13.57
C GLU A 27 22.65 -47.01 14.59
N SER A 28 23.92 -47.46 14.56
CA SER A 28 24.49 -48.46 15.47
C SER A 28 24.33 -48.05 16.95
N ALA A 29 24.59 -46.75 17.26
CA ALA A 29 24.46 -46.21 18.61
C ALA A 29 23.03 -46.31 19.11
N THR A 30 22.04 -45.88 18.29
CA THR A 30 20.61 -45.92 18.58
C THR A 30 20.13 -47.37 18.83
N MET A 31 20.61 -48.34 18.00
CA MET A 31 20.26 -49.76 18.10
C MET A 31 20.82 -50.37 19.38
N ALA A 32 22.05 -49.97 19.76
CA ALA A 32 22.69 -50.41 20.99
C ALA A 32 21.98 -49.85 22.21
N VAL A 33 21.41 -48.62 22.14
CA VAL A 33 20.70 -48.09 23.31
C VAL A 33 19.34 -48.84 23.46
N VAL A 34 18.66 -49.10 22.32
CA VAL A 34 17.38 -49.83 22.28
C VAL A 34 17.51 -51.20 22.93
N LYS A 35 18.55 -51.99 22.55
CA LYS A 35 18.85 -53.32 23.11
C LYS A 35 18.79 -53.33 24.65
N GLY A 36 19.35 -52.28 25.27
CA GLY A 36 19.32 -52.08 26.72
C GLY A 36 20.12 -53.04 27.57
N ASN A 37 21.06 -53.79 26.97
CA ASN A 37 21.88 -54.75 27.72
C ASN A 37 23.19 -54.15 28.31
N LYS A 38 23.76 -53.08 27.72
CA LYS A 38 25.02 -52.52 28.25
C LYS A 38 25.04 -51.00 28.42
N ASP A 39 26.07 -50.49 29.14
CA ASP A 39 26.30 -49.06 29.32
C ASP A 39 26.92 -48.57 28.02
N VAL A 40 26.45 -47.40 27.51
CA VAL A 40 26.85 -46.86 26.18
C VAL A 40 27.62 -45.52 26.24
N PHE A 41 28.65 -45.39 25.40
CA PHE A 41 29.40 -44.12 25.29
C PHE A 41 29.36 -43.63 23.84
N VAL A 42 28.80 -42.45 23.62
CA VAL A 42 28.64 -41.82 22.29
C VAL A 42 29.59 -40.63 22.19
N CYS A 43 30.53 -40.70 21.26
CA CYS A 43 31.51 -39.63 21.06
C CYS A 43 31.49 -39.21 19.59
N MET A 44 30.71 -38.15 19.29
CA MET A 44 30.53 -37.57 17.96
C MET A 44 30.63 -36.05 17.93
N PRO A 45 31.03 -35.42 16.79
CA PRO A 45 31.06 -33.95 16.73
C PRO A 45 29.73 -33.24 17.03
N THR A 46 29.80 -31.96 17.45
CA THR A 46 28.62 -31.12 17.70
C THR A 46 27.88 -30.99 16.36
N GLY A 47 26.58 -31.27 16.38
CA GLY A 47 25.71 -31.29 15.22
C GLY A 47 25.64 -32.64 14.52
N ALA A 48 26.17 -33.72 15.13
CA ALA A 48 26.10 -35.03 14.47
C ALA A 48 24.83 -35.85 14.81
N GLY A 49 23.91 -35.28 15.57
CA GLY A 49 22.68 -35.96 15.95
C GLY A 49 22.79 -36.91 17.14
N LYS A 50 23.57 -36.52 18.16
CA LYS A 50 23.71 -37.33 19.38
C LYS A 50 22.42 -37.41 20.21
N SER A 51 21.61 -36.32 20.25
CA SER A 51 20.38 -36.30 21.08
C SER A 51 19.39 -37.39 20.72
N LEU A 52 19.30 -37.76 19.43
CA LEU A 52 18.38 -38.80 18.96
C LEU A 52 18.79 -40.19 19.44
N CYS A 53 20.13 -40.42 19.64
CA CYS A 53 20.68 -41.70 20.13
C CYS A 53 20.06 -42.14 21.46
N TYR A 54 19.51 -41.18 22.23
CA TYR A 54 18.79 -41.44 23.49
C TYR A 54 17.33 -41.00 23.46
N GLN A 55 17.00 -39.88 22.78
CA GLN A 55 15.59 -39.39 22.71
C GLN A 55 14.64 -40.41 22.05
N LEU A 56 15.11 -41.07 20.97
CA LEU A 56 14.36 -42.10 20.27
C LEU A 56 14.16 -43.36 21.16
N PRO A 57 15.23 -44.09 21.65
CA PRO A 57 14.99 -45.27 22.51
C PRO A 57 14.09 -45.07 23.72
N ALA A 58 14.09 -43.85 24.28
CA ALA A 58 13.25 -43.45 25.41
C ALA A 58 11.75 -43.67 25.15
N LEU A 59 11.32 -43.42 23.88
CA LEU A 59 9.92 -43.53 23.40
C LEU A 59 9.51 -44.98 23.24
N LEU A 60 10.47 -45.87 23.00
CA LEU A 60 10.19 -47.28 22.80
C LEU A 60 10.34 -48.11 24.07
N ALA A 61 10.83 -47.50 25.16
CA ALA A 61 10.98 -48.15 26.46
C ALA A 61 9.66 -48.09 27.25
N LYS A 62 9.47 -48.99 28.23
CA LYS A 62 8.26 -49.05 29.05
C LYS A 62 8.15 -47.89 30.03
N GLY A 63 9.26 -47.58 30.71
CA GLY A 63 9.33 -46.55 31.74
C GLY A 63 9.85 -45.19 31.31
N ILE A 64 10.43 -44.46 32.28
CA ILE A 64 10.97 -43.10 32.14
C ILE A 64 12.48 -43.07 31.93
N THR A 65 12.93 -42.11 31.12
CA THR A 65 14.33 -41.82 30.85
C THR A 65 14.67 -40.50 31.54
N ILE A 66 15.68 -40.55 32.42
CA ILE A 66 16.16 -39.35 33.07
C ILE A 66 17.43 -38.90 32.36
N VAL A 67 17.46 -37.63 31.91
CA VAL A 67 18.56 -36.98 31.19
C VAL A 67 19.17 -35.88 32.10
N VAL A 68 20.47 -35.99 32.41
CA VAL A 68 21.20 -34.97 33.19
C VAL A 68 21.92 -34.04 32.20
N SER A 69 21.77 -32.71 32.37
CA SER A 69 22.37 -31.68 31.50
C SER A 69 22.91 -30.50 32.34
N PRO A 70 24.00 -29.80 31.92
CA PRO A 70 24.61 -28.76 32.79
C PRO A 70 23.78 -27.52 33.17
N LEU A 71 23.12 -26.86 32.20
CA LEU A 71 22.38 -25.61 32.44
C LEU A 71 20.91 -25.72 32.00
N ILE A 72 20.03 -24.88 32.58
CA ILE A 72 18.59 -24.83 32.27
C ILE A 72 18.34 -24.29 30.84
N ALA A 73 19.18 -23.33 30.39
CA ALA A 73 19.08 -22.71 29.05
C ALA A 73 19.17 -23.74 27.93
N LEU A 74 20.13 -24.67 28.02
CA LEU A 74 20.32 -25.76 27.05
C LEU A 74 19.22 -26.85 27.20
N ILE A 75 18.71 -27.07 28.44
CA ILE A 75 17.62 -28.02 28.75
C ILE A 75 16.35 -27.53 28.05
N GLN A 76 16.01 -26.24 28.26
CA GLN A 76 14.85 -25.55 27.72
C GLN A 76 14.74 -25.67 26.21
N ASP A 77 15.89 -25.56 25.51
CA ASP A 77 15.96 -25.66 24.06
C ASP A 77 15.54 -27.05 23.61
N GLN A 78 16.06 -28.10 24.30
CA GLN A 78 15.77 -29.52 24.07
C GLN A 78 14.32 -29.85 24.41
N VAL A 79 13.77 -29.24 25.49
CA VAL A 79 12.38 -29.42 25.94
C VAL A 79 11.43 -28.75 24.92
N ASP A 80 11.70 -27.49 24.51
CA ASP A 80 10.87 -26.76 23.53
C ASP A 80 10.80 -27.46 22.16
N HIS A 81 11.90 -28.15 21.78
CA HIS A 81 12.07 -28.90 20.53
C HIS A 81 11.22 -30.16 20.48
N LEU A 82 11.31 -30.98 21.54
CA LEU A 82 10.57 -32.22 21.67
C LEU A 82 9.06 -31.99 21.74
N LEU A 83 8.64 -30.90 22.41
CA LEU A 83 7.23 -30.49 22.58
C LEU A 83 6.53 -30.30 21.22
N THR A 84 7.24 -29.70 20.23
CA THR A 84 6.73 -29.50 18.86
C THR A 84 6.52 -30.84 18.14
N LEU A 85 7.26 -31.88 18.54
CA LEU A 85 7.14 -33.23 17.98
C LEU A 85 6.03 -33.99 18.72
N LYS A 86 5.34 -33.29 19.66
CA LYS A 86 4.23 -33.77 20.49
C LYS A 86 4.67 -34.89 21.45
N VAL A 87 5.94 -34.81 21.93
CA VAL A 87 6.56 -35.76 22.85
C VAL A 87 6.19 -35.36 24.30
N ARG A 88 5.95 -36.36 25.17
CA ARG A 88 5.67 -36.13 26.59
C ARG A 88 6.99 -35.92 27.37
N VAL A 89 7.57 -34.70 27.20
CA VAL A 89 8.82 -34.25 27.81
C VAL A 89 8.55 -33.30 28.99
N SER A 90 9.30 -33.50 30.08
CA SER A 90 9.20 -32.68 31.30
C SER A 90 10.58 -32.25 31.78
N SER A 91 10.62 -31.22 32.65
CA SER A 91 11.83 -30.68 33.23
C SER A 91 11.62 -30.24 34.69
N LEU A 92 12.35 -30.90 35.61
CA LEU A 92 12.31 -30.59 37.03
C LEU A 92 13.51 -29.70 37.36
N ASN A 93 13.23 -28.41 37.66
CA ASN A 93 14.23 -27.40 37.98
C ASN A 93 13.68 -26.29 38.91
N SER A 94 14.57 -25.33 39.28
CA SER A 94 14.29 -24.19 40.16
C SER A 94 13.26 -23.20 39.56
N LYS A 95 13.17 -23.13 38.22
CA LYS A 95 12.27 -22.23 37.50
C LYS A 95 10.78 -22.58 37.64
N LEU A 96 10.47 -23.84 38.02
CA LEU A 96 9.10 -24.33 38.17
C LEU A 96 8.29 -23.63 39.25
N SER A 97 7.08 -23.19 38.90
CA SER A 97 6.13 -22.55 39.82
C SER A 97 5.59 -23.62 40.78
N ALA A 98 5.03 -23.19 41.93
CA ALA A 98 4.48 -24.08 42.96
C ALA A 98 3.54 -25.15 42.39
N GLN A 99 2.61 -24.76 41.49
CA GLN A 99 1.66 -25.67 40.84
C GLN A 99 2.35 -26.62 39.84
N GLU A 100 3.30 -26.08 39.03
CA GLU A 100 4.09 -26.82 38.02
C GLU A 100 4.80 -28.04 38.62
N ARG A 101 5.55 -27.84 39.72
CA ARG A 101 6.30 -28.86 40.46
C ARG A 101 5.34 -29.90 41.03
N LYS A 102 4.24 -29.44 41.64
CA LYS A 102 3.19 -30.26 42.24
C LYS A 102 2.51 -31.14 41.16
N GLU A 103 2.28 -30.57 39.96
CA GLU A 103 1.67 -31.25 38.81
C GLU A 103 2.60 -32.35 38.28
N LEU A 104 3.92 -32.06 38.21
CA LEU A 104 4.94 -33.00 37.74
C LEU A 104 5.22 -34.11 38.76
N LEU A 105 5.30 -33.77 40.07
CA LEU A 105 5.55 -34.74 41.13
C LEU A 105 4.42 -35.77 41.26
N ALA A 106 3.16 -35.31 41.04
CA ALA A 106 1.95 -36.12 41.06
C ALA A 106 1.98 -37.18 39.94
N ASP A 107 2.25 -36.73 38.68
CA ASP A 107 2.36 -37.58 37.49
C ASP A 107 3.37 -38.71 37.68
N LEU A 108 4.52 -38.42 38.30
CA LEU A 108 5.56 -39.42 38.54
C LEU A 108 5.13 -40.46 39.57
N GLU A 109 4.19 -40.10 40.47
CA GLU A 109 3.68 -40.98 41.52
C GLU A 109 2.56 -41.92 41.05
N ARG A 110 2.08 -41.73 39.81
CA ARG A 110 1.09 -42.58 39.17
C ARG A 110 1.75 -43.92 38.87
N GLU A 111 0.98 -45.02 38.89
CA GLU A 111 1.43 -46.38 38.59
C GLU A 111 1.92 -46.51 37.13
N LYS A 112 1.34 -45.68 36.22
CA LYS A 112 1.66 -45.56 34.81
C LYS A 112 1.79 -44.06 34.48
N PRO A 113 2.97 -43.44 34.75
CA PRO A 113 3.14 -41.99 34.49
C PRO A 113 3.14 -41.60 33.03
N GLN A 114 2.66 -40.40 32.72
CA GLN A 114 2.63 -39.88 31.34
C GLN A 114 4.02 -39.48 30.84
N THR A 115 4.85 -38.90 31.73
CA THR A 115 6.21 -38.44 31.45
C THR A 115 7.07 -39.60 30.93
N LYS A 116 7.66 -39.39 29.75
CA LYS A 116 8.54 -40.34 29.10
C LYS A 116 10.03 -39.91 29.21
N ILE A 117 10.31 -38.59 29.14
CA ILE A 117 11.67 -38.02 29.21
C ILE A 117 11.67 -36.87 30.22
N LEU A 118 12.59 -36.94 31.20
CA LEU A 118 12.73 -35.94 32.25
C LEU A 118 14.15 -35.42 32.30
N TYR A 119 14.29 -34.11 32.04
CA TYR A 119 15.54 -33.37 32.06
C TYR A 119 15.75 -32.74 33.44
N ILE A 120 16.94 -32.95 34.03
CA ILE A 120 17.34 -32.42 35.34
C ILE A 120 18.78 -31.93 35.27
N THR A 121 19.13 -30.99 36.15
CA THR A 121 20.48 -30.47 36.31
C THR A 121 21.22 -31.42 37.29
N PRO A 122 22.58 -31.49 37.32
CA PRO A 122 23.25 -32.42 38.27
C PRO A 122 22.95 -32.13 39.76
N GLU A 123 22.87 -30.85 40.13
N GLU A 123 22.87 -30.84 40.14
CA GLU A 123 22.54 -30.37 41.49
CA GLU A 123 22.55 -30.43 41.52
C GLU A 123 21.19 -30.93 41.96
C GLU A 123 21.19 -30.97 41.98
N MET A 124 20.21 -30.99 41.05
CA MET A 124 18.86 -31.50 41.30
C MET A 124 18.85 -33.04 41.41
N ALA A 125 19.61 -33.72 40.53
CA ALA A 125 19.76 -35.19 40.53
C ALA A 125 20.26 -35.71 41.90
N ALA A 126 21.26 -35.02 42.47
CA ALA A 126 21.92 -35.37 43.74
C ALA A 126 21.26 -34.77 45.01
N SER A 127 20.23 -33.92 44.86
CA SER A 127 19.56 -33.31 46.02
C SER A 127 18.73 -34.32 46.81
N SER A 128 18.80 -34.25 48.16
CA SER A 128 18.05 -35.12 49.08
C SER A 128 16.53 -35.03 48.87
N SER A 129 16.05 -33.86 48.41
CA SER A 129 14.64 -33.58 48.11
C SER A 129 14.12 -34.36 46.89
N PHE A 130 15.01 -34.69 45.93
CA PHE A 130 14.66 -35.46 44.73
C PHE A 130 14.72 -36.97 45.02
N GLN A 131 15.40 -37.36 46.11
CA GLN A 131 15.62 -38.76 46.49
C GLN A 131 14.33 -39.56 46.75
N PRO A 132 13.24 -39.04 47.40
CA PRO A 132 12.02 -39.85 47.56
C PRO A 132 11.39 -40.26 46.23
N THR A 133 11.34 -39.32 45.25
CA THR A 133 10.82 -39.50 43.89
C THR A 133 11.56 -40.62 43.14
N LEU A 134 12.90 -40.56 43.14
CA LEU A 134 13.79 -41.51 42.47
C LEU A 134 13.68 -42.94 43.01
N ASN A 135 13.70 -43.09 44.34
CA ASN A 135 13.61 -44.41 44.97
C ASN A 135 12.28 -45.11 44.65
N SER A 136 11.18 -44.34 44.62
CA SER A 136 9.85 -44.82 44.26
C SER A 136 9.87 -45.37 42.80
N LEU A 137 10.53 -44.64 41.88
CA LEU A 137 10.68 -45.03 40.47
C LEU A 137 11.54 -46.28 40.31
N VAL A 138 12.60 -46.41 41.12
CA VAL A 138 13.50 -47.57 41.10
C VAL A 138 12.75 -48.80 41.66
N SER A 139 12.01 -48.61 42.78
CA SER A 139 11.21 -49.64 43.47
C SER A 139 10.10 -50.22 42.58
N ARG A 140 9.49 -49.36 41.73
CA ARG A 140 8.41 -49.73 40.84
C ARG A 140 8.88 -50.19 39.44
N HIS A 141 10.23 -50.23 39.22
CA HIS A 141 10.89 -50.60 37.95
C HIS A 141 10.44 -49.64 36.82
N LEU A 142 10.23 -48.37 37.18
CA LEU A 142 9.77 -47.31 36.30
C LEU A 142 10.90 -46.51 35.62
N LEU A 143 12.18 -46.85 35.92
CA LEU A 143 13.33 -46.18 35.30
C LEU A 143 13.95 -47.06 34.22
N SER A 144 13.85 -46.62 32.96
CA SER A 144 14.37 -47.36 31.81
C SER A 144 15.80 -46.97 31.42
N TYR A 145 16.15 -45.69 31.53
CA TYR A 145 17.46 -45.16 31.22
C TYR A 145 17.91 -43.98 32.10
N LEU A 146 19.24 -43.87 32.28
CA LEU A 146 19.89 -42.72 32.90
C LEU A 146 20.84 -42.20 31.81
N VAL A 147 20.63 -40.98 31.43
CA VAL A 147 21.41 -40.38 30.36
C VAL A 147 22.23 -39.22 30.92
N VAL A 148 23.53 -39.20 30.62
CA VAL A 148 24.45 -38.12 31.07
C VAL A 148 24.95 -37.40 29.82
N ASP A 149 24.38 -36.23 29.55
CA ASP A 149 24.76 -35.44 28.39
C ASP A 149 25.90 -34.55 28.81
N GLU A 150 26.75 -34.09 27.86
CA GLU A 150 27.93 -33.25 28.12
C GLU A 150 28.80 -33.92 29.16
N ALA A 151 28.99 -35.25 29.03
CA ALA A 151 29.70 -36.11 30.01
C ALA A 151 31.15 -35.68 30.32
N HIS A 152 31.78 -34.88 29.42
CA HIS A 152 33.18 -34.36 29.56
C HIS A 152 33.32 -33.44 30.78
N CYS A 153 32.17 -32.92 31.29
CA CYS A 153 32.05 -32.07 32.47
C CYS A 153 32.57 -32.75 33.75
N VAL A 154 32.75 -34.09 33.72
CA VAL A 154 33.31 -34.86 34.84
C VAL A 154 34.84 -34.64 34.96
N SER A 155 35.48 -34.21 33.85
CA SER A 155 36.92 -34.11 33.66
C SER A 155 37.54 -32.70 33.76
N GLN A 156 38.67 -32.63 34.49
CA GLN A 156 39.53 -31.45 34.59
C GLN A 156 40.44 -31.35 33.36
N TRP A 157 40.47 -32.42 32.51
CA TRP A 157 41.22 -32.49 31.25
C TRP A 157 40.36 -31.99 30.08
N GLY A 158 39.09 -31.69 30.35
CA GLY A 158 38.17 -31.11 29.36
C GLY A 158 38.04 -29.61 29.54
N HIS A 159 37.30 -28.96 28.65
CA HIS A 159 37.11 -27.50 28.67
C HIS A 159 36.02 -26.99 29.64
N ASP A 160 35.23 -27.89 30.28
CA ASP A 160 34.12 -27.43 31.13
C ASP A 160 33.91 -28.25 32.41
N PHE A 161 34.94 -28.32 33.30
CA PHE A 161 34.80 -29.03 34.56
C PHE A 161 33.72 -28.45 35.47
N ARG A 162 32.91 -29.36 36.03
CA ARG A 162 31.77 -29.09 36.91
C ARG A 162 31.79 -30.08 38.09
N PRO A 163 32.19 -29.63 39.31
CA PRO A 163 32.20 -30.55 40.46
C PRO A 163 30.87 -31.29 40.67
N ASP A 164 29.75 -30.64 40.32
CA ASP A 164 28.40 -31.25 40.40
C ASP A 164 28.30 -32.59 39.65
N TYR A 165 29.10 -32.75 38.54
CA TYR A 165 29.13 -33.99 37.74
C TYR A 165 29.78 -35.18 38.44
N LEU A 166 30.60 -34.92 39.48
CA LEU A 166 31.26 -35.98 40.22
C LEU A 166 30.33 -36.76 41.15
N ARG A 167 29.22 -36.12 41.57
CA ARG A 167 28.18 -36.73 42.42
C ARG A 167 27.37 -37.77 41.63
N LEU A 168 27.40 -37.67 40.30
CA LEU A 168 26.64 -38.52 39.38
C LEU A 168 27.08 -39.99 39.38
N GLY A 169 28.31 -40.27 39.78
CA GLY A 169 28.81 -41.64 39.92
C GLY A 169 28.06 -42.43 40.97
N ALA A 170 27.88 -41.81 42.18
CA ALA A 170 27.14 -42.44 43.30
C ALA A 170 25.65 -42.64 42.92
N LEU A 171 25.07 -41.69 42.17
CA LEU A 171 23.68 -41.77 41.69
C LEU A 171 23.51 -42.98 40.76
N ARG A 172 24.45 -43.15 39.77
CA ARG A 172 24.47 -44.23 38.80
C ARG A 172 24.57 -45.60 39.46
N SER A 173 25.39 -45.70 40.52
CA SER A 173 25.60 -46.94 41.27
C SER A 173 24.31 -47.45 41.96
N ARG A 174 23.42 -46.53 42.33
CA ARG A 174 22.15 -46.83 43.00
C ARG A 174 21.05 -47.39 42.08
N LEU A 175 21.26 -47.36 40.75
CA LEU A 175 20.27 -47.84 39.77
C LEU A 175 20.92 -48.74 38.71
N GLY A 176 21.29 -49.94 39.15
CA GLY A 176 21.96 -50.96 38.34
C GLY A 176 21.17 -51.53 37.18
N HIS A 177 19.86 -51.80 37.41
CA HIS A 177 18.91 -52.37 36.44
C HIS A 177 18.88 -51.58 35.11
N ALA A 178 18.83 -50.22 35.23
CA ALA A 178 18.76 -49.24 34.16
C ALA A 178 20.12 -49.01 33.53
N PRO A 179 20.25 -49.17 32.18
CA PRO A 179 21.54 -48.88 31.53
C PRO A 179 21.86 -47.38 31.56
N CYS A 180 23.16 -47.04 31.47
CA CYS A 180 23.59 -45.66 31.45
C CYS A 180 24.13 -45.26 30.07
N VAL A 181 23.77 -44.05 29.60
CA VAL A 181 24.20 -43.54 28.29
C VAL A 181 24.97 -42.24 28.50
N ALA A 182 26.24 -42.19 28.03
CA ALA A 182 27.12 -41.03 28.21
C ALA A 182 27.55 -40.47 26.88
N LEU A 183 27.33 -39.19 26.68
CA LEU A 183 27.57 -38.56 25.40
C LEU A 183 28.39 -37.28 25.50
N THR A 184 29.36 -37.13 24.60
CA THR A 184 30.22 -35.95 24.47
C THR A 184 30.78 -35.84 23.03
N ALA A 185 31.33 -34.64 22.68
CA ALA A 185 32.03 -34.34 21.44
C ALA A 185 33.55 -34.42 21.74
N THR A 186 33.97 -34.37 23.03
CA THR A 186 35.39 -34.42 23.43
C THR A 186 35.96 -35.83 23.19
N ALA A 187 36.98 -35.92 22.33
CA ALA A 187 37.55 -37.17 21.81
C ALA A 187 38.84 -37.67 22.44
N THR A 188 39.40 -36.98 23.43
CA THR A 188 40.67 -37.43 24.01
C THR A 188 40.55 -38.67 24.92
N PRO A 189 41.61 -39.53 24.94
CA PRO A 189 41.57 -40.76 25.76
C PRO A 189 41.50 -40.49 27.27
N GLN A 190 42.12 -39.40 27.79
CA GLN A 190 42.04 -39.05 29.22
C GLN A 190 40.61 -38.66 29.61
N VAL A 191 39.90 -37.91 28.73
CA VAL A 191 38.51 -37.54 28.98
C VAL A 191 37.60 -38.82 28.99
N GLN A 192 37.81 -39.74 28.05
CA GLN A 192 37.07 -41.00 27.96
C GLN A 192 37.25 -41.83 29.25
N GLU A 193 38.52 -42.00 29.69
CA GLU A 193 38.92 -42.68 30.92
C GLU A 193 38.23 -42.04 32.14
N ASP A 194 38.21 -40.68 32.21
CA ASP A 194 37.51 -39.95 33.32
C ASP A 194 36.01 -40.24 33.34
N VAL A 195 35.37 -40.22 32.15
CA VAL A 195 33.95 -40.52 31.99
C VAL A 195 33.60 -41.92 32.53
N PHE A 196 34.36 -42.97 32.14
CA PHE A 196 34.12 -44.37 32.53
C PHE A 196 34.23 -44.60 34.03
N ALA A 197 35.21 -43.95 34.67
CA ALA A 197 35.47 -44.04 36.11
C ALA A 197 34.52 -43.17 36.97
N ALA A 198 34.30 -41.88 36.58
CA ALA A 198 33.47 -40.90 37.31
C ALA A 198 31.96 -41.19 37.31
N LEU A 199 31.47 -41.89 36.27
CA LEU A 199 30.06 -42.24 36.16
C LEU A 199 29.83 -43.67 36.57
N HIS A 200 30.89 -44.34 37.09
CA HIS A 200 30.91 -45.71 37.60
C HIS A 200 30.29 -46.68 36.57
N LEU A 201 30.61 -46.46 35.26
CA LEU A 201 30.07 -47.29 34.16
C LEU A 201 30.40 -48.78 34.26
N LYS A 202 29.49 -49.64 33.75
CA LYS A 202 29.65 -51.11 33.75
C LYS A 202 30.34 -51.60 32.49
N LYS A 203 31.38 -52.42 32.67
CA LYS A 203 32.20 -52.96 31.57
C LYS A 203 31.65 -54.29 31.02
N PRO A 204 31.72 -54.55 29.70
CA PRO A 204 32.28 -53.72 28.63
C PRO A 204 31.33 -52.64 28.15
N VAL A 205 31.88 -51.44 27.94
CA VAL A 205 31.09 -50.32 27.45
C VAL A 205 30.96 -50.42 25.94
N ALA A 206 29.73 -50.22 25.40
CA ALA A 206 29.49 -50.16 23.95
C ALA A 206 29.88 -48.71 23.48
N ILE A 207 30.98 -48.60 22.70
CA ILE A 207 31.55 -47.34 22.22
C ILE A 207 31.19 -47.03 20.75
N PHE A 208 30.71 -45.80 20.53
CA PHE A 208 30.35 -45.24 19.23
C PHE A 208 31.12 -43.93 19.07
N LYS A 209 32.31 -44.03 18.50
CA LYS A 209 33.28 -42.95 18.40
C LYS A 209 33.57 -42.52 16.94
N THR A 210 33.25 -41.27 16.54
CA THR A 210 33.54 -40.79 15.18
C THR A 210 35.05 -40.49 15.07
N PRO A 211 35.81 -41.14 14.14
CA PRO A 211 37.26 -40.85 14.06
C PRO A 211 37.46 -39.41 13.61
N CYS A 212 38.51 -38.78 14.07
CA CYS A 212 38.81 -37.40 13.75
C CYS A 212 39.46 -37.17 12.37
N PHE A 213 39.84 -38.26 11.69
CA PHE A 213 40.52 -38.21 10.38
C PHE A 213 39.76 -37.50 9.27
N ARG A 214 40.42 -36.54 8.60
N ARG A 214 40.45 -36.53 8.62
CA ARG A 214 39.77 -35.83 7.49
CA ARG A 214 39.95 -35.71 7.52
C ARG A 214 40.64 -35.90 6.23
C ARG A 214 40.80 -35.98 6.27
N ALA A 215 40.40 -36.99 5.46
CA ALA A 215 41.12 -37.43 4.24
C ALA A 215 41.46 -36.34 3.22
N ASN A 216 40.52 -35.43 2.89
CA ASN A 216 40.70 -34.36 1.91
C ASN A 216 41.60 -33.18 2.35
N LEU A 217 42.19 -33.25 3.59
CA LEU A 217 43.04 -32.17 4.06
C LEU A 217 44.51 -32.49 3.96
N PHE A 218 45.26 -31.61 3.28
CA PHE A 218 46.70 -31.79 3.14
C PHE A 218 47.39 -30.93 4.19
N TYR A 219 48.09 -31.56 5.14
CA TYR A 219 48.77 -30.85 6.21
C TYR A 219 50.25 -30.76 5.95
N ASP A 220 50.82 -29.57 6.22
CA ASP A 220 52.26 -29.35 6.20
C ASP A 220 52.70 -28.36 7.26
N VAL A 221 53.96 -28.45 7.66
CA VAL A 221 54.58 -27.54 8.62
C VAL A 221 55.81 -26.90 7.95
N GLN A 222 55.83 -25.56 7.85
CA GLN A 222 56.95 -24.75 7.30
C GLN A 222 57.60 -23.95 8.44
N PHE A 223 58.95 -23.86 8.43
CA PHE A 223 59.72 -23.16 9.47
C PHE A 223 60.12 -21.77 9.02
N LYS A 224 59.37 -20.73 9.50
CA LYS A 224 59.54 -19.29 9.20
C LYS A 224 61.01 -18.81 9.19
N GLU A 225 61.85 -19.44 10.05
CA GLU A 225 63.28 -19.16 10.24
C GLU A 225 64.09 -19.38 8.95
N LEU A 226 63.68 -20.39 8.14
CA LEU A 226 64.34 -20.82 6.91
C LEU A 226 63.72 -20.32 5.61
N ILE A 227 62.88 -19.26 5.70
CA ILE A 227 62.19 -18.68 4.56
C ILE A 227 62.64 -17.21 4.37
N SER A 228 63.42 -16.95 3.29
CA SER A 228 63.97 -15.64 2.93
C SER A 228 62.87 -14.58 2.72
N ASP A 229 61.78 -14.96 2.02
CA ASP A 229 60.64 -14.09 1.73
C ASP A 229 59.36 -14.69 2.38
N PRO A 230 59.13 -14.43 3.70
CA PRO A 230 57.97 -15.03 4.38
C PRO A 230 56.63 -14.62 3.80
N TYR A 231 56.46 -13.33 3.49
CA TYR A 231 55.23 -12.79 2.91
C TYR A 231 55.00 -13.31 1.48
N GLY A 232 56.08 -13.67 0.78
CA GLY A 232 56.04 -14.22 -0.56
C GLY A 232 55.54 -15.66 -0.60
N ASN A 233 55.95 -16.44 0.43
CA ASN A 233 55.55 -17.83 0.63
C ASN A 233 54.05 -17.92 0.93
N LEU A 234 53.55 -17.07 1.85
CA LEU A 234 52.13 -17.02 2.18
C LEU A 234 51.30 -16.66 0.93
N LYS A 235 51.78 -15.67 0.13
CA LYS A 235 51.15 -15.22 -1.12
C LYS A 235 51.05 -16.36 -2.13
N ASP A 236 52.16 -17.10 -2.33
CA ASP A 236 52.22 -18.26 -3.23
C ASP A 236 51.17 -19.28 -2.82
N PHE A 237 51.26 -19.76 -1.54
CA PHE A 237 50.37 -20.73 -0.89
C PHE A 237 48.90 -20.35 -1.09
N CYS A 238 48.55 -19.06 -0.87
CA CYS A 238 47.19 -18.55 -1.03
C CYS A 238 46.69 -18.63 -2.47
N LEU A 239 47.55 -18.29 -3.45
CA LEU A 239 47.21 -18.32 -4.87
C LEU A 239 47.08 -19.74 -5.38
N LYS A 240 48.11 -20.59 -5.14
CA LYS A 240 48.14 -21.98 -5.58
C LYS A 240 46.92 -22.79 -5.12
N ALA A 241 46.48 -22.61 -3.85
CA ALA A 241 45.33 -23.30 -3.25
C ALA A 241 44.02 -22.98 -3.96
N LEU A 242 43.90 -21.75 -4.51
CA LEU A 242 42.71 -21.31 -5.24
C LEU A 242 42.85 -21.69 -6.74
N GLY A 243 41.94 -22.55 -7.20
CA GLY A 243 41.92 -23.05 -8.57
C GLY A 243 42.46 -24.46 -8.71
N GLY A 252 37.91 -20.35 -4.72
CA GLY A 252 36.96 -20.30 -3.60
C GLY A 252 37.27 -19.20 -2.59
N CYS A 253 37.84 -19.59 -1.43
CA CYS A 253 38.26 -18.69 -0.32
C CYS A 253 39.33 -19.36 0.59
N GLY A 254 39.96 -18.56 1.45
CA GLY A 254 40.98 -19.05 2.37
C GLY A 254 41.16 -18.22 3.64
N ILE A 255 41.70 -18.86 4.72
CA ILE A 255 41.94 -18.21 6.01
C ILE A 255 43.42 -18.18 6.40
N VAL A 256 43.84 -17.08 7.07
CA VAL A 256 45.19 -16.88 7.61
C VAL A 256 45.01 -16.46 9.08
N TYR A 257 45.50 -17.27 10.03
CA TYR A 257 45.42 -16.97 11.46
C TYR A 257 46.73 -16.42 11.95
N CYS A 258 46.64 -15.45 12.85
CA CYS A 258 47.80 -14.84 13.49
C CYS A 258 47.43 -14.50 14.94
N ARG A 259 48.43 -14.18 15.77
CA ARG A 259 48.23 -13.87 17.19
C ARG A 259 47.87 -12.39 17.49
N THR A 260 48.58 -11.40 16.90
CA THR A 260 48.36 -9.97 17.21
C THR A 260 47.58 -9.18 16.16
N ARG A 261 46.93 -8.07 16.61
CA ARG A 261 46.16 -7.10 15.83
C ARG A 261 47.11 -6.39 14.88
N GLU A 262 48.37 -6.20 15.32
CA GLU A 262 49.46 -5.60 14.55
C GLU A 262 49.73 -6.49 13.34
N ALA A 263 50.14 -7.77 13.57
CA ALA A 263 50.41 -8.77 12.52
C ALA A 263 49.20 -9.04 11.61
N CYS A 264 47.98 -8.90 12.15
CA CYS A 264 46.72 -9.04 11.41
C CYS A 264 46.60 -7.91 10.36
N GLU A 265 47.00 -6.68 10.72
CA GLU A 265 46.95 -5.53 9.82
C GLU A 265 48.07 -5.59 8.78
N GLN A 266 49.30 -5.91 9.23
CA GLN A 266 50.47 -6.05 8.38
C GLN A 266 50.20 -7.03 7.24
N LEU A 267 49.72 -8.25 7.56
CA LEU A 267 49.42 -9.32 6.59
C LEU A 267 48.29 -8.97 5.61
N ALA A 268 47.23 -8.28 6.06
CA ALA A 268 46.09 -7.90 5.21
C ALA A 268 46.49 -6.93 4.10
N ILE A 269 47.35 -5.94 4.44
CA ILE A 269 47.89 -4.93 3.51
C ILE A 269 48.97 -5.61 2.66
N GLU A 270 49.94 -6.33 3.31
CA GLU A 270 51.04 -7.03 2.66
C GLU A 270 50.58 -8.00 1.57
N LEU A 271 49.50 -8.78 1.82
CA LEU A 271 48.97 -9.72 0.82
C LEU A 271 48.25 -8.99 -0.33
N SER A 272 47.53 -7.90 -0.03
CA SER A 272 46.82 -7.08 -1.03
C SER A 272 47.78 -6.41 -2.02
N CYS A 273 49.01 -6.12 -1.56
CA CYS A 273 50.12 -5.54 -2.33
C CYS A 273 50.68 -6.59 -3.31
N ARG A 274 50.82 -7.85 -2.84
CA ARG A 274 51.36 -8.96 -3.64
C ARG A 274 50.42 -9.39 -4.76
N GLY A 275 49.12 -9.10 -4.61
CA GLY A 275 48.11 -9.47 -5.58
C GLY A 275 47.15 -10.54 -5.09
N VAL A 276 46.78 -10.46 -3.80
CA VAL A 276 45.82 -11.36 -3.16
C VAL A 276 45.02 -10.54 -2.11
N ASN A 277 43.81 -10.11 -2.51
CA ASN A 277 42.87 -9.27 -1.76
C ASN A 277 42.52 -9.82 -0.35
N ALA A 278 43.13 -9.24 0.70
CA ALA A 278 42.95 -9.67 2.09
C ALA A 278 42.48 -8.55 3.05
N LYS A 279 41.37 -8.82 3.79
CA LYS A 279 40.78 -7.90 4.79
C LYS A 279 40.97 -8.40 6.24
N ALA A 280 41.63 -7.56 7.08
CA ALA A 280 41.94 -7.84 8.49
C ALA A 280 40.71 -7.89 9.39
N TYR A 281 40.65 -8.91 10.26
CA TYR A 281 39.54 -9.11 11.18
C TYR A 281 40.05 -9.29 12.62
N HIS A 282 39.66 -8.38 13.54
CA HIS A 282 40.03 -8.43 14.97
C HIS A 282 39.08 -7.62 15.87
N ALA A 283 39.14 -7.87 17.21
CA ALA A 283 38.29 -7.24 18.23
C ALA A 283 38.50 -5.72 18.44
N GLY A 284 39.63 -5.19 17.93
CA GLY A 284 39.96 -3.77 18.02
C GLY A 284 39.07 -2.89 17.16
N LEU A 285 38.58 -3.44 16.02
CA LEU A 285 37.68 -2.79 15.06
C LEU A 285 36.27 -2.62 15.66
N LYS A 286 35.45 -1.71 15.08
CA LYS A 286 34.08 -1.47 15.51
C LYS A 286 33.16 -2.59 15.03
N ALA A 287 32.15 -2.97 15.86
CA ALA A 287 31.17 -4.03 15.56
C ALA A 287 30.45 -3.86 14.21
N SER A 288 30.26 -2.60 13.78
CA SER A 288 29.64 -2.20 12.51
C SER A 288 30.53 -2.68 11.36
N GLU A 289 31.85 -2.51 11.51
CA GLU A 289 32.88 -2.91 10.54
C GLU A 289 33.06 -4.43 10.55
N ARG A 290 32.92 -5.06 11.75
CA ARG A 290 33.05 -6.51 11.95
C ARG A 290 32.12 -7.28 11.00
N THR A 291 30.79 -6.99 11.05
CA THR A 291 29.76 -7.62 10.20
C THR A 291 29.99 -7.28 8.72
N LEU A 292 30.49 -6.05 8.42
CA LEU A 292 30.79 -5.63 7.06
C LEU A 292 31.87 -6.54 6.43
N VAL A 293 33.05 -6.68 7.10
CA VAL A 293 34.17 -7.52 6.66
C VAL A 293 33.72 -8.98 6.50
N GLN A 294 32.89 -9.46 7.46
CA GLN A 294 32.30 -10.80 7.50
C GLN A 294 31.49 -11.05 6.22
N ASN A 295 30.50 -10.17 5.94
CA ASN A 295 29.62 -10.21 4.76
C ASN A 295 30.39 -10.30 3.45
N ASP A 296 31.46 -9.50 3.28
CA ASP A 296 32.28 -9.46 2.07
C ASP A 296 33.09 -10.72 1.81
N TRP A 297 33.58 -11.41 2.88
CA TRP A 297 34.33 -12.66 2.76
C TRP A 297 33.36 -13.79 2.38
N MET A 298 32.14 -13.76 2.96
CA MET A 298 31.06 -14.72 2.73
C MET A 298 30.54 -14.66 1.29
N GLU A 299 30.47 -13.46 0.70
CA GLU A 299 29.96 -13.25 -0.67
C GLU A 299 31.08 -13.28 -1.74
N GLU A 300 32.28 -13.76 -1.38
CA GLU A 300 33.46 -13.93 -2.23
C GLU A 300 33.97 -12.63 -2.90
N LYS A 301 33.58 -11.46 -2.36
CA LYS A 301 34.04 -10.16 -2.83
C LYS A 301 35.52 -10.02 -2.45
N VAL A 302 35.88 -10.58 -1.26
CA VAL A 302 37.24 -10.63 -0.68
C VAL A 302 37.62 -12.13 -0.47
N PRO A 303 38.64 -12.69 -1.18
CA PRO A 303 38.98 -14.13 -1.02
C PRO A 303 39.58 -14.55 0.33
N VAL A 304 40.48 -13.72 0.90
CA VAL A 304 41.18 -14.03 2.14
C VAL A 304 40.75 -13.13 3.30
N ILE A 305 40.62 -13.73 4.50
CA ILE A 305 40.33 -13.06 5.75
C ILE A 305 41.50 -13.40 6.68
N VAL A 306 42.24 -12.37 7.13
CA VAL A 306 43.36 -12.56 8.06
C VAL A 306 42.73 -12.27 9.42
N ALA A 307 42.72 -13.27 10.32
CA ALA A 307 42.05 -13.09 11.60
C ALA A 307 42.81 -13.60 12.82
N THR A 308 42.51 -12.99 13.98
CA THR A 308 43.05 -13.30 15.30
C THR A 308 41.95 -14.00 16.11
N ILE A 309 40.69 -13.75 15.71
CA ILE A 309 39.44 -14.26 16.29
C ILE A 309 38.60 -14.90 15.17
N SER A 310 37.51 -15.59 15.53
CA SER A 310 36.58 -16.19 14.57
C SER A 310 35.24 -15.44 14.58
N PHE A 311 34.30 -15.82 13.67
CA PHE A 311 32.96 -15.22 13.62
C PHE A 311 32.10 -15.74 14.75
N ASP A 316 29.56 -20.76 8.68
CA ASP A 316 30.50 -21.81 8.28
C ASP A 316 30.56 -21.93 6.75
N LYS A 317 31.61 -21.35 6.13
CA LYS A 317 31.83 -21.38 4.69
C LYS A 317 32.27 -22.77 4.22
N ALA A 318 31.66 -23.28 3.14
CA ALA A 318 31.92 -24.64 2.63
C ALA A 318 33.08 -24.77 1.65
N ASN A 319 33.46 -23.68 0.97
CA ASN A 319 34.52 -23.70 -0.04
C ASN A 319 35.85 -23.09 0.43
N VAL A 320 36.26 -23.41 1.69
CA VAL A 320 37.53 -22.96 2.24
C VAL A 320 38.62 -23.88 1.67
N ARG A 321 39.43 -23.36 0.74
CA ARG A 321 40.49 -24.11 0.05
C ARG A 321 41.82 -24.15 0.82
N PHE A 322 41.99 -23.23 1.79
CA PHE A 322 43.19 -23.19 2.63
C PHE A 322 42.93 -22.58 4.00
N VAL A 323 43.69 -23.06 4.98
CA VAL A 323 43.78 -22.51 6.34
C VAL A 323 45.30 -22.45 6.61
N ALA A 324 45.81 -21.24 6.86
CA ALA A 324 47.22 -21.01 7.16
C ALA A 324 47.37 -20.40 8.55
N HIS A 325 48.26 -20.97 9.37
CA HIS A 325 48.52 -20.48 10.71
C HIS A 325 49.87 -19.80 10.65
N TRP A 326 49.84 -18.45 10.67
CA TRP A 326 51.02 -17.58 10.65
C TRP A 326 51.83 -17.78 11.95
N ASN A 327 51.12 -17.93 13.09
CA ASN A 327 51.73 -18.23 14.39
C ASN A 327 51.16 -19.57 14.93
N ILE A 328 51.95 -20.35 15.69
CA ILE A 328 51.52 -21.61 16.33
C ILE A 328 50.26 -21.37 17.17
N ALA A 329 49.26 -22.29 17.15
CA ALA A 329 48.05 -22.12 17.98
C ALA A 329 48.34 -22.44 19.47
N LYS A 330 47.35 -22.19 20.35
CA LYS A 330 47.50 -22.37 21.81
C LYS A 330 47.32 -23.81 22.28
N SER A 331 46.73 -24.70 21.46
CA SER A 331 46.48 -26.10 21.85
C SER A 331 46.32 -26.97 20.62
N MET A 332 46.52 -28.29 20.76
CA MET A 332 46.30 -29.24 19.68
C MET A 332 44.80 -29.24 19.31
N ALA A 333 43.87 -29.21 20.33
CA ALA A 333 42.43 -29.18 20.02
C ALA A 333 42.02 -27.92 19.27
N GLY A 334 42.60 -26.77 19.64
CA GLY A 334 42.37 -25.50 18.95
C GLY A 334 42.88 -25.58 17.52
N TYR A 335 44.11 -26.09 17.31
CA TYR A 335 44.63 -26.27 15.96
C TYR A 335 43.75 -27.21 15.09
N TYR A 336 43.29 -28.35 15.65
CA TYR A 336 42.41 -29.31 14.94
C TYR A 336 41.11 -28.61 14.50
N GLN A 337 40.52 -27.79 15.39
CA GLN A 337 39.27 -27.08 15.13
C GLN A 337 39.44 -25.92 14.09
N GLU A 338 40.49 -25.13 14.20
CA GLU A 338 40.75 -24.02 13.27
C GLU A 338 41.15 -24.49 11.86
N SER A 339 42.06 -25.48 11.75
CA SER A 339 42.42 -26.08 10.45
C SER A 339 41.20 -26.84 9.86
N GLY A 340 40.37 -27.37 10.74
CA GLY A 340 39.14 -28.10 10.39
C GLY A 340 38.08 -27.27 9.69
N ARG A 341 38.26 -25.93 9.66
CA ARG A 341 37.36 -25.02 8.94
C ARG A 341 37.55 -25.16 7.42
N ALA A 342 38.65 -25.78 6.99
CA ALA A 342 38.95 -26.07 5.59
C ALA A 342 38.25 -27.33 5.02
N GLY A 343 37.90 -27.25 3.72
CA GLY A 343 37.33 -28.31 2.91
C GLY A 343 36.11 -29.05 3.40
N ARG A 344 35.10 -28.31 3.87
CA ARG A 344 33.81 -28.85 4.34
C ARG A 344 32.95 -29.42 3.18
N ASP A 345 33.28 -29.03 1.93
CA ASP A 345 32.62 -29.48 0.69
C ASP A 345 33.11 -30.89 0.24
N GLY A 346 34.21 -31.36 0.83
CA GLY A 346 34.79 -32.67 0.52
C GLY A 346 35.89 -32.61 -0.51
N LYS A 347 35.96 -31.49 -1.25
CA LYS A 347 36.98 -31.25 -2.29
C LYS A 347 38.39 -31.06 -1.65
N PRO A 348 39.52 -31.30 -2.37
CA PRO A 348 40.85 -31.14 -1.72
C PRO A 348 41.16 -29.73 -1.19
N SER A 349 41.77 -29.65 0.03
CA SER A 349 42.14 -28.40 0.70
C SER A 349 43.51 -28.49 1.38
N TRP A 350 44.08 -27.32 1.72
CA TRP A 350 45.43 -27.27 2.27
C TRP A 350 45.51 -26.60 3.64
N CYS A 351 46.26 -27.21 4.56
CA CYS A 351 46.43 -26.73 5.93
C CYS A 351 47.89 -26.56 6.28
N ARG A 352 48.35 -25.31 6.45
CA ARG A 352 49.75 -25.03 6.77
C ARG A 352 49.96 -24.31 8.08
N LEU A 353 50.91 -24.81 8.84
CA LEU A 353 51.29 -24.22 10.11
C LEU A 353 52.73 -23.72 9.96
N TYR A 354 52.90 -22.40 10.08
CA TYR A 354 54.19 -21.72 10.02
C TYR A 354 54.70 -21.68 11.46
N TYR A 355 55.80 -22.42 11.70
CA TYR A 355 56.39 -22.60 13.01
C TYR A 355 57.79 -21.98 13.18
N SER A 356 58.03 -21.38 14.36
CA SER A 356 59.34 -20.88 14.79
C SER A 356 59.44 -21.06 16.29
N ARG A 357 60.68 -21.29 16.77
CA ARG A 357 60.96 -21.46 18.19
C ARG A 357 60.70 -20.16 18.99
N ASN A 358 60.89 -18.96 18.37
N ASN A 358 60.89 -18.96 18.37
CA ASN A 358 60.60 -17.69 19.04
CA ASN A 358 60.60 -17.67 19.01
C ASN A 358 59.08 -17.48 19.20
C ASN A 358 59.07 -17.53 19.22
N ASP A 359 58.26 -17.95 18.22
CA ASP A 359 56.79 -17.86 18.30
C ASP A 359 56.30 -18.84 19.36
N ARG A 360 56.93 -20.02 19.44
CA ARG A 360 56.66 -21.03 20.49
C ARG A 360 56.91 -20.41 21.88
N ASP A 361 58.09 -19.75 22.07
CA ASP A 361 58.48 -19.12 23.34
C ASP A 361 57.49 -18.02 23.73
N GLN A 362 57.02 -17.27 22.73
CA GLN A 362 56.01 -16.23 22.91
C GLN A 362 54.62 -16.76 23.39
N VAL A 363 54.09 -17.80 22.72
CA VAL A 363 52.76 -18.38 23.04
C VAL A 363 52.76 -19.07 24.41
N SER A 364 53.82 -19.80 24.70
CA SER A 364 54.09 -20.47 25.96
C SER A 364 54.08 -19.48 27.15
N PHE A 365 54.76 -18.33 26.99
CA PHE A 365 54.87 -17.27 27.97
C PHE A 365 53.49 -16.69 28.28
N LEU A 366 52.71 -16.41 27.21
CA LEU A 366 51.35 -15.88 27.25
C LEU A 366 50.39 -16.80 28.00
N ILE A 367 50.45 -18.14 27.76
CA ILE A 367 49.61 -19.12 28.44
C ILE A 367 49.95 -19.16 29.97
N ARG A 368 51.27 -19.09 30.29
CA ARG A 368 51.72 -19.11 31.68
C ARG A 368 51.24 -17.88 32.45
N LYS A 369 51.19 -16.71 31.85
CA LYS A 369 50.65 -15.53 32.50
C LYS A 369 49.13 -15.68 32.72
N GLU A 370 48.41 -16.12 31.70
CA GLU A 370 46.96 -16.38 31.78
C GLU A 370 46.66 -17.33 32.93
N VAL A 371 47.48 -18.38 33.06
CA VAL A 371 47.33 -19.35 34.16
C VAL A 371 47.57 -18.67 35.53
N ALA A 372 48.61 -17.79 35.65
CA ALA A 372 48.90 -17.11 36.93
C ALA A 372 47.76 -16.14 37.32
N LYS A 373 47.12 -15.49 36.33
CA LYS A 373 45.98 -14.59 36.48
C LYS A 373 44.77 -15.35 37.07
N LEU A 374 44.46 -16.58 36.56
CA LEU A 374 43.39 -17.43 37.08
C LEU A 374 43.73 -17.90 38.50
N GLN A 375 45.01 -18.21 38.74
CA GLN A 375 45.51 -18.62 40.07
C GLN A 375 45.42 -17.47 41.11
N GLU A 376 45.65 -16.21 40.70
CA GLU A 376 45.56 -15.04 41.60
C GLU A 376 44.08 -14.81 41.99
N LYS A 377 43.17 -15.09 41.04
CA LYS A 377 41.72 -14.95 41.17
C LYS A 377 41.07 -16.06 42.04
N ARG A 378 41.39 -17.34 41.78
CA ARG A 378 40.75 -18.45 42.50
C ARG A 378 41.67 -19.55 43.03
N GLY A 379 42.96 -19.28 43.19
CA GLY A 379 43.87 -20.31 43.69
C GLY A 379 44.21 -21.38 42.66
N ASN A 380 44.91 -22.44 43.10
CA ASN A 380 45.38 -23.56 42.26
C ASN A 380 44.30 -24.58 41.95
N LYS A 381 44.29 -25.11 40.69
CA LYS A 381 43.36 -26.14 40.19
C LYS A 381 44.15 -27.10 39.29
N ALA A 382 43.67 -28.37 39.11
CA ALA A 382 44.35 -29.39 38.29
C ALA A 382 44.28 -29.13 36.78
N SER A 383 43.31 -28.29 36.36
CA SER A 383 43.16 -27.83 34.97
C SER A 383 44.37 -26.92 34.55
N ASP A 384 45.16 -26.40 35.54
CA ASP A 384 46.32 -25.51 35.28
C ASP A 384 47.42 -26.21 34.51
N LYS A 385 47.69 -27.48 34.83
CA LYS A 385 48.66 -28.31 34.14
C LYS A 385 48.14 -28.73 32.73
N ALA A 386 46.82 -29.08 32.58
CA ALA A 386 46.20 -29.48 31.31
C ALA A 386 46.45 -28.46 30.18
N THR A 387 46.34 -27.16 30.50
CA THR A 387 46.55 -26.03 29.57
C THR A 387 47.99 -26.01 28.95
N ILE A 388 49.03 -26.30 29.76
CA ILE A 388 50.41 -26.35 29.31
C ILE A 388 50.62 -27.59 28.43
N MET A 389 50.03 -28.73 28.84
CA MET A 389 50.18 -29.98 28.10
C MET A 389 49.45 -29.93 26.77
N ALA A 390 48.34 -29.18 26.70
CA ALA A 390 47.57 -29.04 25.44
C ALA A 390 48.41 -28.27 24.40
N PHE A 391 49.23 -27.30 24.85
CA PHE A 391 50.16 -26.57 23.99
C PHE A 391 51.37 -27.41 23.56
N ASP A 392 52.05 -28.08 24.52
CA ASP A 392 53.22 -28.92 24.28
C ASP A 392 52.92 -30.10 23.32
N ALA A 393 51.66 -30.61 23.27
CA ALA A 393 51.24 -31.59 22.28
C ALA A 393 51.29 -30.98 20.82
N LEU A 394 51.02 -29.66 20.67
CA LEU A 394 51.08 -29.02 19.34
C LEU A 394 52.55 -28.75 18.93
N VAL A 395 53.45 -28.42 19.91
CA VAL A 395 54.87 -28.18 19.67
C VAL A 395 55.48 -29.52 19.18
N THR A 396 55.15 -30.63 19.87
CA THR A 396 55.54 -32.02 19.49
C THR A 396 55.19 -32.29 18.01
N PHE A 397 53.91 -32.03 17.59
CA PHE A 397 53.43 -32.18 16.21
C PHE A 397 54.33 -31.39 15.23
N CYS A 398 54.66 -30.13 15.57
CA CYS A 398 55.52 -29.26 14.76
C CYS A 398 56.97 -29.76 14.65
N GLU A 399 57.52 -30.35 15.72
CA GLU A 399 58.91 -30.83 15.77
C GLU A 399 59.10 -32.32 15.44
N GLU A 400 58.00 -33.05 15.24
CA GLU A 400 57.95 -34.49 14.97
C GLU A 400 58.23 -34.81 13.50
N LEU A 401 58.76 -36.02 13.26
CA LEU A 401 58.94 -36.60 11.93
C LEU A 401 58.00 -37.81 11.93
N GLY A 402 56.91 -37.70 11.18
CA GLY A 402 55.86 -38.70 11.11
C GLY A 402 54.65 -38.14 10.39
N CYS A 403 53.66 -39.01 10.08
CA CYS A 403 52.42 -38.65 9.39
C CYS A 403 51.63 -37.60 10.18
N ARG A 404 51.27 -36.46 9.56
CA ARG A 404 50.49 -35.41 10.23
C ARG A 404 49.11 -35.94 10.70
N HIS A 405 48.48 -36.85 9.92
CA HIS A 405 47.18 -37.44 10.28
C HIS A 405 47.30 -38.49 11.39
N ALA A 406 48.43 -39.19 11.44
CA ALA A 406 48.62 -40.18 12.52
C ALA A 406 48.88 -39.50 13.87
N ALA A 407 49.48 -38.31 13.87
CA ALA A 407 49.74 -37.55 15.10
C ALA A 407 48.39 -37.05 15.72
N ILE A 408 47.44 -36.60 14.84
CA ILE A 408 46.11 -36.14 15.25
C ILE A 408 45.30 -37.32 15.78
N ALA A 409 45.32 -38.47 15.06
CA ALA A 409 44.62 -39.68 15.43
C ALA A 409 45.07 -40.18 16.80
N LYS A 410 46.40 -40.18 17.07
CA LYS A 410 46.97 -40.64 18.32
C LYS A 410 46.49 -39.73 19.47
N TYR A 411 46.53 -38.40 19.28
CA TYR A 411 46.07 -37.43 20.28
C TYR A 411 44.58 -37.69 20.68
N PHE A 412 43.72 -38.06 19.68
CA PHE A 412 42.28 -38.29 19.88
C PHE A 412 41.87 -39.78 20.03
N GLY A 413 42.80 -40.63 20.44
CA GLY A 413 42.55 -42.07 20.64
C GLY A 413 41.93 -42.84 19.48
N ASP A 414 42.29 -42.45 18.24
CA ASP A 414 41.79 -43.09 17.01
C ASP A 414 42.79 -44.12 16.49
N ALA A 415 42.35 -45.03 15.63
CA ALA A 415 43.27 -46.01 15.03
C ALA A 415 44.07 -45.31 13.91
N LEU A 416 45.20 -45.90 13.49
CA LEU A 416 46.07 -45.35 12.43
C LEU A 416 45.24 -45.03 11.16
N PRO A 417 45.31 -43.78 10.64
CA PRO A 417 44.52 -43.46 9.44
C PRO A 417 45.23 -43.81 8.12
N ALA A 418 44.43 -44.01 7.06
CA ALA A 418 44.95 -44.31 5.72
C ALA A 418 45.37 -43.02 5.00
N CYS A 419 46.59 -42.53 5.30
CA CYS A 419 47.10 -41.34 4.64
C CYS A 419 47.69 -41.79 3.30
N ALA A 420 46.99 -41.46 2.22
CA ALA A 420 47.40 -41.80 0.87
C ALA A 420 48.16 -40.59 0.32
N LYS A 421 49.41 -40.37 0.83
CA LYS A 421 50.26 -39.20 0.52
C LYS A 421 49.47 -37.87 0.75
N GLY A 422 48.75 -37.83 1.89
CA GLY A 422 47.89 -36.71 2.30
C GLY A 422 48.53 -35.73 3.26
N CYS A 423 49.86 -35.83 3.46
CA CYS A 423 50.63 -34.90 4.29
C CYS A 423 52.08 -34.78 3.79
N ASP A 424 52.79 -33.69 4.18
CA ASP A 424 54.17 -33.40 3.75
C ASP A 424 55.14 -34.56 3.98
N HIS A 425 55.02 -35.22 5.14
CA HIS A 425 55.83 -36.36 5.52
C HIS A 425 55.53 -37.53 4.61
N CYS A 426 54.25 -37.76 4.27
CA CYS A 426 53.92 -38.90 3.44
C CYS A 426 54.23 -38.63 1.95
N GLN A 427 54.08 -37.36 1.49
CA GLN A 427 54.34 -36.92 0.12
C GLN A 427 55.83 -37.10 -0.25
N ASN A 428 56.74 -36.71 0.66
CA ASN A 428 58.20 -36.84 0.56
C ASN A 428 58.83 -36.76 1.97
N PRO A 429 59.14 -37.91 2.61
CA PRO A 429 59.74 -37.88 3.96
C PRO A 429 61.12 -37.24 4.05
N THR A 430 61.87 -37.24 2.92
CA THR A 430 63.21 -36.68 2.84
C THR A 430 63.18 -35.16 2.94
N ALA A 431 62.22 -34.51 2.26
CA ALA A 431 62.02 -33.07 2.22
C ALA A 431 61.75 -32.48 3.62
N VAL A 432 60.91 -33.16 4.43
CA VAL A 432 60.56 -32.78 5.81
C VAL A 432 61.81 -32.93 6.68
N ARG A 433 62.56 -34.05 6.50
CA ARG A 433 63.79 -34.35 7.20
C ARG A 433 64.88 -33.26 6.97
N ARG A 434 65.05 -32.79 5.71
CA ARG A 434 66.06 -31.76 5.38
C ARG A 434 65.73 -30.41 6.04
N ARG A 435 64.44 -30.01 6.02
CA ARG A 435 63.97 -28.78 6.65
C ARG A 435 64.16 -28.86 8.18
N LEU A 436 63.92 -30.05 8.78
CA LEU A 436 64.08 -30.27 10.21
C LEU A 436 65.54 -30.24 10.65
N GLU A 437 66.46 -30.80 9.83
CA GLU A 437 67.90 -30.83 10.10
C GLU A 437 68.48 -29.42 10.14
N ALA A 438 68.08 -28.57 9.19
CA ALA A 438 68.46 -27.16 9.10
C ALA A 438 67.99 -26.39 10.36
N LEU A 439 66.82 -26.76 10.93
CA LEU A 439 66.27 -26.17 12.15
C LEU A 439 67.12 -26.60 13.38
N GLU A 440 67.41 -27.91 13.51
CA GLU A 440 68.19 -28.45 14.64
C GLU A 440 69.65 -27.96 14.67
N ARG A 441 70.24 -27.72 13.48
CA ARG A 441 71.63 -27.27 13.35
C ARG A 441 71.80 -25.79 13.69
N SER A 442 70.81 -24.93 13.33
CA SER A 442 70.80 -23.48 13.54
C SER A 442 71.01 -23.04 15.00
N SER A 443 70.71 -23.93 15.97
CA SER A 443 70.85 -23.70 17.41
C SER A 443 72.33 -23.53 17.82
N SER A 444 73.25 -24.30 17.20
CA SER A 444 74.69 -24.27 17.46
C SER A 444 75.33 -22.93 17.04
N ASP B 3 24.66 -20.33 -5.92
CA ASP B 3 23.77 -19.18 -6.01
C ASP B 3 24.13 -18.29 -7.22
N PRO B 4 23.15 -18.00 -8.11
CA PRO B 4 23.45 -17.20 -9.31
C PRO B 4 23.92 -15.77 -9.04
N GLU B 5 23.37 -15.09 -8.00
CA GLU B 5 23.73 -13.71 -7.62
C GLU B 5 25.24 -13.57 -7.41
N ARG B 6 25.85 -14.55 -6.70
CA ARG B 6 27.28 -14.65 -6.42
C ARG B 6 28.08 -14.87 -7.70
N ARG B 7 27.60 -15.79 -8.59
CA ARG B 7 28.20 -16.10 -9.90
C ARG B 7 28.23 -14.86 -10.81
N VAL B 8 27.14 -14.06 -10.77
CA VAL B 8 26.93 -12.86 -11.59
C VAL B 8 27.90 -11.73 -11.20
N ARG B 9 27.87 -11.31 -9.92
CA ARG B 9 28.71 -10.23 -9.40
C ARG B 9 30.22 -10.51 -9.59
N SER B 10 30.61 -11.80 -9.60
CA SER B 10 31.99 -12.25 -9.84
C SER B 10 32.43 -11.98 -11.27
N THR B 11 31.58 -12.35 -12.27
CA THR B 11 31.82 -12.13 -13.69
C THR B 11 31.77 -10.62 -13.97
N LEU B 12 30.82 -9.92 -13.31
CA LEU B 12 30.62 -8.48 -13.43
C LEU B 12 31.91 -7.73 -13.12
N LYS B 13 32.67 -8.22 -12.10
CA LYS B 13 33.94 -7.62 -11.70
C LYS B 13 35.12 -8.15 -12.49
N LYS B 14 35.36 -9.48 -12.47
CA LYS B 14 36.50 -10.09 -13.16
C LYS B 14 36.57 -9.79 -14.66
N VAL B 15 35.42 -9.87 -15.35
CA VAL B 15 35.40 -9.68 -16.80
C VAL B 15 35.19 -8.22 -17.20
N PHE B 16 34.07 -7.61 -16.74
CA PHE B 16 33.60 -6.28 -17.11
C PHE B 16 34.15 -5.13 -16.28
N GLY B 17 34.71 -5.44 -15.11
CA GLY B 17 35.32 -4.47 -14.21
C GLY B 17 34.34 -3.52 -13.55
N PHE B 18 33.17 -4.03 -13.15
CA PHE B 18 32.11 -3.23 -12.50
C PHE B 18 31.78 -3.75 -11.11
N ASP B 19 31.66 -2.83 -10.16
CA ASP B 19 31.37 -3.10 -8.75
C ASP B 19 29.88 -2.99 -8.45
N SER B 20 29.09 -2.55 -9.45
CA SER B 20 27.63 -2.41 -9.36
C SER B 20 26.98 -2.43 -10.75
N PHE B 21 25.68 -2.73 -10.79
CA PHE B 21 24.86 -2.67 -12.02
C PHE B 21 24.51 -1.19 -12.20
N LYS B 22 24.34 -0.73 -13.46
CA LYS B 22 24.00 0.67 -13.74
C LYS B 22 22.72 1.10 -13.01
N THR B 23 21.66 0.23 -13.03
CA THR B 23 20.36 0.44 -12.37
C THR B 23 19.85 -0.91 -11.88
N PRO B 24 18.82 -0.94 -10.99
CA PRO B 24 18.26 -2.24 -10.58
C PRO B 24 17.46 -2.91 -11.72
N LEU B 25 17.04 -2.12 -12.74
CA LEU B 25 16.31 -2.66 -13.91
C LEU B 25 17.31 -3.44 -14.78
N GLN B 26 18.57 -2.95 -14.90
CA GLN B 26 19.63 -3.66 -15.66
C GLN B 26 19.94 -4.98 -14.95
N GLU B 27 19.93 -4.94 -13.60
CA GLU B 27 20.17 -6.08 -12.73
C GLU B 27 19.11 -7.15 -12.94
N SER B 28 17.82 -6.81 -12.74
CA SER B 28 16.64 -7.67 -12.93
C SER B 28 16.56 -8.28 -14.34
N ALA B 29 16.90 -7.50 -15.39
CA ALA B 29 16.90 -7.99 -16.77
C ALA B 29 17.95 -9.07 -16.93
N THR B 30 19.19 -8.80 -16.43
CA THR B 30 20.35 -9.70 -16.47
C THR B 30 20.01 -11.02 -15.74
N MET B 31 19.41 -10.94 -14.54
CA MET B 31 19.03 -12.11 -13.73
C MET B 31 18.00 -13.01 -14.43
N ALA B 32 17.08 -12.42 -15.22
CA ALA B 32 16.02 -13.15 -15.95
C ALA B 32 16.59 -13.90 -17.15
N VAL B 33 17.64 -13.33 -17.80
CA VAL B 33 18.34 -13.98 -18.92
C VAL B 33 19.16 -15.18 -18.33
N VAL B 34 19.83 -14.96 -17.18
CA VAL B 34 20.61 -16.00 -16.48
C VAL B 34 19.71 -17.24 -16.24
N LYS B 35 18.50 -17.04 -15.69
CA LYS B 35 17.53 -18.11 -15.44
C LYS B 35 17.29 -19.04 -16.66
N GLY B 36 17.20 -18.45 -17.86
CA GLY B 36 17.02 -19.17 -19.12
C GLY B 36 15.68 -19.87 -19.32
N ASN B 37 14.66 -19.50 -18.53
CA ASN B 37 13.32 -20.11 -18.55
C ASN B 37 12.27 -19.44 -19.46
N LYS B 38 12.44 -18.12 -19.73
CA LYS B 38 11.51 -17.31 -20.52
C LYS B 38 12.19 -16.54 -21.62
N ASP B 39 11.38 -16.07 -22.60
CA ASP B 39 11.79 -15.15 -23.65
C ASP B 39 11.82 -13.75 -23.00
N VAL B 40 12.87 -12.94 -23.27
CA VAL B 40 13.06 -11.63 -22.59
C VAL B 40 13.02 -10.46 -23.58
N PHE B 41 12.32 -9.35 -23.18
CA PHE B 41 12.27 -8.09 -23.94
C PHE B 41 12.87 -6.95 -23.10
N VAL B 42 13.93 -6.33 -23.60
CA VAL B 42 14.61 -5.23 -22.90
C VAL B 42 14.40 -3.94 -23.67
N CYS B 43 13.71 -2.99 -23.06
CA CYS B 43 13.46 -1.67 -23.65
C CYS B 43 14.04 -0.59 -22.73
N MET B 44 15.29 -0.14 -23.00
CA MET B 44 15.96 0.87 -22.18
C MET B 44 16.65 1.90 -23.10
N PRO B 45 16.81 3.19 -22.70
CA PRO B 45 17.48 4.16 -23.60
C PRO B 45 18.89 3.78 -24.08
N THR B 46 19.33 4.38 -25.18
CA THR B 46 20.69 4.26 -25.70
C THR B 46 21.63 4.73 -24.56
N GLY B 47 22.68 3.96 -24.31
CA GLY B 47 23.64 4.24 -23.24
C GLY B 47 23.24 3.69 -21.89
N ALA B 48 22.06 3.03 -21.79
CA ALA B 48 21.64 2.43 -20.52
C ALA B 48 22.34 1.11 -20.19
N GLY B 49 23.16 0.59 -21.11
CA GLY B 49 23.90 -0.66 -20.88
C GLY B 49 23.11 -1.91 -21.20
N LYS B 50 22.43 -1.92 -22.34
CA LYS B 50 21.65 -3.09 -22.77
C LYS B 50 22.53 -4.28 -23.14
N SER B 51 23.75 -4.04 -23.71
CA SER B 51 24.69 -5.12 -24.11
C SER B 51 25.04 -6.13 -22.98
N LEU B 52 25.31 -5.62 -21.76
CA LEU B 52 25.65 -6.43 -20.56
C LEU B 52 24.58 -7.50 -20.22
N CYS B 53 23.28 -7.18 -20.39
CA CYS B 53 22.12 -8.05 -20.15
C CYS B 53 22.18 -9.37 -20.93
N TYR B 54 22.94 -9.42 -22.03
CA TYR B 54 23.12 -10.64 -22.81
C TYR B 54 24.58 -11.08 -22.79
N GLN B 55 25.54 -10.13 -22.83
CA GLN B 55 26.97 -10.47 -22.81
C GLN B 55 27.41 -11.21 -21.52
N LEU B 56 26.91 -10.77 -20.34
CA LEU B 56 27.24 -11.42 -19.04
C LEU B 56 26.66 -12.85 -18.97
N PRO B 57 25.31 -13.08 -19.15
CA PRO B 57 24.79 -14.45 -19.12
C PRO B 57 25.39 -15.43 -20.13
N ALA B 58 25.80 -14.93 -21.32
CA ALA B 58 26.46 -15.78 -22.34
C ALA B 58 27.69 -16.52 -21.76
N LEU B 59 28.49 -15.82 -20.95
CA LEU B 59 29.71 -16.36 -20.32
C LEU B 59 29.44 -17.35 -19.17
N LEU B 60 28.25 -17.30 -18.53
CA LEU B 60 27.87 -18.21 -17.44
C LEU B 60 27.11 -19.44 -17.96
N ALA B 61 27.00 -19.55 -19.28
CA ALA B 61 26.29 -20.63 -19.97
C ALA B 61 27.27 -21.65 -20.53
N LYS B 62 26.77 -22.86 -20.76
CA LYS B 62 27.55 -24.01 -21.26
C LYS B 62 27.60 -24.13 -22.79
N GLY B 63 27.11 -23.10 -23.50
CA GLY B 63 27.13 -23.10 -24.96
C GLY B 63 27.60 -21.83 -25.63
N ILE B 64 27.14 -21.62 -26.86
CA ILE B 64 27.43 -20.47 -27.69
C ILE B 64 26.15 -19.61 -27.71
N THR B 65 26.35 -18.29 -27.66
CA THR B 65 25.28 -17.30 -27.77
C THR B 65 25.41 -16.68 -29.15
N ILE B 66 24.34 -16.79 -29.95
CA ILE B 66 24.27 -16.22 -31.27
C ILE B 66 23.63 -14.86 -31.13
N VAL B 67 24.31 -13.80 -31.59
CA VAL B 67 23.82 -12.42 -31.50
C VAL B 67 23.68 -11.85 -32.88
N VAL B 68 22.41 -11.53 -33.27
CA VAL B 68 22.05 -10.93 -34.54
C VAL B 68 22.08 -9.40 -34.34
N SER B 69 22.81 -8.72 -35.24
CA SER B 69 23.01 -7.27 -35.29
C SER B 69 22.83 -6.81 -36.76
N PRO B 70 22.37 -5.58 -37.04
CA PRO B 70 22.06 -5.23 -38.43
C PRO B 70 23.20 -4.76 -39.34
N LEU B 71 24.28 -4.21 -38.78
CA LEU B 71 25.40 -3.71 -39.59
C LEU B 71 26.77 -4.18 -39.10
N ILE B 72 27.69 -4.43 -40.06
CA ILE B 72 29.08 -4.90 -39.83
C ILE B 72 29.87 -3.91 -38.95
N ALA B 73 29.75 -2.60 -39.23
CA ALA B 73 30.44 -1.52 -38.49
C ALA B 73 30.10 -1.58 -36.99
N LEU B 74 28.79 -1.77 -36.68
CA LEU B 74 28.24 -1.90 -35.32
C LEU B 74 28.79 -3.19 -34.67
N ILE B 75 28.75 -4.34 -35.41
CA ILE B 75 29.28 -5.64 -34.98
C ILE B 75 30.75 -5.48 -34.54
N GLN B 76 31.57 -4.81 -35.39
CA GLN B 76 33.01 -4.57 -35.18
C GLN B 76 33.31 -3.85 -33.88
N ASP B 77 32.52 -2.80 -33.55
CA ASP B 77 32.66 -2.04 -32.30
C ASP B 77 32.45 -2.96 -31.09
N GLN B 78 31.46 -3.88 -31.18
CA GLN B 78 31.13 -4.85 -30.14
C GLN B 78 32.23 -5.90 -30.00
N VAL B 79 32.76 -6.41 -31.14
CA VAL B 79 33.82 -7.40 -31.19
C VAL B 79 35.10 -6.81 -30.57
N ASP B 80 35.45 -5.61 -30.98
CA ASP B 80 36.60 -4.91 -30.47
C ASP B 80 36.47 -4.65 -28.98
N HIS B 81 35.29 -4.28 -28.50
CA HIS B 81 35.12 -4.05 -27.08
C HIS B 81 35.33 -5.28 -26.26
N LEU B 82 34.72 -6.38 -26.68
CA LEU B 82 34.87 -7.64 -25.98
C LEU B 82 36.29 -8.19 -26.06
N LEU B 83 36.92 -8.03 -27.21
CA LEU B 83 38.28 -8.53 -27.41
C LEU B 83 39.27 -7.93 -26.40
N THR B 84 39.12 -6.61 -26.09
CA THR B 84 39.96 -5.91 -25.10
C THR B 84 39.74 -6.49 -23.69
N LEU B 85 38.56 -7.08 -23.44
CA LEU B 85 38.20 -7.72 -22.17
C LEU B 85 38.65 -9.20 -22.12
N LYS B 86 39.26 -9.69 -23.23
CA LYS B 86 39.74 -11.07 -23.41
C LYS B 86 38.59 -12.12 -23.39
N VAL B 87 37.44 -11.73 -23.97
CA VAL B 87 36.24 -12.55 -24.13
C VAL B 87 36.37 -13.27 -25.46
N ARG B 88 36.01 -14.56 -25.50
CA ARG B 88 36.07 -15.34 -26.72
C ARG B 88 34.87 -15.01 -27.65
N VAL B 89 35.06 -13.94 -28.45
CA VAL B 89 34.10 -13.36 -29.40
C VAL B 89 34.58 -13.53 -30.85
N SER B 90 33.64 -13.76 -31.79
CA SER B 90 33.92 -13.87 -33.22
C SER B 90 32.75 -13.37 -34.07
N SER B 91 32.99 -13.15 -35.37
CA SER B 91 31.98 -12.65 -36.29
C SER B 91 31.79 -13.51 -37.53
N LEU B 92 30.68 -13.25 -38.26
CA LEU B 92 30.27 -13.93 -39.49
C LEU B 92 29.42 -12.92 -40.30
N ASN B 93 29.98 -12.43 -41.42
CA ASN B 93 29.30 -11.43 -42.27
C ASN B 93 29.63 -11.60 -43.76
N SER B 94 28.85 -10.93 -44.65
CA SER B 94 29.04 -10.97 -46.11
C SER B 94 30.39 -10.42 -46.60
N LYS B 95 31.01 -9.49 -45.83
CA LYS B 95 32.30 -8.88 -46.15
C LYS B 95 33.52 -9.71 -45.67
N LEU B 96 33.28 -10.73 -44.81
CA LEU B 96 34.33 -11.62 -44.29
C LEU B 96 34.82 -12.55 -45.41
N SER B 97 36.14 -12.80 -45.44
CA SER B 97 36.80 -13.64 -46.46
C SER B 97 36.30 -15.10 -46.47
N ALA B 98 36.27 -15.72 -47.68
CA ALA B 98 35.83 -17.10 -47.90
C ALA B 98 36.78 -18.13 -47.24
N GLN B 99 38.09 -17.81 -47.17
CA GLN B 99 39.12 -18.64 -46.57
C GLN B 99 39.01 -18.57 -45.04
N GLU B 100 38.74 -17.36 -44.49
CA GLU B 100 38.58 -17.09 -43.06
C GLU B 100 37.35 -17.77 -42.46
N ARG B 101 36.28 -17.97 -43.29
CA ARG B 101 35.01 -18.60 -42.92
C ARG B 101 35.20 -20.02 -42.38
N LYS B 102 35.87 -20.89 -43.17
CA LYS B 102 36.15 -22.29 -42.82
C LYS B 102 37.07 -22.43 -41.58
N GLU B 103 37.86 -21.38 -41.26
CA GLU B 103 38.77 -21.37 -40.11
C GLU B 103 37.98 -21.35 -38.79
N LEU B 104 36.90 -20.54 -38.74
CA LEU B 104 36.01 -20.43 -37.57
C LEU B 104 34.96 -21.55 -37.58
N LEU B 105 34.45 -21.92 -38.79
CA LEU B 105 33.47 -23.00 -38.99
C LEU B 105 34.03 -24.35 -38.50
N ALA B 106 35.38 -24.44 -38.40
CA ALA B 106 36.11 -25.60 -37.88
C ALA B 106 35.89 -25.68 -36.37
N ASP B 107 36.12 -24.54 -35.67
CA ASP B 107 35.93 -24.38 -34.22
C ASP B 107 34.48 -24.64 -33.81
N LEU B 108 33.51 -24.22 -34.66
CA LEU B 108 32.07 -24.41 -34.43
C LEU B 108 31.62 -25.88 -34.56
N GLU B 109 32.09 -26.59 -35.62
CA GLU B 109 31.79 -28.01 -35.88
C GLU B 109 32.47 -28.93 -34.86
N ARG B 110 33.53 -28.41 -34.20
CA ARG B 110 34.32 -29.07 -33.17
C ARG B 110 33.53 -29.13 -31.85
N GLU B 111 33.66 -30.25 -31.11
CA GLU B 111 33.03 -30.46 -29.80
C GLU B 111 33.74 -29.59 -28.77
N LYS B 112 32.96 -28.86 -27.94
CA LYS B 112 33.43 -27.88 -26.94
C LYS B 112 34.27 -26.75 -27.61
N PRO B 113 33.60 -25.81 -28.36
CA PRO B 113 34.34 -24.77 -29.08
C PRO B 113 34.86 -23.62 -28.21
N GLN B 114 35.81 -22.85 -28.78
CA GLN B 114 36.42 -21.68 -28.15
C GLN B 114 35.41 -20.54 -28.08
N THR B 115 34.79 -20.20 -29.25
CA THR B 115 33.77 -19.15 -29.41
C THR B 115 32.68 -19.30 -28.36
N LYS B 116 32.40 -18.18 -27.67
CA LYS B 116 31.39 -18.06 -26.62
C LYS B 116 30.28 -17.13 -27.10
N ILE B 117 30.64 -16.10 -27.89
CA ILE B 117 29.70 -15.13 -28.44
C ILE B 117 29.98 -14.94 -29.93
N LEU B 118 29.00 -15.32 -30.79
CA LEU B 118 29.13 -15.14 -32.22
C LEU B 118 28.14 -14.10 -32.71
N TYR B 119 28.68 -12.97 -33.22
CA TYR B 119 27.93 -11.88 -33.80
C TYR B 119 27.71 -12.17 -35.28
N ILE B 120 26.45 -12.04 -35.74
CA ILE B 120 26.04 -12.36 -37.10
C ILE B 120 25.05 -11.34 -37.66
N THR B 121 25.06 -11.12 -38.99
CA THR B 121 24.08 -10.22 -39.65
C THR B 121 22.79 -11.04 -39.90
N PRO B 122 21.59 -10.42 -40.12
CA PRO B 122 20.38 -11.23 -40.37
C PRO B 122 20.41 -12.08 -41.67
N GLU B 123 20.98 -11.55 -42.77
CA GLU B 123 21.06 -12.31 -44.04
C GLU B 123 21.97 -13.57 -43.92
N MET B 124 23.02 -13.52 -43.07
N MET B 124 23.01 -13.51 -43.06
CA MET B 124 23.93 -14.64 -42.82
CA MET B 124 23.92 -14.63 -42.80
C MET B 124 23.25 -15.68 -41.91
C MET B 124 23.27 -15.67 -41.89
N ALA B 125 22.45 -15.21 -40.92
CA ALA B 125 21.72 -16.07 -39.97
C ALA B 125 20.67 -16.98 -40.66
N ALA B 126 19.98 -16.46 -41.70
CA ALA B 126 18.93 -17.19 -42.42
C ALA B 126 19.37 -17.78 -43.79
N SER B 127 20.68 -17.68 -44.13
CA SER B 127 21.25 -18.23 -45.37
C SER B 127 21.43 -19.73 -45.24
N SER B 128 21.11 -20.48 -46.32
CA SER B 128 21.21 -21.94 -46.43
C SER B 128 22.63 -22.46 -46.15
N SER B 129 23.65 -21.70 -46.58
CA SER B 129 25.07 -21.99 -46.40
C SER B 129 25.53 -22.00 -44.92
N PHE B 130 24.70 -21.49 -43.99
CA PHE B 130 24.98 -21.46 -42.55
C PHE B 130 24.11 -22.45 -41.76
N GLN B 131 22.99 -22.92 -42.37
CA GLN B 131 22.04 -23.86 -41.75
C GLN B 131 22.64 -25.21 -41.23
N PRO B 132 23.59 -25.91 -41.91
CA PRO B 132 24.12 -27.16 -41.31
C PRO B 132 24.94 -26.94 -40.04
N THR B 133 25.69 -25.80 -39.95
CA THR B 133 26.47 -25.37 -38.78
C THR B 133 25.50 -25.16 -37.62
N LEU B 134 24.40 -24.43 -37.89
CA LEU B 134 23.34 -24.11 -36.96
C LEU B 134 22.63 -25.38 -36.47
N ASN B 135 22.31 -26.31 -37.39
CA ASN B 135 21.67 -27.59 -37.05
C ASN B 135 22.58 -28.50 -36.20
N SER B 136 23.90 -28.45 -36.47
CA SER B 136 24.95 -29.20 -35.76
C SER B 136 25.03 -28.79 -34.28
N LEU B 137 25.04 -27.46 -34.02
CA LEU B 137 25.10 -26.88 -32.67
C LEU B 137 23.90 -27.28 -31.82
N VAL B 138 22.69 -27.33 -32.41
CA VAL B 138 21.47 -27.73 -31.71
C VAL B 138 21.52 -29.21 -31.30
N SER B 139 21.93 -30.09 -32.25
CA SER B 139 22.06 -31.54 -32.09
C SER B 139 22.91 -31.93 -30.87
N ARG B 140 24.02 -31.18 -30.64
CA ARG B 140 24.96 -31.38 -29.55
C ARG B 140 24.59 -30.58 -28.29
N HIS B 141 23.45 -29.83 -28.32
CA HIS B 141 22.93 -28.96 -27.25
C HIS B 141 23.95 -27.85 -26.90
N LEU B 142 24.56 -27.27 -27.94
CA LEU B 142 25.59 -26.25 -27.86
C LEU B 142 25.05 -24.81 -28.02
N LEU B 143 23.76 -24.65 -28.31
CA LEU B 143 23.15 -23.32 -28.42
C LEU B 143 22.51 -22.98 -27.09
N SER B 144 22.96 -21.87 -26.48
CA SER B 144 22.46 -21.42 -25.18
C SER B 144 21.39 -20.32 -25.27
N TYR B 145 21.58 -19.33 -26.18
CA TYR B 145 20.66 -18.21 -26.38
C TYR B 145 20.68 -17.71 -27.81
N LEU B 146 19.54 -17.23 -28.27
CA LEU B 146 19.45 -16.49 -29.54
C LEU B 146 19.23 -15.04 -29.10
N VAL B 147 20.08 -14.13 -29.51
CA VAL B 147 19.93 -12.70 -29.13
C VAL B 147 19.60 -11.87 -30.35
N VAL B 148 18.54 -11.04 -30.29
CA VAL B 148 18.19 -10.14 -31.41
C VAL B 148 18.35 -8.67 -30.92
N ASP B 149 19.47 -8.05 -31.32
CA ASP B 149 19.78 -6.68 -30.95
C ASP B 149 19.18 -5.75 -32.00
N GLU B 150 18.81 -4.51 -31.61
CA GLU B 150 18.16 -3.51 -32.48
C GLU B 150 16.86 -4.12 -33.04
N ALA B 151 16.07 -4.75 -32.15
CA ALA B 151 14.86 -5.50 -32.52
C ALA B 151 13.76 -4.67 -33.22
N HIS B 152 13.78 -3.31 -33.06
CA HIS B 152 12.84 -2.40 -33.72
C HIS B 152 12.93 -2.48 -35.25
N CYS B 153 14.04 -3.04 -35.81
CA CYS B 153 14.29 -3.24 -37.23
C CYS B 153 13.29 -4.17 -37.92
N VAL B 154 12.42 -4.88 -37.15
CA VAL B 154 11.36 -5.74 -37.71
C VAL B 154 10.18 -4.86 -38.17
N SER B 155 10.10 -3.62 -37.60
CA SER B 155 8.97 -2.70 -37.69
C SER B 155 9.02 -1.61 -38.75
N GLN B 156 7.87 -1.41 -39.38
CA GLN B 156 7.63 -0.33 -40.36
C GLN B 156 7.44 0.98 -39.59
N TRP B 157 6.92 0.87 -38.34
CA TRP B 157 6.66 2.02 -37.45
C TRP B 157 7.89 2.43 -36.61
N GLY B 158 9.05 1.80 -36.88
CA GLY B 158 10.27 2.07 -36.12
C GLY B 158 11.33 2.93 -36.79
N HIS B 159 11.06 3.39 -38.02
CA HIS B 159 11.94 4.23 -38.85
C HIS B 159 13.33 3.57 -39.16
N ASP B 160 13.39 2.22 -39.15
CA ASP B 160 14.61 1.46 -39.50
C ASP B 160 14.26 0.02 -39.97
N PHE B 161 13.10 -0.13 -40.66
CA PHE B 161 12.63 -1.42 -41.16
C PHE B 161 13.62 -2.14 -42.10
N ARG B 162 13.90 -3.41 -41.80
CA ARG B 162 14.76 -4.26 -42.61
C ARG B 162 13.99 -5.55 -42.87
N PRO B 163 13.68 -5.86 -44.15
CA PRO B 163 12.93 -7.11 -44.45
C PRO B 163 13.57 -8.38 -43.88
N ASP B 164 14.92 -8.39 -43.77
CA ASP B 164 15.74 -9.49 -43.25
C ASP B 164 15.39 -9.89 -41.82
N TYR B 165 14.85 -8.96 -41.02
CA TYR B 165 14.46 -9.19 -39.63
C TYR B 165 13.19 -10.02 -39.56
N LEU B 166 12.36 -9.98 -40.63
CA LEU B 166 11.14 -10.76 -40.73
C LEU B 166 11.41 -12.26 -40.94
N ARG B 167 12.68 -12.65 -41.27
CA ARG B 167 13.17 -14.04 -41.43
C ARG B 167 13.55 -14.65 -40.07
N LEU B 168 13.84 -13.78 -39.08
CA LEU B 168 14.35 -14.20 -37.77
C LEU B 168 13.37 -14.99 -36.91
N GLY B 169 12.07 -14.82 -37.12
CA GLY B 169 11.04 -15.52 -36.36
C GLY B 169 11.05 -17.03 -36.55
N ALA B 170 11.15 -17.49 -37.80
CA ALA B 170 11.20 -18.92 -38.17
C ALA B 170 12.48 -19.54 -37.58
N LEU B 171 13.61 -18.82 -37.72
CA LEU B 171 14.90 -19.20 -37.17
C LEU B 171 14.73 -19.45 -35.66
N ARG B 172 14.01 -18.54 -34.98
CA ARG B 172 13.67 -18.55 -33.57
C ARG B 172 12.84 -19.78 -33.18
N SER B 173 11.79 -20.09 -33.97
CA SER B 173 10.90 -21.22 -33.71
C SER B 173 11.64 -22.56 -33.76
N ARG B 174 12.60 -22.69 -34.71
CA ARG B 174 13.46 -23.87 -34.90
C ARG B 174 14.37 -24.09 -33.68
N LEU B 175 14.81 -22.99 -33.01
CA LEU B 175 15.66 -23.03 -31.82
C LEU B 175 14.83 -22.81 -30.53
N GLY B 176 13.59 -23.34 -30.55
CA GLY B 176 12.60 -23.24 -29.46
C GLY B 176 13.05 -23.64 -28.07
N HIS B 177 14.02 -24.56 -27.99
CA HIS B 177 14.62 -25.05 -26.74
C HIS B 177 15.36 -23.91 -26.00
N ALA B 178 16.10 -23.06 -26.76
CA ALA B 178 16.90 -21.94 -26.25
C ALA B 178 16.09 -20.64 -26.17
N PRO B 179 16.19 -19.87 -25.07
CA PRO B 179 15.44 -18.59 -24.99
C PRO B 179 15.95 -17.51 -25.94
N CYS B 180 15.07 -16.57 -26.29
CA CYS B 180 15.38 -15.45 -27.16
C CYS B 180 15.35 -14.19 -26.31
N VAL B 181 16.38 -13.34 -26.46
CA VAL B 181 16.44 -12.04 -25.80
C VAL B 181 16.32 -10.99 -26.93
N ALA B 182 15.34 -10.06 -26.83
CA ALA B 182 15.15 -9.01 -27.86
C ALA B 182 15.32 -7.64 -27.18
N LEU B 183 16.23 -6.80 -27.72
CA LEU B 183 16.61 -5.51 -27.12
C LEU B 183 16.49 -4.30 -28.06
N THR B 184 15.98 -3.15 -27.53
CA THR B 184 15.81 -1.90 -28.30
C THR B 184 15.62 -0.69 -27.36
N ALA B 185 15.84 0.53 -27.90
CA ALA B 185 15.56 1.79 -27.19
C ALA B 185 14.18 2.34 -27.60
N THR B 186 13.63 1.89 -28.76
CA THR B 186 12.32 2.32 -29.29
C THR B 186 11.21 1.78 -28.34
N ALA B 187 10.45 2.71 -27.71
CA ALA B 187 9.51 2.46 -26.63
C ALA B 187 8.00 2.47 -26.97
N THR B 188 7.64 2.62 -28.26
CA THR B 188 6.23 2.65 -28.66
C THR B 188 5.54 1.26 -28.64
N PRO B 189 4.26 1.20 -28.18
CA PRO B 189 3.54 -0.09 -28.12
C PRO B 189 3.40 -0.84 -29.45
N GLN B 190 3.19 -0.09 -30.56
CA GLN B 190 3.07 -0.69 -31.88
C GLN B 190 4.38 -1.38 -32.26
N VAL B 191 5.55 -0.73 -31.94
CA VAL B 191 6.86 -1.36 -32.16
C VAL B 191 7.01 -2.67 -31.31
N GLN B 192 6.66 -2.62 -30.02
CA GLN B 192 6.76 -3.77 -29.09
C GLN B 192 5.92 -4.94 -29.64
N GLU B 193 4.66 -4.63 -30.07
CA GLU B 193 3.74 -5.59 -30.68
C GLU B 193 4.38 -6.23 -31.91
N ASP B 194 5.04 -5.43 -32.78
CA ASP B 194 5.72 -5.92 -33.99
C ASP B 194 6.84 -6.87 -33.64
N VAL B 195 7.67 -6.53 -32.62
CA VAL B 195 8.78 -7.35 -32.13
C VAL B 195 8.30 -8.73 -31.65
N PHE B 196 7.25 -8.76 -30.81
CA PHE B 196 6.70 -9.99 -30.23
C PHE B 196 6.14 -10.93 -31.33
N ALA B 197 5.48 -10.36 -32.36
CA ALA B 197 4.89 -11.14 -33.45
C ALA B 197 5.94 -11.66 -34.43
N ALA B 198 6.81 -10.76 -34.95
CA ALA B 198 7.87 -11.05 -35.91
C ALA B 198 8.94 -12.01 -35.44
N LEU B 199 9.23 -12.04 -34.12
CA LEU B 199 10.27 -12.95 -33.62
C LEU B 199 9.67 -14.19 -32.98
N HIS B 200 8.32 -14.35 -33.09
CA HIS B 200 7.55 -15.48 -32.57
C HIS B 200 7.90 -15.74 -31.11
N LEU B 201 7.89 -14.69 -30.29
CA LEU B 201 8.30 -14.84 -28.90
C LEU B 201 7.33 -15.68 -28.09
N LYS B 202 7.89 -16.51 -27.19
CA LYS B 202 7.10 -17.39 -26.33
C LYS B 202 6.46 -16.58 -25.23
N LYS B 203 5.16 -16.81 -25.01
CA LYS B 203 4.34 -16.12 -24.02
C LYS B 203 4.34 -16.89 -22.70
N PRO B 204 4.42 -16.20 -21.53
CA PRO B 204 4.52 -14.74 -21.36
C PRO B 204 5.95 -14.22 -21.44
N VAL B 205 6.11 -13.06 -22.10
CA VAL B 205 7.40 -12.44 -22.28
C VAL B 205 7.79 -11.70 -20.99
N ALA B 206 9.02 -11.91 -20.52
CA ALA B 206 9.51 -11.18 -19.34
C ALA B 206 9.98 -9.79 -19.85
N ILE B 207 9.25 -8.74 -19.47
CA ILE B 207 9.46 -7.36 -19.95
C ILE B 207 10.26 -6.49 -18.97
N PHE B 208 11.34 -5.80 -19.48
CA PHE B 208 12.16 -4.86 -18.71
C PHE B 208 12.22 -3.53 -19.46
N LYS B 209 11.31 -2.65 -19.08
CA LYS B 209 11.04 -1.38 -19.74
C LYS B 209 11.27 -0.22 -18.83
N THR B 210 12.11 0.74 -19.26
CA THR B 210 12.39 2.00 -18.54
C THR B 210 11.19 2.96 -18.75
N PRO B 211 10.42 3.33 -17.69
CA PRO B 211 9.31 4.26 -17.90
C PRO B 211 9.86 5.62 -18.36
N CYS B 212 9.13 6.29 -19.25
CA CYS B 212 9.58 7.56 -19.83
C CYS B 212 9.35 8.77 -18.87
N PHE B 213 8.61 8.58 -17.75
CA PHE B 213 8.27 9.62 -16.75
C PHE B 213 9.47 10.35 -16.12
N ARG B 214 9.43 11.70 -16.15
CA ARG B 214 10.44 12.62 -15.60
C ARG B 214 9.69 13.61 -14.69
N ALA B 215 9.40 13.18 -13.46
CA ALA B 215 8.63 13.85 -12.40
C ALA B 215 8.96 15.34 -12.13
N ASN B 216 10.26 15.70 -12.16
CA ASN B 216 10.77 17.07 -11.90
C ASN B 216 10.60 18.06 -13.07
N LEU B 217 9.98 17.61 -14.19
CA LEU B 217 9.76 18.43 -15.39
C LEU B 217 8.35 18.97 -15.42
N PHE B 218 8.20 20.30 -15.43
CA PHE B 218 6.88 20.95 -15.47
C PHE B 218 6.62 21.35 -16.94
N TYR B 219 5.60 20.73 -17.55
CA TYR B 219 5.21 20.99 -18.94
C TYR B 219 3.98 21.87 -19.07
N ASP B 220 4.01 22.73 -20.08
CA ASP B 220 2.90 23.59 -20.49
C ASP B 220 3.02 23.97 -21.96
N VAL B 221 1.88 24.27 -22.59
CA VAL B 221 1.83 24.71 -23.97
C VAL B 221 1.11 26.09 -24.00
N GLN B 222 1.76 27.09 -24.61
CA GLN B 222 1.28 28.47 -24.79
C GLN B 222 1.01 28.73 -26.26
N PHE B 223 -0.22 29.16 -26.58
CA PHE B 223 -0.63 29.46 -27.96
C PHE B 223 -0.27 30.90 -28.28
N LYS B 224 0.60 31.09 -29.28
CA LYS B 224 1.07 32.42 -29.73
C LYS B 224 -0.03 33.30 -30.39
N GLU B 225 -1.22 32.72 -30.66
CA GLU B 225 -2.40 33.40 -31.23
C GLU B 225 -3.10 34.25 -30.13
N LEU B 226 -2.89 33.90 -28.85
CA LEU B 226 -3.50 34.55 -27.70
C LEU B 226 -2.54 35.48 -26.93
N ILE B 227 -1.29 35.65 -27.42
CA ILE B 227 -0.27 36.48 -26.77
C ILE B 227 0.02 37.74 -27.58
N SER B 228 -0.09 38.93 -26.94
CA SER B 228 0.14 40.26 -27.54
C SER B 228 1.63 40.54 -27.77
N ASP B 229 2.45 40.35 -26.71
CA ASP B 229 3.91 40.52 -26.77
C ASP B 229 4.53 39.14 -26.53
N PRO B 230 5.08 38.50 -27.58
CA PRO B 230 5.63 37.14 -27.42
C PRO B 230 6.90 37.06 -26.58
N TYR B 231 7.80 38.05 -26.75
CA TYR B 231 9.08 38.08 -26.05
C TYR B 231 8.95 38.51 -24.58
N GLY B 232 7.86 39.24 -24.26
CA GLY B 232 7.55 39.65 -22.90
C GLY B 232 7.19 38.43 -22.06
N ASN B 233 6.45 37.48 -22.67
CA ASN B 233 6.07 36.20 -22.07
C ASN B 233 7.31 35.31 -21.98
N LEU B 234 8.17 35.35 -23.03
CA LEU B 234 9.41 34.59 -23.12
C LEU B 234 10.40 34.98 -22.04
N LYS B 235 10.74 36.29 -21.94
CA LYS B 235 11.64 36.86 -20.94
C LYS B 235 11.15 36.42 -19.55
N ASP B 236 9.87 36.70 -19.23
CA ASP B 236 9.25 36.34 -17.95
C ASP B 236 9.28 34.84 -17.65
N PHE B 237 9.22 33.98 -18.70
CA PHE B 237 9.33 32.53 -18.51
C PHE B 237 10.80 32.18 -18.19
N CYS B 238 11.77 32.62 -19.03
CA CYS B 238 13.20 32.35 -18.83
C CYS B 238 13.70 32.81 -17.45
N LEU B 239 13.30 34.04 -17.03
CA LEU B 239 13.72 34.64 -15.76
C LEU B 239 13.16 33.94 -14.53
N LYS B 240 11.86 33.57 -14.56
CA LYS B 240 11.17 32.82 -13.49
C LYS B 240 11.91 31.49 -13.21
N ALA B 241 12.43 30.82 -14.27
CA ALA B 241 13.16 29.55 -14.19
C ALA B 241 14.63 29.73 -13.73
N LEU B 242 15.22 30.89 -14.04
CA LEU B 242 16.61 31.20 -13.68
C LEU B 242 16.75 31.89 -12.32
N GLY B 243 15.64 32.41 -11.80
CA GLY B 243 15.55 33.11 -10.53
C GLY B 243 15.92 32.28 -9.32
N GLN B 244 15.04 31.34 -8.91
CA GLN B 244 15.24 30.48 -7.75
C GLN B 244 16.42 29.52 -7.90
N LEU B 250 21.59 34.68 -10.44
CA LEU B 250 20.77 33.79 -11.25
C LEU B 250 21.42 32.41 -11.39
N SER B 251 20.70 31.35 -10.93
CA SER B 251 21.19 29.97 -10.92
C SER B 251 20.70 29.11 -12.09
N GLY B 252 21.63 28.32 -12.64
CA GLY B 252 21.39 27.39 -13.74
C GLY B 252 21.46 28.02 -15.12
N CYS B 253 21.00 27.24 -16.13
CA CYS B 253 20.96 27.62 -17.56
C CYS B 253 19.63 27.21 -18.24
N GLY B 254 19.49 27.58 -19.53
CA GLY B 254 18.34 27.27 -20.37
C GLY B 254 18.66 27.14 -21.84
N ILE B 255 17.71 26.52 -22.60
CA ILE B 255 17.77 26.28 -24.05
C ILE B 255 16.45 26.74 -24.73
N VAL B 256 16.58 27.44 -25.84
CA VAL B 256 15.44 27.87 -26.66
C VAL B 256 15.64 27.19 -28.03
N TYR B 257 14.70 26.32 -28.43
CA TYR B 257 14.77 25.65 -29.74
C TYR B 257 13.92 26.35 -30.78
N CYS B 258 14.40 26.40 -32.04
N CYS B 258 14.37 26.36 -32.04
CA CYS B 258 13.73 27.01 -33.18
CA CYS B 258 13.62 26.93 -33.17
C CYS B 258 14.00 26.23 -34.48
C CYS B 258 14.00 26.25 -34.49
N ARG B 259 13.14 26.40 -35.51
CA ARG B 259 13.27 25.77 -36.83
C ARG B 259 14.37 26.35 -37.74
N THR B 260 14.48 27.69 -37.87
CA THR B 260 15.43 28.30 -38.83
C THR B 260 16.56 29.15 -38.23
N ARG B 261 17.66 29.31 -39.00
CA ARG B 261 18.86 30.11 -38.66
C ARG B 261 18.44 31.57 -38.49
N GLU B 262 17.54 32.04 -39.38
CA GLU B 262 16.95 33.39 -39.41
C GLU B 262 16.22 33.65 -38.10
N ALA B 263 15.43 32.65 -37.63
CA ALA B 263 14.68 32.74 -36.38
C ALA B 263 15.62 32.73 -35.17
N CYS B 264 16.69 31.92 -35.22
N CYS B 264 16.70 31.90 -35.22
CA CYS B 264 17.70 31.78 -34.17
CA CYS B 264 17.71 31.76 -34.16
C CYS B 264 18.26 33.15 -33.79
C CYS B 264 18.32 33.12 -33.78
N GLU B 265 18.85 33.85 -34.79
CA GLU B 265 19.48 35.18 -34.67
C GLU B 265 18.55 36.22 -34.07
N GLN B 266 17.33 36.29 -34.60
CA GLN B 266 16.29 37.23 -34.17
C GLN B 266 15.84 37.02 -32.73
N LEU B 267 15.82 35.76 -32.26
CA LEU B 267 15.42 35.41 -30.90
C LEU B 267 16.46 35.84 -29.85
N ALA B 268 17.76 35.58 -30.13
CA ALA B 268 18.89 35.95 -29.26
C ALA B 268 18.84 37.46 -28.99
N ILE B 269 18.68 38.24 -30.08
CA ILE B 269 18.58 39.70 -30.13
C ILE B 269 17.36 40.17 -29.34
N GLU B 270 16.17 39.58 -29.57
CA GLU B 270 14.98 40.00 -28.84
C GLU B 270 15.07 39.77 -27.32
N LEU B 271 15.77 38.68 -26.90
CA LEU B 271 15.98 38.28 -25.50
C LEU B 271 17.00 39.18 -24.78
N SER B 272 18.21 39.33 -25.36
CA SER B 272 19.33 40.14 -24.83
C SER B 272 18.89 41.59 -24.58
N CYS B 273 18.20 42.19 -25.57
CA CYS B 273 17.67 43.55 -25.52
C CYS B 273 16.53 43.72 -24.49
N ARG B 274 16.08 42.61 -23.85
CA ARG B 274 14.99 42.65 -22.88
C ARG B 274 15.40 42.38 -21.43
N GLY B 275 16.66 41.97 -21.20
CA GLY B 275 17.18 41.74 -19.87
C GLY B 275 17.51 40.30 -19.52
N VAL B 276 17.92 39.51 -20.54
CA VAL B 276 18.32 38.10 -20.39
C VAL B 276 19.34 37.77 -21.49
N ASN B 277 20.60 37.59 -21.09
CA ASN B 277 21.73 37.30 -21.97
C ASN B 277 21.54 35.99 -22.74
N ALA B 278 21.40 36.09 -24.07
CA ALA B 278 21.19 34.93 -24.93
C ALA B 278 22.05 34.96 -26.20
N LYS B 279 22.60 33.80 -26.60
CA LYS B 279 23.44 33.66 -27.79
C LYS B 279 22.92 32.59 -28.77
N ALA B 280 23.04 32.86 -30.08
CA ALA B 280 22.58 32.03 -31.18
C ALA B 280 23.57 30.93 -31.56
N TYR B 281 23.05 29.71 -31.78
CA TYR B 281 23.79 28.51 -32.18
C TYR B 281 23.06 27.86 -33.34
N HIS B 282 23.72 27.74 -34.50
CA HIS B 282 23.17 27.13 -35.72
C HIS B 282 24.27 26.65 -36.68
N ALA B 283 23.88 25.90 -37.73
CA ALA B 283 24.77 25.29 -38.73
C ALA B 283 25.37 26.24 -39.77
N GLY B 284 24.87 27.48 -39.83
CA GLY B 284 25.35 28.49 -40.76
C GLY B 284 26.78 28.87 -40.48
N LEU B 285 27.02 29.40 -39.29
CA LEU B 285 28.34 29.83 -38.89
C LEU B 285 29.37 28.70 -38.79
N LYS B 286 30.62 29.06 -39.09
CA LYS B 286 31.74 28.12 -39.15
C LYS B 286 32.05 27.51 -37.82
N ALA B 287 32.79 26.42 -37.87
CA ALA B 287 33.08 25.61 -36.69
C ALA B 287 33.75 26.29 -35.50
N SER B 288 34.65 27.22 -35.74
CA SER B 288 35.30 27.89 -34.62
C SER B 288 34.20 28.60 -33.86
N GLU B 289 33.28 29.13 -34.62
CA GLU B 289 32.18 29.89 -34.10
C GLU B 289 31.29 29.04 -33.19
N ARG B 290 31.09 27.79 -33.57
CA ARG B 290 30.25 26.89 -32.80
C ARG B 290 30.71 26.63 -31.36
N THR B 291 31.99 26.32 -31.19
CA THR B 291 32.64 25.99 -29.91
C THR B 291 32.66 27.16 -28.93
N LEU B 292 32.72 28.40 -29.44
CA LEU B 292 32.75 29.62 -28.63
C LEU B 292 31.43 29.85 -27.87
N VAL B 293 30.27 29.69 -28.57
CA VAL B 293 28.91 29.83 -28.02
C VAL B 293 28.71 28.70 -27.01
N GLN B 294 29.17 27.48 -27.38
CA GLN B 294 29.13 26.26 -26.58
C GLN B 294 29.84 26.46 -25.24
N ASN B 295 31.07 27.00 -25.28
CA ASN B 295 31.90 27.25 -24.10
C ASN B 295 31.30 28.29 -23.17
N ASP B 296 30.81 29.43 -23.72
CA ASP B 296 30.17 30.47 -22.91
C ASP B 296 28.90 29.96 -22.21
N TRP B 297 28.17 29.01 -22.84
CA TRP B 297 27.00 28.40 -22.24
C TRP B 297 27.41 27.35 -21.20
N MET B 298 28.38 26.46 -21.56
CA MET B 298 28.91 25.40 -20.68
C MET B 298 29.52 25.97 -19.39
N GLU B 299 30.46 26.94 -19.53
CA GLU B 299 31.14 27.58 -18.39
C GLU B 299 30.30 28.70 -17.72
N GLU B 300 28.98 28.71 -18.00
CA GLU B 300 27.93 29.57 -17.43
C GLU B 300 28.14 31.10 -17.59
N LYS B 301 28.92 31.52 -18.61
CA LYS B 301 29.17 32.94 -18.94
C LYS B 301 27.89 33.56 -19.52
N VAL B 302 27.22 32.84 -20.45
CA VAL B 302 25.95 33.23 -21.08
C VAL B 302 24.89 32.18 -20.62
N PRO B 303 23.83 32.62 -19.89
CA PRO B 303 22.87 31.64 -19.33
C PRO B 303 21.87 30.99 -20.29
N VAL B 304 21.50 31.66 -21.42
CA VAL B 304 20.50 31.12 -22.35
C VAL B 304 21.06 30.97 -23.77
N ILE B 305 20.89 29.79 -24.37
CA ILE B 305 21.32 29.47 -25.73
C ILE B 305 20.09 29.24 -26.63
N VAL B 306 20.09 29.84 -27.83
CA VAL B 306 19.03 29.70 -28.84
C VAL B 306 19.62 28.75 -29.88
N ALA B 307 18.93 27.64 -30.21
CA ALA B 307 19.52 26.66 -31.11
C ALA B 307 18.56 25.95 -32.08
N THR B 308 19.15 25.45 -33.19
CA THR B 308 18.49 24.71 -34.26
C THR B 308 19.00 23.26 -34.33
N ILE B 309 20.18 22.99 -33.71
CA ILE B 309 20.87 21.69 -33.61
C ILE B 309 21.57 21.60 -32.25
N SER B 310 21.79 20.39 -31.74
CA SER B 310 22.51 20.24 -30.46
C SER B 310 23.99 19.93 -30.74
N PHE B 311 24.83 19.94 -29.69
CA PHE B 311 26.26 19.69 -29.77
C PHE B 311 26.55 18.23 -30.13
N ASP B 316 26.31 17.42 -22.96
CA ASP B 316 25.80 17.02 -21.64
C ASP B 316 25.93 18.16 -20.62
N LYS B 317 24.82 18.48 -19.92
CA LYS B 317 24.74 19.54 -18.88
C LYS B 317 23.59 19.20 -17.91
N ALA B 318 23.89 19.20 -16.61
CA ALA B 318 22.93 18.81 -15.58
C ALA B 318 22.01 19.91 -15.06
N ASN B 319 22.46 21.19 -14.97
CA ASN B 319 21.60 22.23 -14.39
C ASN B 319 20.73 23.00 -15.42
N VAL B 320 20.13 22.28 -16.41
CA VAL B 320 19.25 22.93 -17.40
C VAL B 320 17.88 23.14 -16.73
N ARG B 321 17.61 24.40 -16.32
CA ARG B 321 16.39 24.76 -15.58
C ARG B 321 15.18 24.96 -16.47
N PHE B 322 15.41 25.16 -17.79
CA PHE B 322 14.33 25.30 -18.76
C PHE B 322 14.70 24.89 -20.19
N VAL B 323 13.69 24.35 -20.91
CA VAL B 323 13.79 24.06 -22.35
C VAL B 323 12.52 24.66 -22.97
N ALA B 324 12.68 25.64 -23.86
CA ALA B 324 11.53 26.24 -24.52
C ALA B 324 11.56 25.94 -26.01
N HIS B 325 10.42 25.46 -26.57
CA HIS B 325 10.38 25.24 -28.00
C HIS B 325 9.65 26.42 -28.60
N TRP B 326 10.40 27.28 -29.33
CA TRP B 326 9.81 28.47 -29.97
C TRP B 326 8.91 28.06 -31.13
N ASN B 327 9.29 26.97 -31.84
CA ASN B 327 8.60 26.33 -32.94
C ASN B 327 8.36 24.84 -32.59
N ILE B 328 7.20 24.30 -32.95
CA ILE B 328 6.86 22.88 -32.72
C ILE B 328 7.91 21.94 -33.36
N ALA B 329 8.41 20.87 -32.65
CA ALA B 329 9.36 19.88 -33.20
C ALA B 329 8.68 19.00 -34.30
N LYS B 330 9.49 18.18 -35.02
CA LYS B 330 9.06 17.30 -36.09
C LYS B 330 8.29 16.03 -35.67
N SER B 331 8.44 15.59 -34.40
CA SER B 331 7.79 14.37 -33.89
C SER B 331 7.60 14.37 -32.38
N MET B 332 6.72 13.49 -31.89
CA MET B 332 6.58 13.30 -30.43
C MET B 332 7.91 12.81 -29.82
N ALA B 333 8.59 11.81 -30.44
CA ALA B 333 9.87 11.26 -29.92
C ALA B 333 10.98 12.33 -29.86
N GLY B 334 10.99 13.21 -30.86
CA GLY B 334 11.91 14.34 -30.96
C GLY B 334 11.69 15.34 -29.85
N TYR B 335 10.42 15.73 -29.61
CA TYR B 335 10.07 16.63 -28.52
C TYR B 335 10.46 16.04 -27.14
N TYR B 336 10.12 14.74 -26.93
CA TYR B 336 10.45 14.02 -25.69
C TYR B 336 11.96 14.08 -25.42
N GLN B 337 12.80 13.76 -26.43
CA GLN B 337 14.26 13.78 -26.35
C GLN B 337 14.85 15.18 -26.11
N GLU B 338 14.34 16.23 -26.82
CA GLU B 338 14.78 17.64 -26.71
C GLU B 338 14.36 18.29 -25.39
N SER B 339 13.08 18.17 -24.99
CA SER B 339 12.61 18.66 -23.70
C SER B 339 13.29 17.93 -22.50
N GLY B 340 13.63 16.65 -22.71
CA GLY B 340 14.29 15.79 -21.74
C GLY B 340 15.71 16.17 -21.36
N ARG B 341 16.28 17.17 -22.06
CA ARG B 341 17.60 17.72 -21.78
C ARG B 341 17.56 18.57 -20.50
N ALA B 342 16.36 18.97 -20.04
CA ALA B 342 16.21 19.72 -18.79
C ALA B 342 16.23 18.81 -17.55
N GLY B 343 16.61 19.40 -16.40
CA GLY B 343 16.68 18.81 -15.06
C GLY B 343 17.22 17.40 -14.94
N ARG B 344 18.37 17.17 -15.54
CA ARG B 344 19.04 15.91 -15.43
C ARG B 344 19.45 15.75 -13.95
N ASP B 345 19.48 16.86 -13.22
CA ASP B 345 19.89 16.88 -11.82
C ASP B 345 18.81 16.62 -10.79
N GLY B 346 17.60 16.36 -11.23
CA GLY B 346 16.51 16.03 -10.34
C GLY B 346 15.85 17.22 -9.74
N LYS B 347 16.44 18.37 -10.01
CA LYS B 347 15.89 19.61 -9.49
C LYS B 347 14.75 20.07 -10.37
N PRO B 348 13.85 20.96 -9.78
CA PRO B 348 12.74 21.36 -10.65
C PRO B 348 13.17 22.08 -11.91
N SER B 349 12.44 21.82 -13.00
CA SER B 349 12.70 22.38 -14.32
C SER B 349 11.41 22.65 -15.07
N TRP B 350 11.49 23.45 -16.15
CA TRP B 350 10.32 23.83 -16.93
C TRP B 350 10.52 23.56 -18.41
N CYS B 351 9.50 22.95 -19.05
CA CYS B 351 9.49 22.66 -20.49
C CYS B 351 8.24 23.31 -21.05
N ARG B 352 8.42 24.26 -21.97
CA ARG B 352 7.31 24.98 -22.59
C ARG B 352 7.30 24.86 -24.12
N LEU B 353 6.13 24.60 -24.66
CA LEU B 353 6.01 24.50 -26.12
C LEU B 353 5.22 25.68 -26.59
N TYR B 354 5.84 26.56 -27.38
CA TYR B 354 5.15 27.69 -28.00
C TYR B 354 4.60 27.14 -29.30
N TYR B 355 3.26 27.12 -29.42
CA TYR B 355 2.55 26.57 -30.56
C TYR B 355 1.70 27.59 -31.32
N SER B 356 1.63 27.44 -32.67
CA SER B 356 0.74 28.18 -33.56
C SER B 356 0.43 27.28 -34.71
N ARG B 357 -0.80 27.41 -35.23
CA ARG B 357 -1.28 26.66 -36.38
C ARG B 357 -0.47 27.05 -37.62
N ASN B 358 0.04 28.28 -37.69
CA ASN B 358 0.90 28.72 -38.80
C ASN B 358 2.22 27.95 -38.81
N ASP B 359 2.85 27.77 -37.63
CA ASP B 359 4.07 26.96 -37.41
C ASP B 359 3.78 25.49 -37.68
N ARG B 360 2.58 25.00 -37.28
CA ARG B 360 2.14 23.62 -37.56
C ARG B 360 2.15 23.42 -39.06
N ASP B 361 1.54 24.39 -39.82
CA ASP B 361 1.48 24.33 -41.28
C ASP B 361 2.85 24.31 -41.93
N GLN B 362 3.83 25.12 -41.44
CA GLN B 362 5.20 25.13 -42.00
C GLN B 362 5.91 23.81 -41.82
N VAL B 363 5.88 23.23 -40.59
CA VAL B 363 6.59 22.01 -40.25
C VAL B 363 5.99 20.83 -40.98
N SER B 364 4.67 20.76 -41.06
CA SER B 364 3.96 19.76 -41.82
C SER B 364 4.36 19.80 -43.34
N PHE B 365 4.46 21.00 -43.90
CA PHE B 365 4.80 21.23 -45.32
C PHE B 365 6.23 20.72 -45.60
N LEU B 366 7.17 21.09 -44.72
CA LEU B 366 8.57 20.68 -44.80
C LEU B 366 8.73 19.17 -44.74
N ILE B 367 8.02 18.48 -43.81
CA ILE B 367 8.06 17.03 -43.68
C ILE B 367 7.55 16.33 -44.97
N ARG B 368 6.42 16.81 -45.52
CA ARG B 368 5.84 16.28 -46.75
C ARG B 368 6.76 16.47 -47.97
N LYS B 369 7.50 17.58 -48.05
CA LYS B 369 8.48 17.79 -49.13
C LYS B 369 9.66 16.80 -48.96
N GLU B 370 10.11 16.58 -47.68
CA GLU B 370 11.20 15.63 -47.38
C GLU B 370 10.79 14.20 -47.74
N VAL B 371 9.52 13.80 -47.49
CA VAL B 371 9.00 12.46 -47.81
C VAL B 371 8.98 12.23 -49.34
N ALA B 372 8.43 13.23 -50.13
CA ALA B 372 8.28 13.13 -51.60
C ALA B 372 9.63 12.91 -52.26
N LYS B 373 10.67 13.64 -51.80
CA LYS B 373 12.08 13.58 -52.20
C LYS B 373 12.67 12.19 -51.96
N LEU B 374 12.16 11.44 -50.95
CA LEU B 374 12.63 10.07 -50.69
C LEU B 374 11.89 9.10 -51.59
N GLN B 375 10.60 9.39 -51.93
CA GLN B 375 9.85 8.56 -52.86
C GLN B 375 10.33 8.72 -54.33
N GLU B 376 10.94 9.87 -54.69
CA GLU B 376 11.45 10.04 -56.08
C GLU B 376 12.75 9.24 -56.22
N LYS B 377 13.52 9.11 -55.11
CA LYS B 377 14.79 8.43 -54.96
C LYS B 377 14.67 6.89 -54.82
N ARG B 378 13.73 6.39 -53.97
CA ARG B 378 13.63 4.94 -53.76
C ARG B 378 12.21 4.36 -53.79
N GLY B 379 11.23 5.08 -54.34
CA GLY B 379 9.85 4.58 -54.40
C GLY B 379 9.07 4.67 -53.10
N ASN B 380 7.84 4.11 -53.10
CA ASN B 380 6.92 4.12 -51.96
C ASN B 380 7.20 3.04 -50.91
N LYS B 381 7.20 3.45 -49.62
CA LYS B 381 7.38 2.58 -48.46
C LYS B 381 6.16 2.68 -47.51
N ALA B 382 6.21 1.99 -46.35
CA ALA B 382 5.18 2.02 -45.31
C ALA B 382 5.59 3.00 -44.20
N SER B 383 6.89 3.34 -44.16
CA SER B 383 7.46 4.30 -43.22
C SER B 383 7.05 5.75 -43.58
N ASP B 384 6.63 6.00 -44.84
CA ASP B 384 6.20 7.32 -45.33
C ASP B 384 5.04 7.85 -44.46
N LYS B 385 4.09 6.94 -44.13
CA LYS B 385 2.93 7.22 -43.26
C LYS B 385 3.36 7.46 -41.80
N ALA B 386 4.37 6.72 -41.31
CA ALA B 386 4.87 6.80 -39.93
C ALA B 386 5.39 8.19 -39.55
N THR B 387 6.10 8.86 -40.48
CA THR B 387 6.68 10.19 -40.28
C THR B 387 5.58 11.23 -40.05
N ILE B 388 4.46 11.11 -40.81
CA ILE B 388 3.28 11.97 -40.72
C ILE B 388 2.60 11.79 -39.38
N MET B 389 2.32 10.52 -39.02
CA MET B 389 1.62 10.19 -37.77
C MET B 389 2.44 10.59 -36.54
N ALA B 390 3.78 10.54 -36.63
CA ALA B 390 4.66 10.96 -35.49
C ALA B 390 4.56 12.53 -35.24
N PHE B 391 4.35 13.33 -36.32
CA PHE B 391 4.20 14.79 -36.21
C PHE B 391 2.82 15.10 -35.71
N ASP B 392 1.81 14.45 -36.30
CA ASP B 392 0.41 14.60 -35.91
C ASP B 392 0.20 14.20 -34.42
N ALA B 393 0.98 13.25 -33.89
CA ALA B 393 0.95 12.89 -32.45
C ALA B 393 1.34 14.12 -31.58
N LEU B 394 2.31 14.95 -32.06
CA LEU B 394 2.72 16.14 -31.32
C LEU B 394 1.69 17.29 -31.48
N VAL B 395 0.99 17.38 -32.64
CA VAL B 395 -0.07 18.37 -32.85
C VAL B 395 -1.25 18.07 -31.86
N THR B 396 -1.61 16.77 -31.72
CA THR B 396 -2.66 16.27 -30.81
C THR B 396 -2.33 16.63 -29.34
N PHE B 397 -1.05 16.49 -28.93
CA PHE B 397 -0.54 16.85 -27.61
C PHE B 397 -0.74 18.35 -27.36
N CYS B 398 -0.43 19.20 -28.35
CA CYS B 398 -0.56 20.66 -28.27
C CYS B 398 -1.99 21.16 -28.17
N GLU B 399 -2.93 20.48 -28.80
CA GLU B 399 -4.35 20.87 -28.90
C GLU B 399 -5.30 20.11 -27.97
N GLU B 400 -4.75 19.25 -27.08
CA GLU B 400 -5.53 18.39 -26.19
C GLU B 400 -5.66 18.91 -24.75
N LEU B 401 -6.76 18.50 -24.11
CA LEU B 401 -7.06 18.75 -22.70
C LEU B 401 -6.81 17.46 -21.95
N GLY B 402 -5.83 17.48 -21.08
CA GLY B 402 -5.43 16.33 -20.27
C GLY B 402 -4.02 16.47 -19.74
N CYS B 403 -3.62 15.58 -18.83
CA CYS B 403 -2.25 15.62 -18.25
C CYS B 403 -1.13 15.46 -19.32
N ARG B 404 -0.11 16.31 -19.26
CA ARG B 404 1.00 16.29 -20.21
C ARG B 404 1.90 15.07 -20.04
N HIS B 405 2.14 14.64 -18.79
CA HIS B 405 2.94 13.44 -18.52
C HIS B 405 2.11 12.21 -18.90
N ALA B 406 0.77 12.26 -18.70
CA ALA B 406 -0.14 11.17 -19.09
C ALA B 406 -0.19 11.04 -20.63
N ALA B 407 -0.18 12.14 -21.38
CA ALA B 407 -0.11 12.11 -22.86
C ALA B 407 1.19 11.42 -23.36
N ILE B 408 2.36 11.75 -22.77
CA ILE B 408 3.68 11.16 -23.09
C ILE B 408 3.73 9.65 -22.71
N ALA B 409 3.25 9.30 -21.50
CA ALA B 409 3.22 7.93 -21.01
C ALA B 409 2.44 7.06 -21.95
N LYS B 410 1.23 7.53 -22.34
CA LYS B 410 0.32 6.89 -23.27
C LYS B 410 1.05 6.64 -24.64
N TYR B 411 1.78 7.64 -25.16
CA TYR B 411 2.50 7.44 -26.43
C TYR B 411 3.55 6.30 -26.39
N PHE B 412 4.25 6.14 -25.24
CA PHE B 412 5.32 5.17 -25.01
C PHE B 412 4.91 3.90 -24.24
N GLY B 413 3.60 3.61 -24.20
CA GLY B 413 3.07 2.41 -23.55
C GLY B 413 3.37 2.20 -22.08
N ASP B 414 3.51 3.29 -21.30
CA ASP B 414 3.78 3.22 -19.86
C ASP B 414 2.45 3.40 -19.10
N ALA B 415 2.44 2.99 -17.83
CA ALA B 415 1.26 3.16 -16.99
C ALA B 415 1.13 4.64 -16.66
N LEU B 416 -0.14 5.13 -16.52
CA LEU B 416 -0.49 6.51 -16.19
C LEU B 416 0.34 6.97 -14.99
N PRO B 417 1.12 8.07 -15.11
CA PRO B 417 1.99 8.47 -14.00
C PRO B 417 1.28 9.32 -12.94
N ALA B 418 1.93 9.46 -11.77
CA ALA B 418 1.41 10.26 -10.65
C ALA B 418 1.89 11.69 -10.82
N CYS B 419 1.08 12.50 -11.53
CA CYS B 419 1.42 13.90 -11.75
C CYS B 419 0.94 14.69 -10.53
N ALA B 420 1.93 15.10 -9.70
CA ALA B 420 1.75 15.90 -8.48
C ALA B 420 1.65 17.37 -8.89
N LYS B 421 0.51 17.72 -9.56
CA LYS B 421 0.25 19.04 -10.16
C LYS B 421 1.51 19.57 -10.91
N GLY B 422 2.21 18.63 -11.58
CA GLY B 422 3.47 18.86 -12.31
C GLY B 422 3.32 19.18 -13.80
N CYS B 423 2.14 19.68 -14.21
CA CYS B 423 1.82 20.11 -15.58
C CYS B 423 0.64 21.11 -15.54
N ASP B 424 0.51 21.99 -16.56
CA ASP B 424 -0.55 23.01 -16.63
C ASP B 424 -1.96 22.46 -16.44
N HIS B 425 -2.29 21.31 -17.05
CA HIS B 425 -3.63 20.73 -16.92
C HIS B 425 -3.95 20.21 -15.51
N CYS B 426 -2.94 19.67 -14.81
CA CYS B 426 -3.14 19.16 -13.47
C CYS B 426 -3.10 20.27 -12.44
N GLN B 427 -2.25 21.30 -12.66
CA GLN B 427 -2.14 22.49 -11.82
C GLN B 427 -3.45 23.29 -11.88
N ASN B 428 -4.01 23.52 -13.09
CA ASN B 428 -5.22 24.30 -13.30
C ASN B 428 -5.99 23.88 -14.58
N PRO B 429 -6.89 22.85 -14.50
CA PRO B 429 -7.62 22.42 -15.71
C PRO B 429 -8.41 23.49 -16.44
N THR B 430 -9.20 24.30 -15.70
CA THR B 430 -10.07 25.37 -16.23
C THR B 430 -9.29 26.44 -17.04
N ALA B 431 -8.08 26.85 -16.58
CA ALA B 431 -7.29 27.84 -17.33
C ALA B 431 -6.89 27.30 -18.75
N VAL B 432 -6.39 26.03 -18.82
CA VAL B 432 -5.96 25.37 -20.06
C VAL B 432 -7.18 25.25 -20.99
N ARG B 433 -8.35 24.89 -20.40
CA ARG B 433 -9.65 24.72 -21.07
C ARG B 433 -10.10 25.95 -21.85
N ARG B 434 -10.00 27.13 -21.24
CA ARG B 434 -10.44 28.40 -21.83
C ARG B 434 -9.54 28.88 -22.97
N ARG B 435 -8.23 28.54 -22.91
CA ARG B 435 -7.24 28.90 -23.93
C ARG B 435 -7.54 28.21 -25.25
N LEU B 436 -7.98 26.96 -25.20
CA LEU B 436 -8.37 26.17 -26.37
C LEU B 436 -9.70 26.65 -26.95
N GLU B 437 -10.61 27.17 -26.08
CA GLU B 437 -11.89 27.73 -26.51
C GLU B 437 -11.62 29.08 -27.21
N ALA B 438 -10.58 29.80 -26.74
CA ALA B 438 -10.15 31.07 -27.31
C ALA B 438 -9.40 30.84 -28.64
N LEU B 439 -8.64 29.72 -28.74
CA LEU B 439 -7.92 29.34 -29.98
C LEU B 439 -8.96 29.06 -31.08
N GLU B 440 -9.99 28.23 -30.78
CA GLU B 440 -11.08 27.90 -31.71
C GLU B 440 -11.84 29.16 -32.16
N ARG B 441 -12.07 30.12 -31.23
CA ARG B 441 -12.74 31.39 -31.46
C ARG B 441 -11.96 32.32 -32.40
N SER B 442 -10.61 32.38 -32.26
CA SER B 442 -9.69 33.25 -33.04
C SER B 442 -9.86 33.16 -34.58
N SER B 443 -10.43 32.02 -35.04
CA SER B 443 -10.69 31.69 -36.45
C SER B 443 -12.09 32.15 -36.95
N SER B 444 -13.00 32.55 -36.04
CA SER B 444 -14.36 33.01 -36.40
C SER B 444 -14.32 34.38 -37.09
N ASP C 3 -6.14 3.22 39.46
CA ASP C 3 -6.88 4.45 39.18
C ASP C 3 -6.37 5.13 37.89
N PRO C 4 -7.29 5.60 37.00
CA PRO C 4 -6.84 6.24 35.75
C PRO C 4 -6.24 7.64 35.96
N GLU C 5 -6.87 8.46 36.84
CA GLU C 5 -6.44 9.82 37.16
C GLU C 5 -5.00 9.83 37.70
N ARG C 6 -4.66 8.80 38.51
CA ARG C 6 -3.33 8.58 39.08
C ARG C 6 -2.31 8.31 37.96
N ARG C 7 -2.69 7.44 36.99
CA ARG C 7 -1.89 7.04 35.84
C ARG C 7 -1.61 8.27 34.94
N VAL C 8 -2.67 9.07 34.66
CA VAL C 8 -2.65 10.28 33.84
C VAL C 8 -1.78 11.37 34.48
N ARG C 9 -2.00 11.65 35.79
CA ARG C 9 -1.26 12.65 36.57
C ARG C 9 0.25 12.41 36.56
N SER C 10 0.67 11.13 36.68
CA SER C 10 2.07 10.70 36.68
C SER C 10 2.74 10.96 35.32
N THR C 11 2.07 10.60 34.19
CA THR C 11 2.58 10.78 32.83
C THR C 11 2.60 12.29 32.47
N LEU C 12 1.59 13.05 32.92
CA LEU C 12 1.47 14.50 32.71
C LEU C 12 2.67 15.24 33.35
N LYS C 13 3.15 14.74 34.51
CA LYS C 13 4.25 15.30 35.27
C LYS C 13 5.62 14.77 34.84
N LYS C 14 5.86 13.45 34.98
CA LYS C 14 7.15 12.81 34.65
C LYS C 14 7.57 13.00 33.19
N VAL C 15 6.66 12.75 32.23
CA VAL C 15 6.96 12.86 30.79
C VAL C 15 6.86 14.31 30.27
N PHE C 16 5.68 14.96 30.42
CA PHE C 16 5.45 16.31 29.89
C PHE C 16 5.97 17.46 30.78
N GLY C 17 6.09 17.21 32.08
CA GLY C 17 6.57 18.22 33.02
C GLY C 17 5.50 19.10 33.64
N PHE C 18 4.30 19.12 33.04
CA PHE C 18 3.17 19.94 33.49
C PHE C 18 2.53 19.40 34.77
N ASP C 19 2.19 20.31 35.71
CA ASP C 19 1.57 19.97 36.99
C ASP C 19 0.05 19.95 36.92
N SER C 20 -0.55 20.87 36.14
CA SER C 20 -2.00 20.98 35.95
C SER C 20 -2.38 21.22 34.48
N PHE C 21 -3.60 20.77 34.10
CA PHE C 21 -4.15 20.95 32.76
C PHE C 21 -4.49 22.41 32.52
N LYS C 22 -4.35 22.88 31.26
CA LYS C 22 -4.63 24.24 30.81
C LYS C 22 -6.06 24.70 31.18
N THR C 23 -7.08 23.84 30.95
CA THR C 23 -8.50 24.07 31.24
C THR C 23 -9.13 22.74 31.66
N PRO C 24 -10.26 22.71 32.43
CA PRO C 24 -10.90 21.42 32.78
C PRO C 24 -11.38 20.61 31.56
N LEU C 25 -11.79 21.30 30.47
CA LEU C 25 -12.22 20.70 29.20
C LEU C 25 -11.06 19.86 28.58
N GLN C 26 -9.83 20.38 28.61
CA GLN C 26 -8.63 19.68 28.13
C GLN C 26 -8.40 18.38 28.92
N GLU C 27 -8.61 18.40 30.27
CA GLU C 27 -8.49 17.23 31.15
C GLU C 27 -9.57 16.19 30.80
N SER C 28 -10.85 16.63 30.71
CA SER C 28 -12.03 15.81 30.37
C SER C 28 -11.82 15.09 29.04
N ALA C 29 -11.28 15.82 28.03
CA ALA C 29 -10.99 15.32 26.69
C ALA C 29 -9.93 14.24 26.78
N THR C 30 -8.80 14.52 27.45
CA THR C 30 -7.70 13.57 27.64
C THR C 30 -8.22 12.26 28.28
N MET C 31 -9.04 12.35 29.36
CA MET C 31 -9.61 11.18 30.07
C MET C 31 -10.50 10.33 29.15
N ALA C 32 -11.34 11.01 28.31
CA ALA C 32 -12.22 10.35 27.34
C ALA C 32 -11.40 9.61 26.28
N VAL C 33 -10.24 10.17 25.87
CA VAL C 33 -9.33 9.55 24.91
C VAL C 33 -8.61 8.36 25.60
N VAL C 34 -8.13 8.56 26.86
CA VAL C 34 -7.46 7.54 27.69
C VAL C 34 -8.33 6.29 27.83
N LYS C 35 -9.65 6.47 28.07
CA LYS C 35 -10.59 5.35 28.21
C LYS C 35 -10.65 4.51 26.91
N GLY C 36 -10.63 5.18 25.76
CA GLY C 36 -10.63 4.52 24.45
C GLY C 36 -11.85 3.69 24.12
N ASN C 37 -13.01 4.08 24.62
CA ASN C 37 -14.26 3.33 24.39
C ASN C 37 -15.19 4.01 23.38
N LYS C 38 -14.83 5.24 22.93
CA LYS C 38 -15.68 6.04 22.04
C LYS C 38 -14.81 6.83 21.05
N ASP C 39 -15.42 7.32 19.95
CA ASP C 39 -14.75 8.23 19.00
C ASP C 39 -14.88 9.62 19.59
N VAL C 40 -13.78 10.39 19.62
CA VAL C 40 -13.69 11.69 20.28
C VAL C 40 -13.47 12.86 19.30
N PHE C 41 -14.25 13.95 19.48
CA PHE C 41 -14.11 15.18 18.69
C PHE C 41 -13.76 16.33 19.62
N VAL C 42 -12.59 16.96 19.38
CA VAL C 42 -12.07 18.09 20.18
C VAL C 42 -12.18 19.38 19.34
N CYS C 43 -13.01 20.36 19.79
CA CYS C 43 -13.22 21.65 19.13
C CYS C 43 -12.85 22.81 20.08
N MET C 44 -11.58 23.26 20.01
CA MET C 44 -11.02 24.31 20.87
C MET C 44 -10.23 25.35 20.06
N PRO C 45 -10.10 26.64 20.50
CA PRO C 45 -9.33 27.62 19.72
C PRO C 45 -7.82 27.30 19.61
N THR C 46 -7.13 27.95 18.66
CA THR C 46 -5.69 27.76 18.46
C THR C 46 -4.94 28.16 19.76
N GLY C 47 -3.99 27.31 20.15
CA GLY C 47 -3.17 27.47 21.35
C GLY C 47 -3.79 26.94 22.63
N ALA C 48 -4.98 26.28 22.55
CA ALA C 48 -5.66 25.74 23.76
C ALA C 48 -5.09 24.42 24.30
N GLY C 49 -4.08 23.87 23.62
CA GLY C 49 -3.42 22.62 24.04
C GLY C 49 -4.10 21.33 23.55
N LYS C 50 -4.61 21.34 22.31
CA LYS C 50 -5.27 20.19 21.69
C LYS C 50 -4.32 18.99 21.50
N SER C 51 -3.03 19.26 21.17
CA SER C 51 -2.00 18.24 20.94
C SER C 51 -1.81 17.25 22.11
N LEU C 52 -1.89 17.75 23.36
CA LEU C 52 -1.76 16.96 24.59
C LEU C 52 -2.88 15.89 24.71
N CYS C 53 -4.10 16.20 24.23
CA CYS C 53 -5.26 15.29 24.32
C CYS C 53 -5.05 13.95 23.61
N TYR C 54 -4.09 13.88 22.64
CA TYR C 54 -3.74 12.63 21.96
C TYR C 54 -2.31 12.18 22.25
N GLN C 55 -1.37 13.13 22.45
CA GLN C 55 0.04 12.81 22.76
C GLN C 55 0.17 12.08 24.11
N LEU C 56 -0.59 12.52 25.14
CA LEU C 56 -0.60 11.89 26.47
C LEU C 56 -1.23 10.48 26.43
N PRO C 57 -2.51 10.26 26.01
CA PRO C 57 -3.07 8.88 25.99
C PRO C 57 -2.28 7.86 25.17
N ALA C 58 -1.49 8.35 24.19
CA ALA C 58 -0.60 7.55 23.33
C ALA C 58 0.48 6.85 24.17
N LEU C 59 1.05 7.58 25.15
CA LEU C 59 2.08 7.08 26.05
C LEU C 59 1.55 6.04 27.04
N LEU C 60 0.26 6.11 27.37
CA LEU C 60 -0.40 5.18 28.31
C LEU C 60 -0.91 3.89 27.65
N ALA C 61 -1.05 3.89 26.32
CA ALA C 61 -1.52 2.73 25.56
C ALA C 61 -0.37 1.77 25.27
N LYS C 62 -0.70 0.47 25.08
CA LYS C 62 0.26 -0.60 24.81
C LYS C 62 0.79 -0.64 23.37
N GLY C 63 0.09 0.04 22.45
CA GLY C 63 0.47 0.06 21.04
C GLY C 63 0.94 1.40 20.51
N ILE C 64 0.74 1.60 19.22
CA ILE C 64 1.17 2.79 18.50
C ILE C 64 -0.03 3.67 18.14
N THR C 65 0.19 4.99 18.14
CA THR C 65 -0.76 6.01 17.73
C THR C 65 -0.32 6.57 16.37
N ILE C 66 -1.23 6.52 15.38
CA ILE C 66 -0.98 7.07 14.04
C ILE C 66 -1.63 8.45 14.03
N VAL C 67 -0.89 9.48 13.66
CA VAL C 67 -1.45 10.82 13.64
C VAL C 67 -1.33 11.40 12.26
N VAL C 68 -2.46 11.83 11.69
CA VAL C 68 -2.47 12.41 10.36
C VAL C 68 -2.50 13.92 10.46
N SER C 69 -1.60 14.56 9.73
CA SER C 69 -1.50 16.02 9.70
C SER C 69 -1.26 16.49 8.27
N PRO C 70 -1.84 17.70 7.91
CA PRO C 70 -1.64 18.06 6.49
C PRO C 70 -0.25 18.38 5.98
N LEU C 71 0.51 19.21 6.69
CA LEU C 71 1.80 19.62 6.20
C LEU C 71 2.99 19.25 7.04
N ILE C 72 4.04 18.87 6.34
CA ILE C 72 5.30 18.41 6.93
C ILE C 72 5.97 19.50 7.79
N ALA C 73 5.90 20.77 7.34
CA ALA C 73 6.47 21.94 8.04
C ALA C 73 5.81 22.12 9.41
N LEU C 74 4.48 21.95 9.48
CA LEU C 74 3.65 22.02 10.68
C LEU C 74 3.92 20.80 11.59
N ILE C 75 4.24 19.64 10.98
CA ILE C 75 4.54 18.37 11.67
C ILE C 75 5.86 18.47 12.45
N GLN C 76 6.98 18.75 11.72
CA GLN C 76 8.36 18.85 12.20
C GLN C 76 8.53 19.60 13.51
N ASP C 77 7.86 20.76 13.66
CA ASP C 77 7.90 21.61 14.86
C ASP C 77 7.57 20.81 16.13
N GLN C 78 6.51 19.98 16.08
CA GLN C 78 6.03 19.16 17.20
C GLN C 78 6.84 17.88 17.43
N VAL C 79 7.46 17.33 16.37
CA VAL C 79 8.28 16.10 16.43
C VAL C 79 9.56 16.32 17.26
N ASP C 80 10.20 17.51 17.10
CA ASP C 80 11.41 17.90 17.82
C ASP C 80 11.16 17.90 19.33
N HIS C 81 10.07 18.59 19.76
CA HIS C 81 9.66 18.72 21.15
C HIS C 81 9.41 17.39 21.86
N LEU C 82 8.85 16.39 21.15
CA LEU C 82 8.61 15.08 21.73
C LEU C 82 9.92 14.32 21.94
N LEU C 83 10.88 14.50 21.01
CA LEU C 83 12.21 13.88 21.10
C LEU C 83 13.05 14.47 22.24
N THR C 84 12.81 15.76 22.58
CA THR C 84 13.50 16.43 23.70
C THR C 84 13.03 15.83 25.04
N LEU C 85 11.77 15.36 25.09
CA LEU C 85 11.19 14.74 26.30
C LEU C 85 11.40 13.21 26.32
N LYS C 86 12.33 12.69 25.46
CA LYS C 86 12.72 11.27 25.31
C LYS C 86 11.55 10.34 24.93
N VAL C 87 10.64 10.85 24.07
CA VAL C 87 9.47 10.12 23.55
C VAL C 87 9.86 9.49 22.19
N ARG C 88 9.52 8.20 22.00
CA ARG C 88 9.81 7.47 20.77
C ARG C 88 8.82 7.83 19.63
N VAL C 89 9.05 9.01 19.01
CA VAL C 89 8.24 9.56 17.91
C VAL C 89 8.98 9.48 16.55
N SER C 90 8.22 9.43 15.43
CA SER C 90 8.73 9.39 14.06
C SER C 90 7.77 10.07 13.05
N SER C 91 8.19 10.12 11.77
CA SER C 91 7.40 10.70 10.67
C SER C 91 7.64 9.95 9.35
N LEU C 92 6.55 9.69 8.61
CA LEU C 92 6.57 9.01 7.31
C LEU C 92 5.89 9.88 6.24
N ASN C 93 6.71 10.50 5.37
CA ASN C 93 6.25 11.37 4.28
C ASN C 93 7.02 11.12 2.96
N SER C 94 6.55 11.73 1.84
CA SER C 94 7.13 11.59 0.50
C SER C 94 8.58 12.08 0.39
N LYS C 95 8.85 13.32 0.89
CA LYS C 95 10.18 13.93 0.87
C LYS C 95 11.00 13.48 2.11
N LEU C 96 11.19 12.16 2.22
CA LEU C 96 11.94 11.47 3.28
C LEU C 96 12.65 10.27 2.66
N SER C 97 13.97 10.17 2.91
CA SER C 97 14.88 9.13 2.39
C SER C 97 14.33 7.70 2.46
N ALA C 98 14.60 6.91 1.40
CA ALA C 98 14.17 5.51 1.25
C ALA C 98 14.81 4.57 2.27
N GLN C 99 16.05 4.87 2.72
CA GLN C 99 16.76 4.08 3.74
C GLN C 99 16.14 4.35 5.12
N GLU C 100 15.68 5.61 5.34
CA GLU C 100 15.00 6.05 6.56
C GLU C 100 13.66 5.33 6.67
N ARG C 101 12.98 5.12 5.51
CA ARG C 101 11.71 4.40 5.38
C ARG C 101 11.93 2.95 5.78
N LYS C 102 13.03 2.33 5.27
CA LYS C 102 13.41 0.95 5.53
C LYS C 102 13.50 0.61 7.02
N GLU C 103 14.12 1.51 7.82
CA GLU C 103 14.30 1.36 9.27
C GLU C 103 12.97 1.47 10.02
N LEU C 104 12.14 2.48 9.67
CA LEU C 104 10.84 2.74 10.27
C LEU C 104 9.87 1.59 9.98
N LEU C 105 9.95 1.00 8.78
CA LEU C 105 9.15 -0.17 8.38
C LEU C 105 9.61 -1.42 9.13
N ALA C 106 10.95 -1.54 9.36
CA ALA C 106 11.57 -2.65 10.08
C ALA C 106 11.22 -2.64 11.57
N ASP C 107 11.21 -1.43 12.17
CA ASP C 107 10.87 -1.22 13.58
C ASP C 107 9.42 -1.64 13.88
N LEU C 108 8.48 -1.15 13.04
CA LEU C 108 7.04 -1.44 13.16
C LEU C 108 6.72 -2.92 12.94
N GLU C 109 7.49 -3.60 12.05
CA GLU C 109 7.32 -5.03 11.74
C GLU C 109 7.69 -5.94 12.92
N ARG C 110 8.57 -5.46 13.77
CA ARG C 110 9.04 -6.18 14.93
C ARG C 110 7.97 -6.49 15.98
N GLU C 111 8.24 -7.50 16.79
CA GLU C 111 7.30 -7.98 17.77
C GLU C 111 6.85 -6.89 18.73
N LYS C 112 7.77 -6.06 19.18
CA LYS C 112 7.41 -4.94 20.03
C LYS C 112 8.20 -3.83 19.40
N PRO C 113 7.47 -2.77 18.86
CA PRO C 113 8.28 -1.73 18.24
C PRO C 113 8.60 -0.60 19.17
N GLN C 114 9.74 0.06 18.91
CA GLN C 114 10.24 1.19 19.67
C GLN C 114 9.31 2.40 19.55
N THR C 115 8.80 2.65 18.35
CA THR C 115 7.87 3.73 18.00
C THR C 115 6.58 3.68 18.82
N LYS C 116 6.15 4.85 19.30
CA LYS C 116 4.94 5.01 20.10
C LYS C 116 3.93 5.93 19.39
N ILE C 117 4.43 7.02 18.75
CA ILE C 117 3.65 8.00 17.97
C ILE C 117 4.23 8.09 16.55
N LEU C 118 3.39 7.89 15.52
CA LEU C 118 3.80 8.00 14.12
C LEU C 118 3.01 9.08 13.39
N TYR C 119 3.68 10.19 13.06
CA TYR C 119 3.09 11.28 12.29
C TYR C 119 3.16 10.88 10.81
N ILE C 120 2.08 11.14 10.05
CA ILE C 120 1.95 10.71 8.64
C ILE C 120 1.09 11.70 7.83
N THR C 121 1.38 11.87 6.53
CA THR C 121 0.58 12.77 5.69
C THR C 121 -0.62 11.98 5.12
N PRO C 122 -1.79 12.63 4.79
CA PRO C 122 -2.93 11.86 4.24
C PRO C 122 -2.60 10.91 3.08
N GLU C 123 -1.79 11.35 2.11
N GLU C 123 -1.79 11.35 2.09
CA GLU C 123 -1.40 10.55 0.94
CA GLU C 123 -1.40 10.54 0.93
C GLU C 123 -0.63 9.27 1.31
C GLU C 123 -0.62 9.27 1.31
N MET C 124 0.28 9.34 2.31
CA MET C 124 1.06 8.19 2.77
C MET C 124 0.20 7.18 3.54
N ALA C 125 -0.70 7.67 4.41
CA ALA C 125 -1.62 6.84 5.19
C ALA C 125 -2.59 6.11 4.27
N ALA C 126 -3.02 6.77 3.18
CA ALA C 126 -3.95 6.23 2.19
C ALA C 126 -3.30 5.31 1.13
N SER C 127 -1.97 5.44 0.90
CA SER C 127 -1.17 4.66 -0.07
C SER C 127 -1.33 3.14 0.07
N SER C 128 -1.20 2.41 -1.07
CA SER C 128 -1.27 0.95 -1.12
C SER C 128 0.00 0.30 -0.54
N SER C 129 1.14 1.04 -0.55
CA SER C 129 2.44 0.59 -0.02
C SER C 129 2.48 0.48 1.52
N PHE C 130 1.65 1.29 2.22
CA PHE C 130 1.59 1.34 3.69
C PHE C 130 0.58 0.36 4.28
N GLN C 131 -0.26 -0.23 3.41
CA GLN C 131 -1.29 -1.18 3.81
C GLN C 131 -0.72 -2.46 4.46
N PRO C 132 0.36 -3.11 3.95
CA PRO C 132 0.89 -4.32 4.65
C PRO C 132 1.37 -4.07 6.09
N THR C 133 1.95 -2.87 6.34
CA THR C 133 2.45 -2.42 7.64
C THR C 133 1.27 -2.24 8.60
N LEU C 134 0.21 -1.61 8.09
CA LEU C 134 -1.03 -1.35 8.80
C LEU C 134 -1.81 -2.63 9.11
N ASN C 135 -1.81 -3.61 8.18
CA ASN C 135 -2.49 -4.90 8.36
C ASN C 135 -1.82 -5.71 9.47
N SER C 136 -0.48 -5.74 9.47
CA SER C 136 0.36 -6.42 10.46
C SER C 136 0.16 -5.86 11.87
N LEU C 137 -0.05 -4.53 12.01
CA LEU C 137 -0.27 -3.88 13.32
C LEU C 137 -1.60 -4.27 13.95
N VAL C 138 -2.68 -4.32 13.13
CA VAL C 138 -4.03 -4.68 13.56
C VAL C 138 -4.08 -6.16 14.00
N SER C 139 -3.44 -7.07 13.21
CA SER C 139 -3.34 -8.52 13.49
C SER C 139 -2.65 -8.78 14.84
N ARG C 140 -1.63 -7.96 15.16
CA ARG C 140 -0.85 -8.05 16.38
C ARG C 140 -1.49 -7.30 17.56
N HIS C 141 -2.59 -6.55 17.31
CA HIS C 141 -3.30 -5.71 18.30
C HIS C 141 -2.32 -4.65 18.84
N LEU C 142 -1.58 -4.04 17.90
CA LEU C 142 -0.55 -3.02 18.13
C LEU C 142 -1.00 -1.60 17.71
N LEU C 143 -2.26 -1.47 17.24
CA LEU C 143 -2.83 -0.18 16.82
C LEU C 143 -3.84 0.33 17.87
N SER C 144 -3.38 1.31 18.66
CA SER C 144 -4.12 1.93 19.75
C SER C 144 -5.06 3.05 19.34
N TYR C 145 -4.60 4.00 18.49
CA TYR C 145 -5.42 5.12 18.03
C TYR C 145 -5.09 5.56 16.62
N LEU C 146 -6.08 6.20 15.99
CA LEU C 146 -5.94 6.91 14.73
C LEU C 146 -6.32 8.33 15.10
N VAL C 147 -5.43 9.27 14.86
CA VAL C 147 -5.71 10.67 15.18
C VAL C 147 -5.73 11.45 13.87
N VAL C 148 -6.75 12.30 13.69
CA VAL C 148 -6.88 13.13 12.51
C VAL C 148 -6.86 14.60 12.94
N ASP C 149 -5.66 15.22 12.91
CA ASP C 149 -5.49 16.63 13.25
C ASP C 149 -5.92 17.50 12.07
N GLU C 150 -6.25 18.79 12.35
CA GLU C 150 -6.71 19.78 11.37
C GLU C 150 -7.85 19.16 10.53
N ALA C 151 -8.83 18.55 11.25
CA ALA C 151 -9.97 17.79 10.68
C ALA C 151 -10.93 18.62 9.83
N HIS C 152 -10.93 19.96 9.96
CA HIS C 152 -11.80 20.83 9.15
C HIS C 152 -11.43 20.78 7.64
N CYS C 153 -10.22 20.25 7.31
CA CYS C 153 -9.68 20.06 5.94
C CYS C 153 -10.55 19.11 5.06
N VAL C 154 -11.46 18.31 5.70
CA VAL C 154 -12.43 17.44 4.99
C VAL C 154 -13.53 18.29 4.28
N SER C 155 -13.78 19.51 4.81
CA SER C 155 -14.88 20.40 4.44
C SER C 155 -14.56 21.52 3.46
N GLN C 156 -15.46 21.69 2.49
CA GLN C 156 -15.39 22.78 1.50
C GLN C 156 -16.14 24.04 2.01
N TRP C 157 -16.64 23.97 3.25
CA TRP C 157 -17.34 25.07 3.93
C TRP C 157 -16.40 25.65 5.00
N GLY C 158 -15.20 25.06 5.10
CA GLY C 158 -14.11 25.45 5.99
C GLY C 158 -13.12 26.36 5.28
N HIS C 159 -12.00 26.68 5.96
CA HIS C 159 -10.99 27.62 5.47
C HIS C 159 -9.80 27.00 4.70
N ASP C 160 -9.68 25.65 4.68
CA ASP C 160 -8.57 24.96 4.04
C ASP C 160 -9.00 23.58 3.49
N PHE C 161 -9.91 23.53 2.49
CA PHE C 161 -10.34 22.24 1.95
C PHE C 161 -9.22 21.47 1.25
N ARG C 162 -9.05 20.18 1.59
CA ARG C 162 -8.02 19.32 1.01
C ARG C 162 -8.63 17.96 0.57
N PRO C 163 -8.78 17.70 -0.76
CA PRO C 163 -9.37 16.42 -1.21
C PRO C 163 -8.73 15.15 -0.65
N ASP C 164 -7.44 15.22 -0.26
CA ASP C 164 -6.66 14.14 0.37
C ASP C 164 -7.35 13.64 1.65
N TYR C 165 -7.98 14.58 2.41
CA TYR C 165 -8.69 14.29 3.66
C TYR C 165 -9.91 13.38 3.48
N LEU C 166 -10.56 13.45 2.31
CA LEU C 166 -11.74 12.64 1.98
C LEU C 166 -11.45 11.13 1.83
N ARG C 167 -10.17 10.75 1.66
CA ARG C 167 -9.73 9.36 1.57
C ARG C 167 -9.61 8.73 2.96
N LEU C 168 -9.66 9.55 4.03
CA LEU C 168 -9.48 9.09 5.41
C LEU C 168 -10.68 8.34 5.98
N GLY C 169 -11.88 8.47 5.39
CA GLY C 169 -13.06 7.73 5.86
C GLY C 169 -12.90 6.22 5.73
N ALA C 170 -12.50 5.74 4.53
CA ALA C 170 -12.27 4.31 4.27
C ALA C 170 -11.15 3.78 5.17
N LEU C 171 -10.10 4.60 5.43
CA LEU C 171 -9.02 4.24 6.34
C LEU C 171 -9.58 4.01 7.73
N ARG C 172 -10.37 4.97 8.27
CA ARG C 172 -10.99 4.85 9.59
C ARG C 172 -11.86 3.60 9.68
N SER C 173 -12.68 3.33 8.64
CA SER C 173 -13.55 2.15 8.58
C SER C 173 -12.75 0.83 8.55
N ARG C 174 -11.56 0.81 7.88
CA ARG C 174 -10.67 -0.38 7.84
C ARG C 174 -9.98 -0.60 9.19
N LEU C 175 -9.81 0.49 9.96
CA LEU C 175 -9.20 0.45 11.29
C LEU C 175 -10.26 0.48 12.41
N GLY C 176 -11.49 0.06 12.05
CA GLY C 176 -12.68 0.01 12.91
C GLY C 176 -12.48 -0.40 14.36
N HIS C 177 -11.60 -1.38 14.60
CA HIS C 177 -11.25 -1.94 15.92
C HIS C 177 -10.67 -0.90 16.93
N ALA C 178 -10.06 0.21 16.41
CA ALA C 178 -9.42 1.25 17.22
C ALA C 178 -10.20 2.57 17.25
N PRO C 179 -10.20 3.33 18.37
CA PRO C 179 -10.94 4.60 18.38
C PRO C 179 -10.26 5.74 17.60
N CYS C 180 -11.06 6.64 17.00
CA CYS C 180 -10.55 7.77 16.21
C CYS C 180 -10.75 9.13 16.93
N VAL C 181 -9.66 9.93 16.99
CA VAL C 181 -9.65 11.26 17.60
C VAL C 181 -9.57 12.35 16.51
N ALA C 182 -10.60 13.20 16.41
CA ALA C 182 -10.64 14.29 15.42
C ALA C 182 -10.52 15.65 16.12
N LEU C 183 -9.61 16.52 15.64
CA LEU C 183 -9.37 17.83 16.28
C LEU C 183 -9.39 19.02 15.31
N THR C 184 -10.05 20.14 15.72
CA THR C 184 -10.14 21.43 14.95
C THR C 184 -10.46 22.68 15.82
N ALA C 185 -10.30 23.89 15.24
CA ALA C 185 -10.60 25.19 15.85
C ALA C 185 -11.90 25.76 15.23
N THR C 186 -12.29 25.25 14.05
CA THR C 186 -13.49 25.65 13.30
C THR C 186 -14.70 25.10 14.06
N ALA C 187 -15.58 26.02 14.54
CA ALA C 187 -16.70 25.73 15.45
C ALA C 187 -18.10 25.68 14.82
N THR C 188 -18.21 25.85 13.49
CA THR C 188 -19.49 25.85 12.80
C THR C 188 -20.15 24.44 12.69
N PRO C 189 -21.52 24.39 12.70
CA PRO C 189 -22.23 23.10 12.57
C PRO C 189 -21.99 22.32 11.27
N GLN C 190 -21.91 23.03 10.12
CA GLN C 190 -21.67 22.41 8.81
C GLN C 190 -20.33 21.70 8.78
N VAL C 191 -19.31 22.30 9.42
CA VAL C 191 -17.97 21.71 9.53
C VAL C 191 -17.99 20.45 10.40
N GLN C 192 -18.66 20.49 11.59
CA GLN C 192 -18.75 19.33 12.49
C GLN C 192 -19.40 18.14 11.78
N GLU C 193 -20.51 18.40 11.07
CA GLU C 193 -21.28 17.40 10.31
C GLU C 193 -20.42 16.82 9.18
N ASP C 194 -19.55 17.66 8.57
CA ASP C 194 -18.66 17.21 7.50
C ASP C 194 -17.60 16.29 8.05
N VAL C 195 -17.02 16.62 9.23
CA VAL C 195 -16.00 15.80 9.92
C VAL C 195 -16.54 14.39 10.30
N PHE C 196 -17.73 14.35 10.92
CA PHE C 196 -18.42 13.12 11.38
C PHE C 196 -18.67 12.13 10.22
N ALA C 197 -19.20 12.61 9.10
CA ALA C 197 -19.49 11.85 7.89
C ALA C 197 -18.23 11.54 7.04
N ALA C 198 -17.28 12.50 6.87
CA ALA C 198 -16.06 12.22 6.06
C ALA C 198 -15.08 11.26 6.73
N LEU C 199 -15.06 11.22 8.08
CA LEU C 199 -14.15 10.31 8.79
C LEU C 199 -14.84 9.04 9.24
N HIS C 200 -16.14 8.85 8.85
CA HIS C 200 -16.97 7.69 9.19
C HIS C 200 -16.95 7.43 10.69
N LEU C 201 -16.93 8.51 11.48
CA LEU C 201 -16.86 8.45 12.95
C LEU C 201 -17.97 7.57 13.53
N LYS C 202 -17.61 6.73 14.52
CA LYS C 202 -18.53 5.82 15.23
C LYS C 202 -19.34 6.64 16.23
N LYS C 203 -20.69 6.55 16.13
CA LYS C 203 -21.64 7.26 16.99
C LYS C 203 -21.96 6.45 18.26
N PRO C 204 -22.22 7.10 19.44
CA PRO C 204 -22.22 8.55 19.71
C PRO C 204 -20.82 9.09 19.88
N VAL C 205 -20.51 10.20 19.21
CA VAL C 205 -19.19 10.85 19.32
C VAL C 205 -19.12 11.59 20.68
N ALA C 206 -17.99 11.46 21.41
CA ALA C 206 -17.79 12.22 22.65
C ALA C 206 -17.19 13.59 22.23
N ILE C 207 -17.98 14.68 22.42
CA ILE C 207 -17.65 16.04 21.99
C ILE C 207 -17.10 16.91 23.13
N PHE C 208 -15.97 17.58 22.86
CA PHE C 208 -15.31 18.50 23.77
C PHE C 208 -15.19 19.79 23.01
N LYS C 209 -16.17 20.68 23.23
CA LYS C 209 -16.33 21.94 22.53
C LYS C 209 -16.32 23.21 23.43
N THR C 210 -15.28 24.06 23.30
CA THR C 210 -15.17 25.32 24.06
C THR C 210 -16.33 26.24 23.65
N PRO C 211 -17.18 26.68 24.60
CA PRO C 211 -18.30 27.55 24.21
C PRO C 211 -17.85 28.95 23.78
N CYS C 212 -18.67 29.60 22.95
CA CYS C 212 -18.39 30.91 22.35
C CYS C 212 -18.77 32.13 23.22
N PHE C 213 -19.72 31.94 24.14
CA PHE C 213 -20.31 32.95 25.03
C PHE C 213 -19.30 33.76 25.84
N ARG C 214 -19.43 35.09 25.75
CA ARG C 214 -18.59 36.05 26.47
C ARG C 214 -19.53 37.04 27.22
N ALA C 215 -19.96 36.64 28.44
CA ALA C 215 -20.89 37.37 29.32
C ALA C 215 -20.53 38.83 29.61
N ASN C 216 -19.22 39.16 29.72
CA ASN C 216 -18.74 40.51 30.02
C ASN C 216 -18.84 41.51 28.84
N LEU C 217 -19.41 41.07 27.68
CA LEU C 217 -19.59 41.89 26.48
C LEU C 217 -21.03 42.30 26.31
N PHE C 218 -21.28 43.61 26.12
CA PHE C 218 -22.63 44.12 25.89
C PHE C 218 -22.78 44.35 24.38
N TYR C 219 -23.65 43.58 23.73
CA TYR C 219 -23.85 43.68 22.29
C TYR C 219 -25.06 44.52 21.95
N ASP C 220 -24.91 45.42 20.95
CA ASP C 220 -26.02 46.22 20.42
C ASP C 220 -25.76 46.62 18.95
N VAL C 221 -26.85 46.79 18.17
CA VAL C 221 -26.82 47.17 16.75
C VAL C 221 -27.62 48.50 16.55
N GLN C 222 -26.94 49.53 15.98
CA GLN C 222 -27.51 50.86 15.72
C GLN C 222 -27.67 51.10 14.21
N PHE C 223 -28.84 51.59 13.78
CA PHE C 223 -29.12 51.85 12.37
C PHE C 223 -28.82 53.29 11.96
N LYS C 224 -27.82 53.46 11.07
CA LYS C 224 -27.35 54.75 10.52
C LYS C 224 -28.45 55.60 9.86
N GLU C 225 -29.52 54.95 9.36
CA GLU C 225 -30.67 55.60 8.71
C GLU C 225 -31.56 56.39 9.69
N LEU C 226 -31.39 56.15 11.00
CA LEU C 226 -32.16 56.78 12.07
C LEU C 226 -31.35 57.80 12.90
N ILE C 227 -30.01 57.65 12.95
CA ILE C 227 -29.13 58.55 13.70
C ILE C 227 -28.97 59.90 12.97
N SER C 228 -29.37 61.00 13.64
CA SER C 228 -29.23 62.35 13.07
C SER C 228 -27.79 62.86 13.16
N ASP C 229 -27.17 62.75 14.36
CA ASP C 229 -25.77 63.15 14.56
C ASP C 229 -24.90 61.88 14.70
N PRO C 230 -24.28 61.39 13.60
CA PRO C 230 -23.48 60.15 13.68
C PRO C 230 -22.20 60.29 14.49
N TYR C 231 -21.42 61.36 14.26
CA TYR C 231 -20.17 61.59 14.99
C TYR C 231 -20.44 61.91 16.47
N GLY C 232 -21.63 62.44 16.76
CA GLY C 232 -22.08 62.75 18.10
C GLY C 232 -22.45 61.53 18.90
N ASN C 233 -23.10 60.55 18.23
CA ASN C 233 -23.53 59.26 18.80
C ASN C 233 -22.31 58.41 19.16
N LEU C 234 -21.27 58.40 18.29
CA LEU C 234 -20.03 57.66 18.49
C LEU C 234 -19.23 58.19 19.68
N LYS C 235 -19.10 59.54 19.81
CA LYS C 235 -18.38 60.19 20.92
C LYS C 235 -19.05 59.86 22.26
N ASP C 236 -20.42 59.89 22.29
CA ASP C 236 -21.23 59.56 23.45
C ASP C 236 -20.95 58.13 23.91
N PHE C 237 -20.89 57.17 22.95
CA PHE C 237 -20.62 55.76 23.19
C PHE C 237 -19.23 55.53 23.76
N CYS C 238 -18.19 56.14 23.15
CA CYS C 238 -16.80 56.01 23.61
C CYS C 238 -16.63 56.56 25.02
N LEU C 239 -17.36 57.61 25.33
CA LEU C 239 -17.22 58.21 26.62
C LEU C 239 -17.82 57.38 27.73
N LYS C 240 -19.07 56.98 27.58
CA LYS C 240 -19.69 56.22 28.64
C LYS C 240 -18.95 54.95 28.93
N ALA C 241 -18.59 54.23 27.87
CA ALA C 241 -17.90 52.97 28.06
C ALA C 241 -16.56 53.17 28.74
N LEU C 242 -15.84 54.19 28.34
CA LEU C 242 -14.54 54.51 28.93
C LEU C 242 -14.56 55.02 30.36
N GLY C 243 -15.50 55.89 30.67
CA GLY C 243 -15.59 56.44 32.01
C GLY C 243 -15.94 55.51 33.13
N GLN C 244 -16.93 54.67 32.87
CA GLN C 244 -17.49 53.68 33.79
C GLN C 244 -16.92 53.60 35.21
N SER C 251 -10.17 55.76 31.49
CA SER C 251 -9.79 54.43 31.99
C SER C 251 -10.04 53.35 30.93
N GLY C 252 -8.97 52.65 30.57
CA GLY C 252 -8.98 51.60 29.55
C GLY C 252 -8.79 52.16 28.16
N CYS C 253 -9.00 51.32 27.13
CA CYS C 253 -8.85 51.74 25.74
C CYS C 253 -10.06 51.38 24.87
N GLY C 254 -9.95 51.64 23.57
CA GLY C 254 -11.00 51.36 22.61
C GLY C 254 -10.52 51.30 21.18
N ILE C 255 -11.29 50.57 20.35
CA ILE C 255 -11.02 50.36 18.93
C ILE C 255 -12.29 50.71 18.14
N VAL C 256 -12.11 51.41 17.01
CA VAL C 256 -13.19 51.76 16.09
C VAL C 256 -12.81 51.19 14.74
N TYR C 257 -13.57 50.20 14.26
CA TYR C 257 -13.34 49.53 12.98
C TYR C 257 -14.17 50.14 11.87
N CYS C 258 -13.53 50.46 10.74
CA CYS C 258 -14.18 51.03 9.56
C CYS C 258 -13.73 50.30 8.29
N ARG C 259 -14.40 50.55 7.15
CA ARG C 259 -14.11 49.91 5.86
C ARG C 259 -13.01 50.64 5.08
N THR C 260 -13.23 51.94 4.75
CA THR C 260 -12.31 52.73 3.92
C THR C 260 -11.32 53.55 4.76
N ARG C 261 -10.12 53.82 4.16
CA ARG C 261 -9.03 54.63 4.72
C ARG C 261 -9.46 56.10 4.86
N GLU C 262 -10.43 56.53 4.04
CA GLU C 262 -11.00 57.88 4.04
C GLU C 262 -11.85 58.05 5.31
N ALA C 263 -12.70 57.04 5.62
CA ALA C 263 -13.55 56.99 6.83
C ALA C 263 -12.64 56.85 8.07
N CYS C 264 -11.50 56.16 7.93
CA CYS C 264 -10.49 55.97 8.98
C CYS C 264 -9.90 57.32 9.39
N GLU C 265 -9.52 58.17 8.40
CA GLU C 265 -8.94 59.50 8.62
C GLU C 265 -9.96 60.48 9.18
N GLN C 266 -11.19 60.47 8.64
CA GLN C 266 -12.31 61.33 9.08
C GLN C 266 -12.70 61.04 10.54
N LEU C 267 -12.87 59.73 10.90
CA LEU C 267 -13.23 59.32 12.26
C LEU C 267 -12.20 59.72 13.31
N ALA C 268 -10.89 59.64 12.97
CA ALA C 268 -9.79 60.04 13.85
C ALA C 268 -9.79 61.56 14.11
N ILE C 269 -10.19 62.35 13.09
CA ILE C 269 -10.29 63.81 13.16
C ILE C 269 -11.54 64.21 13.95
N GLU C 270 -12.72 63.70 13.54
CA GLU C 270 -14.03 63.98 14.14
C GLU C 270 -14.08 63.70 15.64
N LEU C 271 -13.48 62.59 16.10
CA LEU C 271 -13.48 62.25 17.53
C LEU C 271 -12.65 63.24 18.36
N SER C 272 -11.46 63.62 17.87
CA SER C 272 -10.59 64.59 18.54
C SER C 272 -11.29 65.96 18.73
N CYS C 273 -11.99 66.40 17.70
CA CYS C 273 -12.67 67.68 17.70
C CYS C 273 -13.66 67.73 18.80
N ARG C 274 -14.24 66.56 19.07
CA ARG C 274 -15.27 66.43 20.08
C ARG C 274 -14.67 66.02 21.43
N GLY C 275 -13.35 66.07 21.53
CA GLY C 275 -12.71 65.75 22.78
C GLY C 275 -12.42 64.32 23.14
N VAL C 276 -12.47 63.43 22.16
CA VAL C 276 -12.11 62.04 22.41
C VAL C 276 -10.85 61.88 21.59
N ASN C 277 -9.72 61.62 22.25
CA ASN C 277 -8.47 61.55 21.52
C ASN C 277 -8.32 60.31 20.72
N ALA C 278 -8.19 60.46 19.42
CA ALA C 278 -8.08 59.31 18.56
C ALA C 278 -7.04 59.46 17.49
N LYS C 279 -6.60 58.33 16.98
CA LYS C 279 -5.61 58.27 15.89
C LYS C 279 -5.99 57.20 14.85
N ALA C 280 -5.62 57.43 13.58
CA ALA C 280 -5.92 56.53 12.45
C ALA C 280 -4.84 55.46 12.25
N TYR C 281 -5.26 54.27 11.77
CA TYR C 281 -4.42 53.11 11.50
C TYR C 281 -4.91 52.40 10.24
N HIS C 282 -4.12 52.45 9.15
CA HIS C 282 -4.48 51.86 7.86
C HIS C 282 -3.26 51.44 7.02
N ALA C 283 -3.52 50.79 5.86
CA ALA C 283 -2.49 50.33 4.92
C ALA C 283 -2.09 51.44 3.97
N ARG C 290 4.07 54.01 10.64
CA ARG C 290 2.90 53.23 11.03
C ARG C 290 3.02 52.68 12.47
N THR C 291 4.25 52.37 12.91
CA THR C 291 4.55 51.80 14.23
C THR C 291 4.28 52.76 15.40
N LEU C 292 4.25 54.09 15.15
CA LEU C 292 4.00 55.12 16.17
C LEU C 292 2.60 55.00 16.78
N VAL C 293 1.57 54.79 15.93
CA VAL C 293 0.16 54.64 16.30
C VAL C 293 -0.03 53.43 17.24
N GLN C 294 0.70 52.33 16.96
CA GLN C 294 0.68 51.08 17.72
C GLN C 294 1.10 51.33 19.18
N ASN C 295 2.33 51.81 19.39
CA ASN C 295 2.91 52.09 20.71
C ASN C 295 2.13 53.12 21.54
N ASP C 296 1.60 54.17 20.88
CA ASP C 296 0.81 55.23 21.52
C ASP C 296 -0.45 54.68 22.19
N TRP C 297 -1.22 53.84 21.47
CA TRP C 297 -2.43 53.18 21.97
C TRP C 297 -2.07 52.14 23.04
N MET C 298 -1.04 51.32 22.77
CA MET C 298 -0.53 50.27 23.67
C MET C 298 -0.11 50.83 25.03
N GLU C 299 0.69 51.92 25.04
CA GLU C 299 1.20 52.55 26.26
C GLU C 299 0.18 53.49 26.94
N GLU C 300 -1.12 53.33 26.62
CA GLU C 300 -2.27 54.09 27.14
C GLU C 300 -2.12 55.63 26.98
N LYS C 301 -1.22 56.08 26.06
CA LYS C 301 -0.98 57.50 25.75
C LYS C 301 -2.15 58.06 24.93
N VAL C 302 -2.75 57.21 24.08
CA VAL C 302 -3.92 57.52 23.24
C VAL C 302 -4.98 56.45 23.59
N PRO C 303 -6.21 56.82 24.01
CA PRO C 303 -7.19 55.78 24.38
C PRO C 303 -7.87 55.07 23.20
N VAL C 304 -8.38 55.83 22.22
CA VAL C 304 -9.11 55.28 21.07
C VAL C 304 -8.24 55.17 19.82
N ILE C 305 -8.34 54.02 19.11
CA ILE C 305 -7.68 53.73 17.83
C ILE C 305 -8.76 53.53 16.75
N VAL C 306 -8.57 54.09 15.55
CA VAL C 306 -9.47 53.92 14.41
C VAL C 306 -8.71 53.03 13.41
N ALA C 307 -9.18 51.78 13.22
CA ALA C 307 -8.48 50.80 12.39
C ALA C 307 -9.26 50.28 11.18
N THR C 308 -8.47 49.84 10.17
CA THR C 308 -8.92 49.25 8.90
C THR C 308 -8.50 47.76 8.93
N ILE C 309 -7.33 47.48 9.54
CA ILE C 309 -6.73 46.16 9.69
C ILE C 309 -6.09 45.97 11.10
N SER C 310 -5.63 44.73 11.42
CA SER C 310 -5.00 44.35 12.69
C SER C 310 -3.64 45.05 12.91
N ASP C 316 -1.72 41.51 22.54
CA ASP C 316 -3.08 42.05 22.56
C ASP C 316 -3.41 42.63 23.94
N LYS C 317 -3.87 43.90 23.99
CA LYS C 317 -4.22 44.61 25.23
C LYS C 317 -5.48 44.02 25.88
N ALA C 318 -5.38 43.65 27.17
CA ALA C 318 -6.47 43.04 27.93
C ALA C 318 -7.48 44.03 28.55
N ASN C 319 -7.25 45.35 28.44
CA ASN C 319 -8.14 46.35 29.02
C ASN C 319 -8.91 47.19 27.96
N VAL C 320 -9.61 46.49 27.04
CA VAL C 320 -10.40 47.10 25.96
C VAL C 320 -11.85 47.22 26.44
N ARG C 321 -12.29 48.45 26.71
CA ARG C 321 -13.61 48.74 27.26
C ARG C 321 -14.72 48.87 26.21
N PHE C 322 -14.35 48.99 24.91
CA PHE C 322 -15.29 49.09 23.79
C PHE C 322 -14.63 48.76 22.45
N VAL C 323 -15.42 48.17 21.54
CA VAL C 323 -15.06 47.89 20.14
C VAL C 323 -16.26 48.37 19.34
N ALA C 324 -16.04 49.38 18.49
CA ALA C 324 -17.09 49.96 17.66
C ALA C 324 -16.92 49.55 16.20
N HIS C 325 -17.97 49.00 15.60
CA HIS C 325 -17.95 48.60 14.20
C HIS C 325 -18.70 49.66 13.44
N TRP C 326 -17.95 50.65 12.91
CA TRP C 326 -18.53 51.77 12.15
C TRP C 326 -19.24 51.28 10.91
N ASN C 327 -18.72 50.22 10.29
CA ASN C 327 -19.33 49.57 9.11
C ASN C 327 -19.46 48.08 9.35
N ILE C 328 -20.41 47.41 8.67
CA ILE C 328 -20.61 45.96 8.76
C ILE C 328 -19.31 45.22 8.36
N ALA C 329 -18.89 44.23 9.19
CA ALA C 329 -17.74 43.37 8.95
C ALA C 329 -18.06 42.40 7.80
N LYS C 330 -17.03 41.72 7.25
CA LYS C 330 -17.14 40.82 6.09
C LYS C 330 -17.81 39.44 6.35
N SER C 331 -17.88 39.00 7.61
CA SER C 331 -18.48 37.71 7.97
C SER C 331 -18.81 37.65 9.47
N MET C 332 -19.64 36.67 9.87
CA MET C 332 -20.01 36.43 11.26
C MET C 332 -18.77 36.08 12.05
N ALA C 333 -17.95 35.16 11.54
CA ALA C 333 -16.68 34.73 12.15
C ALA C 333 -15.71 35.89 12.32
N GLY C 334 -15.72 36.84 11.39
CA GLY C 334 -14.91 38.05 11.48
C GLY C 334 -15.41 38.96 12.59
N TYR C 335 -16.74 39.19 12.63
CA TYR C 335 -17.36 40.01 13.68
C TYR C 335 -17.10 39.42 15.07
N TYR C 336 -17.34 38.11 15.23
CA TYR C 336 -17.13 37.41 16.49
C TYR C 336 -15.70 37.64 17.00
N GLN C 337 -14.70 37.46 16.14
CA GLN C 337 -13.29 37.62 16.49
C GLN C 337 -12.88 39.10 16.71
N GLU C 338 -13.40 40.04 15.89
CA GLU C 338 -13.08 41.48 15.98
C GLU C 338 -13.72 42.11 17.22
N SER C 339 -15.03 41.83 17.48
CA SER C 339 -15.74 42.28 18.68
C SER C 339 -15.17 41.61 19.94
N GLY C 340 -14.69 40.36 19.78
CA GLY C 340 -14.09 39.56 20.84
C GLY C 340 -12.74 40.05 21.36
N ARG C 341 -12.22 41.16 20.82
CA ARG C 341 -10.95 41.77 21.28
C ARG C 341 -11.20 42.61 22.55
N ALA C 342 -12.48 42.87 22.85
CA ALA C 342 -12.98 43.63 24.00
C ALA C 342 -13.10 42.74 25.26
N GLY C 343 -12.79 43.32 26.41
CA GLY C 343 -12.93 42.72 27.74
C GLY C 343 -12.23 41.42 28.05
N ARG C 344 -10.94 41.30 27.69
CA ARG C 344 -10.16 40.08 27.98
C ARG C 344 -9.73 39.97 29.46
N ASP C 345 -10.00 41.03 30.26
CA ASP C 345 -9.70 41.09 31.69
C ASP C 345 -10.84 40.51 32.53
N GLY C 346 -12.06 40.59 31.99
CA GLY C 346 -13.26 40.08 32.64
C GLY C 346 -14.24 41.17 33.05
N LYS C 347 -13.83 42.44 32.91
CA LYS C 347 -14.63 43.62 33.26
C LYS C 347 -15.65 43.97 32.16
N PRO C 348 -16.82 44.59 32.48
CA PRO C 348 -17.79 44.90 31.42
C PRO C 348 -17.29 45.79 30.28
N SER C 349 -17.59 45.36 29.03
CA SER C 349 -17.23 46.05 27.78
C SER C 349 -18.44 46.22 26.86
N TRP C 350 -18.37 47.20 25.94
CA TRP C 350 -19.48 47.48 25.03
C TRP C 350 -19.09 47.29 23.56
N CYS C 351 -19.76 46.32 22.90
CA CYS C 351 -19.55 45.99 21.49
C CYS C 351 -20.74 46.49 20.69
N ARG C 352 -20.52 47.51 19.84
CA ARG C 352 -21.57 48.10 19.01
C ARG C 352 -21.28 47.89 17.52
N LEU C 353 -22.34 47.64 16.76
CA LEU C 353 -22.31 47.47 15.32
C LEU C 353 -23.23 48.52 14.69
N TYR C 354 -22.65 49.45 13.91
CA TYR C 354 -23.44 50.46 13.20
C TYR C 354 -23.77 49.89 11.81
N TYR C 355 -25.06 49.67 11.56
CA TYR C 355 -25.56 49.07 10.35
C TYR C 355 -26.31 50.04 9.45
N SER C 356 -26.18 49.83 8.14
CA SER C 356 -26.90 50.55 7.11
C SER C 356 -27.03 49.64 5.92
N ARG C 357 -28.18 49.68 5.24
CA ARG C 357 -28.50 48.90 4.06
C ARG C 357 -27.62 49.30 2.86
N ASN C 358 -27.15 50.58 2.82
CA ASN C 358 -26.20 51.10 1.83
C ASN C 358 -24.85 50.42 2.04
N ASP C 359 -24.44 50.26 3.32
CA ASP C 359 -23.20 49.57 3.71
C ASP C 359 -23.28 48.06 3.46
N ARG C 360 -24.49 47.46 3.64
CA ARG C 360 -24.75 46.03 3.36
C ARG C 360 -24.41 45.81 1.86
N ASP C 361 -24.97 46.69 0.99
CA ASP C 361 -24.80 46.72 -0.47
C ASP C 361 -23.32 46.91 -0.91
N GLN C 362 -22.56 47.78 -0.23
CA GLN C 362 -21.14 48.01 -0.57
C GLN C 362 -20.27 46.80 -0.29
N VAL C 363 -20.36 46.25 0.93
CA VAL C 363 -19.55 45.11 1.39
C VAL C 363 -19.91 43.86 0.58
N SER C 364 -21.20 43.66 0.25
CA SER C 364 -21.65 42.52 -0.55
C SER C 364 -21.02 42.62 -1.98
N PHE C 365 -21.05 43.84 -2.57
CA PHE C 365 -20.48 44.13 -3.89
C PHE C 365 -18.98 43.72 -3.92
N LEU C 366 -18.20 44.18 -2.93
CA LEU C 366 -16.77 43.95 -2.79
C LEU C 366 -16.40 42.47 -2.63
N ILE C 367 -17.26 41.72 -1.91
CA ILE C 367 -17.09 40.29 -1.69
C ILE C 367 -17.29 39.53 -3.03
N ARG C 368 -18.39 39.87 -3.76
CA ARG C 368 -18.74 39.28 -5.05
C ARG C 368 -17.66 39.52 -6.14
N LYS C 369 -17.02 40.71 -6.12
CA LYS C 369 -15.91 41.04 -7.02
C LYS C 369 -14.71 40.13 -6.71
N GLU C 370 -14.40 39.91 -5.40
CA GLU C 370 -13.32 39.02 -4.93
C GLU C 370 -13.54 37.57 -5.38
N VAL C 371 -14.78 37.05 -5.22
CA VAL C 371 -15.15 35.68 -5.65
C VAL C 371 -14.95 35.53 -7.18
N ALA C 372 -15.44 36.54 -7.96
CA ALA C 372 -15.36 36.54 -9.43
C ALA C 372 -13.88 36.56 -9.89
N LYS C 373 -13.05 37.38 -9.24
CA LYS C 373 -11.61 37.44 -9.50
C LYS C 373 -10.95 36.06 -9.27
N LEU C 374 -11.45 35.28 -8.28
CA LEU C 374 -10.97 33.93 -8.01
C LEU C 374 -11.45 32.91 -9.03
N GLN C 375 -12.73 33.02 -9.47
CA GLN C 375 -13.32 32.16 -10.51
C GLN C 375 -12.63 32.38 -11.88
N GLU C 376 -12.18 33.63 -12.14
CA GLU C 376 -11.46 34.05 -13.35
C GLU C 376 -10.12 33.33 -13.37
N LYS C 377 -9.53 33.15 -12.18
CA LYS C 377 -8.26 32.48 -12.02
C LYS C 377 -8.38 30.94 -12.16
N ARG C 378 -9.16 30.26 -11.27
CA ARG C 378 -9.23 28.79 -11.23
C ARG C 378 -10.63 28.12 -11.39
N GLY C 379 -11.61 28.84 -11.91
CA GLY C 379 -12.96 28.29 -12.08
C GLY C 379 -13.74 28.13 -10.79
N ASN C 380 -14.94 27.52 -10.89
CA ASN C 380 -15.87 27.31 -9.76
C ASN C 380 -15.39 26.32 -8.70
N LYS C 381 -15.61 26.69 -7.41
CA LYS C 381 -15.29 25.95 -6.19
C LYS C 381 -16.44 26.20 -5.16
N ALA C 382 -16.81 25.17 -4.35
CA ALA C 382 -17.90 25.29 -3.36
C ALA C 382 -17.67 26.34 -2.26
N SER C 383 -16.42 26.77 -2.04
CA SER C 383 -16.06 27.81 -1.08
C SER C 383 -16.56 29.20 -1.52
N ASP C 384 -16.82 29.40 -2.82
CA ASP C 384 -17.33 30.65 -3.38
C ASP C 384 -18.68 31.04 -2.73
N LYS C 385 -19.60 30.05 -2.64
CA LYS C 385 -20.94 30.17 -2.03
C LYS C 385 -20.86 30.40 -0.50
N ALA C 386 -19.89 29.75 0.17
CA ALA C 386 -19.67 29.85 1.61
C ALA C 386 -19.26 31.28 2.06
N THR C 387 -18.51 32.02 1.21
CA THR C 387 -18.07 33.39 1.46
C THR C 387 -19.27 34.36 1.49
N ILE C 388 -20.20 34.19 0.56
CA ILE C 388 -21.43 34.97 0.44
C ILE C 388 -22.35 34.68 1.66
N MET C 389 -22.64 33.39 1.91
CA MET C 389 -23.46 32.93 3.03
C MET C 389 -22.94 33.42 4.40
N ALA C 390 -21.61 33.52 4.57
CA ALA C 390 -20.98 33.99 5.82
C ALA C 390 -21.20 35.52 6.07
N PHE C 391 -21.27 36.32 4.98
CA PHE C 391 -21.61 37.72 5.09
C PHE C 391 -23.10 37.82 5.39
N ASP C 392 -23.93 37.09 4.61
CA ASP C 392 -25.39 37.07 4.76
C ASP C 392 -25.86 36.68 6.17
N ALA C 393 -25.06 35.90 6.90
CA ALA C 393 -25.38 35.51 8.28
C ALA C 393 -25.22 36.72 9.24
N LEU C 394 -24.24 37.62 8.97
CA LEU C 394 -24.02 38.84 9.75
C LEU C 394 -25.13 39.89 9.47
N VAL C 395 -25.64 39.93 8.24
CA VAL C 395 -26.77 40.80 7.87
C VAL C 395 -27.98 40.38 8.68
N THR C 396 -28.29 39.05 8.66
CA THR C 396 -29.38 38.42 9.42
C THR C 396 -29.31 38.82 10.92
N PHE C 397 -28.10 38.82 11.53
CA PHE C 397 -27.83 39.24 12.90
C PHE C 397 -28.17 40.71 13.15
N CYS C 398 -27.96 41.59 12.13
CA CYS C 398 -28.24 43.04 12.20
C CYS C 398 -29.71 43.37 12.06
N GLU C 399 -30.43 42.58 11.27
CA GLU C 399 -31.84 42.80 11.02
C GLU C 399 -32.80 41.92 11.81
N GLU C 400 -32.29 41.09 12.73
CA GLU C 400 -33.13 40.16 13.50
C GLU C 400 -33.57 40.72 14.86
N LEU C 401 -34.58 40.05 15.43
CA LEU C 401 -35.17 40.31 16.74
C LEU C 401 -34.89 39.08 17.61
N GLY C 402 -33.97 39.22 18.53
CA GLY C 402 -33.58 38.15 19.44
C GLY C 402 -32.30 38.48 20.16
N CYS C 403 -31.98 37.70 21.22
CA CYS C 403 -30.73 37.86 21.98
C CYS C 403 -29.56 37.83 21.02
N ARG C 404 -28.61 38.77 21.19
CA ARG C 404 -27.42 38.83 20.33
C ARG C 404 -26.45 37.71 20.69
N HIS C 405 -26.36 37.41 21.98
CA HIS C 405 -25.49 36.34 22.46
C HIS C 405 -26.02 34.99 21.95
N ALA C 406 -27.37 34.83 21.88
CA ALA C 406 -28.05 33.63 21.37
C ALA C 406 -27.95 33.45 19.85
N ALA C 407 -27.86 34.58 19.09
CA ALA C 407 -27.71 34.55 17.63
C ALA C 407 -26.30 34.06 17.30
N ILE C 408 -25.30 34.49 18.08
CA ILE C 408 -23.91 34.10 17.91
C ILE C 408 -23.75 32.60 18.25
N ALA C 409 -24.30 32.16 19.41
CA ALA C 409 -24.24 30.77 19.88
C ALA C 409 -24.82 29.80 18.86
N LYS C 410 -25.97 30.14 18.26
CA LYS C 410 -26.64 29.36 17.24
C LYS C 410 -25.75 29.19 15.99
N TYR C 411 -24.97 30.24 15.64
CA TYR C 411 -24.06 30.22 14.48
C TYR C 411 -22.97 29.20 14.67
N PHE C 412 -22.47 29.09 15.91
CA PHE C 412 -21.38 28.20 16.26
C PHE C 412 -21.87 26.90 16.92
N GLY C 413 -23.11 26.52 16.65
CA GLY C 413 -23.75 25.31 17.16
C GLY C 413 -23.74 25.12 18.67
N ASP C 414 -23.71 26.22 19.43
CA ASP C 414 -23.71 26.16 20.91
C ASP C 414 -25.12 26.26 21.50
N ALA C 415 -25.22 25.87 22.78
CA ALA C 415 -26.44 25.89 23.61
C ALA C 415 -26.79 27.35 23.93
N LEU C 416 -28.09 27.66 24.15
CA LEU C 416 -28.53 29.02 24.48
C LEU C 416 -27.73 29.62 25.65
N PRO C 417 -27.11 30.80 25.46
CA PRO C 417 -26.33 31.38 26.55
C PRO C 417 -27.17 32.18 27.55
N ALA C 418 -26.69 32.24 28.80
CA ALA C 418 -27.34 32.97 29.90
C ALA C 418 -27.04 34.48 29.79
N CYS C 419 -27.83 35.18 28.94
CA CYS C 419 -27.71 36.62 28.72
C CYS C 419 -28.47 37.36 29.84
N ALA C 420 -27.72 37.75 30.89
CA ALA C 420 -28.24 38.50 32.04
C ALA C 420 -28.33 39.96 31.61
N LYS C 421 -29.31 40.26 30.71
CA LYS C 421 -29.52 41.56 30.08
C LYS C 421 -28.16 42.08 29.56
N GLY C 422 -27.43 41.20 28.86
CA GLY C 422 -26.10 41.49 28.34
C GLY C 422 -26.07 41.91 26.89
N CYS C 423 -27.25 42.30 26.36
CA CYS C 423 -27.42 42.79 25.00
C CYS C 423 -28.63 43.76 24.89
N ASP C 424 -28.76 44.49 23.76
CA ASP C 424 -29.85 45.46 23.56
C ASP C 424 -31.24 44.85 23.57
N HIS C 425 -31.42 43.69 22.91
CA HIS C 425 -32.73 43.02 22.82
C HIS C 425 -33.18 42.40 24.14
N CYS C 426 -32.22 42.01 25.02
CA CYS C 426 -32.54 41.44 26.33
C CYS C 426 -32.76 42.57 27.38
N GLN C 427 -32.24 43.80 27.10
CA GLN C 427 -32.39 44.99 27.94
C GLN C 427 -33.75 45.67 27.68
N ASN C 428 -34.13 45.83 26.40
CA ASN C 428 -35.40 46.41 25.98
C ASN C 428 -35.83 45.86 24.61
N PRO C 429 -36.54 44.71 24.58
CA PRO C 429 -36.94 44.11 23.29
C PRO C 429 -37.92 44.93 22.47
N THR C 430 -38.71 45.78 23.15
CA THR C 430 -39.73 46.66 22.56
C THR C 430 -39.11 47.79 21.74
N ALA C 431 -38.05 48.44 22.27
CA ALA C 431 -37.31 49.52 21.61
C ALA C 431 -36.63 48.97 20.32
N VAL C 432 -36.07 47.73 20.40
CA VAL C 432 -35.42 47.01 19.31
C VAL C 432 -36.42 46.71 18.17
N ARG C 433 -37.67 46.33 18.54
CA ARG C 433 -38.72 46.06 17.55
C ARG C 433 -39.22 47.34 16.87
N ARG C 434 -39.20 48.49 17.60
CA ARG C 434 -39.64 49.78 17.09
C ARG C 434 -38.64 50.35 16.09
N ARG C 435 -37.32 50.24 16.40
CA ARG C 435 -36.20 50.66 15.57
C ARG C 435 -36.25 49.95 14.20
N LEU C 436 -36.52 48.64 14.18
CA LEU C 436 -36.64 47.83 12.97
C LEU C 436 -37.81 48.31 12.09
N GLU C 437 -38.95 48.64 12.73
CA GLU C 437 -40.14 49.13 12.04
C GLU C 437 -39.88 50.50 11.41
N ALA C 438 -39.01 51.31 12.05
CA ALA C 438 -38.63 52.65 11.59
C ALA C 438 -37.66 52.56 10.42
N LEU C 439 -36.77 51.51 10.41
CA LEU C 439 -35.81 51.27 9.33
C LEU C 439 -36.58 51.10 8.02
N GLU C 440 -37.67 50.32 8.06
CA GLU C 440 -38.55 50.05 6.92
C GLU C 440 -39.29 51.31 6.44
N ARG C 441 -39.65 52.20 7.40
CA ARG C 441 -40.33 53.47 7.16
C ARG C 441 -39.44 54.49 6.42
N SER C 442 -38.10 54.47 6.68
CA SER C 442 -37.16 55.40 6.02
C SER C 442 -37.04 55.23 4.50
N SER C 443 -37.34 54.01 3.98
CA SER C 443 -37.32 53.69 2.55
C SER C 443 -38.72 53.74 1.92
N SER C 444 -39.74 54.11 2.71
CA SER C 444 -41.15 54.20 2.32
C SER C 444 -41.47 55.52 1.54
N TRP C 445 -42.78 55.74 1.22
CA TRP C 445 -43.25 56.92 0.49
C TRP C 445 -43.85 57.94 1.45
N ASP D 3 -58.97 -31.44 -15.66
CA ASP D 3 -57.83 -30.62 -15.24
C ASP D 3 -58.32 -29.27 -14.67
N PRO D 4 -57.86 -28.87 -13.44
CA PRO D 4 -58.31 -27.59 -12.86
C PRO D 4 -57.98 -26.34 -13.67
N GLU D 5 -57.13 -26.48 -14.72
CA GLU D 5 -56.69 -25.44 -15.66
C GLU D 5 -57.89 -24.81 -16.40
N ARG D 6 -58.89 -25.65 -16.77
CA ARG D 6 -60.11 -25.25 -17.48
C ARG D 6 -60.92 -24.24 -16.66
N ARG D 7 -61.25 -24.59 -15.39
CA ARG D 7 -62.00 -23.76 -14.45
C ARG D 7 -61.30 -22.43 -14.13
N VAL D 8 -59.95 -22.46 -14.03
CA VAL D 8 -59.11 -21.28 -13.78
C VAL D 8 -59.19 -20.35 -14.99
N ARG D 9 -58.97 -20.90 -16.22
CA ARG D 9 -59.04 -20.17 -17.49
C ARG D 9 -60.44 -19.59 -17.73
N SER D 10 -61.50 -20.33 -17.32
CA SER D 10 -62.91 -19.93 -17.44
C SER D 10 -63.24 -18.71 -16.58
N THR D 11 -62.82 -18.72 -15.28
CA THR D 11 -63.04 -17.62 -14.33
C THR D 11 -62.17 -16.40 -14.69
N LEU D 12 -61.03 -16.64 -15.38
CA LEU D 12 -60.11 -15.60 -15.85
C LEU D 12 -60.78 -14.70 -16.91
N LYS D 13 -61.59 -15.29 -17.80
CA LYS D 13 -62.32 -14.58 -18.86
C LYS D 13 -63.75 -14.20 -18.48
N LYS D 14 -64.46 -15.06 -17.73
CA LYS D 14 -65.85 -14.83 -17.31
C LYS D 14 -66.01 -13.80 -16.19
N VAL D 15 -65.04 -13.71 -15.26
CA VAL D 15 -65.09 -12.77 -14.14
C VAL D 15 -64.08 -11.63 -14.33
N PHE D 16 -62.79 -11.96 -14.54
CA PHE D 16 -61.73 -10.95 -14.68
C PHE D 16 -61.63 -10.33 -16.08
N GLY D 17 -62.08 -11.05 -17.10
CA GLY D 17 -62.07 -10.59 -18.48
C GLY D 17 -60.70 -10.64 -19.14
N PHE D 18 -60.00 -11.77 -18.98
CA PHE D 18 -58.67 -12.00 -19.56
C PHE D 18 -58.58 -13.35 -20.27
N ASP D 19 -57.96 -13.35 -21.47
CA ASP D 19 -57.78 -14.54 -22.32
C ASP D 19 -56.57 -15.37 -21.90
N SER D 20 -55.54 -14.69 -21.37
CA SER D 20 -54.27 -15.31 -20.95
C SER D 20 -53.64 -14.61 -19.74
N PHE D 21 -52.73 -15.33 -19.05
CA PHE D 21 -51.96 -14.80 -17.91
C PHE D 21 -50.83 -13.92 -18.45
N LYS D 22 -50.52 -12.80 -17.74
CA LYS D 22 -49.47 -11.83 -18.10
C LYS D 22 -48.12 -12.47 -18.44
N THR D 23 -47.73 -13.53 -17.67
CA THR D 23 -46.47 -14.29 -17.80
C THR D 23 -46.71 -15.75 -17.40
N PRO D 24 -45.84 -16.72 -17.78
CA PRO D 24 -46.01 -18.10 -17.30
C PRO D 24 -45.81 -18.21 -15.78
N LEU D 25 -45.09 -17.24 -15.18
CA LEU D 25 -44.83 -17.17 -13.75
C LEU D 25 -46.11 -16.80 -12.99
N GLN D 26 -46.90 -15.84 -13.54
CA GLN D 26 -48.19 -15.43 -12.97
C GLN D 26 -49.13 -16.65 -12.98
N GLU D 27 -49.12 -17.42 -14.10
CA GLU D 27 -49.89 -18.65 -14.30
C GLU D 27 -49.48 -19.70 -13.26
N SER D 28 -48.15 -19.92 -13.12
CA SER D 28 -47.56 -20.88 -12.17
C SER D 28 -47.95 -20.57 -10.73
N ALA D 29 -47.84 -19.29 -10.32
CA ALA D 29 -48.17 -18.79 -8.98
C ALA D 29 -49.64 -19.03 -8.65
N THR D 30 -50.55 -18.54 -9.51
CA THR D 30 -52.01 -18.65 -9.38
C THR D 30 -52.46 -20.10 -9.18
N MET D 31 -51.87 -21.06 -9.95
CA MET D 31 -52.19 -22.49 -9.88
C MET D 31 -51.84 -23.11 -8.53
N ALA D 32 -50.64 -22.81 -8.00
CA ALA D 32 -50.20 -23.33 -6.70
C ALA D 32 -51.10 -22.82 -5.57
N VAL D 33 -51.58 -21.56 -5.69
CA VAL D 33 -52.50 -20.95 -4.72
C VAL D 33 -53.83 -21.74 -4.77
N VAL D 34 -54.38 -21.99 -6.00
CA VAL D 34 -55.60 -22.80 -6.29
C VAL D 34 -55.54 -24.20 -5.61
N LYS D 35 -54.39 -24.88 -5.71
CA LYS D 35 -54.14 -26.20 -5.10
C LYS D 35 -54.40 -26.19 -3.57
N GLY D 36 -54.02 -25.07 -2.92
CA GLY D 36 -54.19 -24.81 -1.49
C GLY D 36 -53.49 -25.77 -0.54
N ASN D 37 -52.43 -26.46 -1.04
CA ASN D 37 -51.68 -27.44 -0.24
C ASN D 37 -50.44 -26.87 0.49
N LYS D 38 -49.97 -25.66 0.11
CA LYS D 38 -48.75 -25.07 0.68
C LYS D 38 -48.84 -23.56 0.89
N ASP D 39 -47.90 -23.01 1.65
CA ASP D 39 -47.77 -21.56 1.81
C ASP D 39 -46.97 -21.06 0.60
N VAL D 40 -47.46 -19.98 -0.04
CA VAL D 40 -46.92 -19.41 -1.29
C VAL D 40 -46.20 -18.05 -1.07
N PHE D 41 -44.99 -17.91 -1.64
CA PHE D 41 -44.25 -16.64 -1.64
C PHE D 41 -44.14 -16.14 -3.10
N VAL D 42 -44.75 -14.98 -3.38
CA VAL D 42 -44.76 -14.39 -4.73
C VAL D 42 -43.84 -13.15 -4.76
N CYS D 43 -42.75 -13.20 -5.55
CA CYS D 43 -41.81 -12.06 -5.66
C CYS D 43 -41.68 -11.63 -7.13
N MET D 44 -42.53 -10.67 -7.53
CA MET D 44 -42.57 -10.16 -8.89
C MET D 44 -42.48 -8.64 -8.90
N PRO D 45 -41.96 -7.98 -9.96
CA PRO D 45 -41.89 -6.51 -9.96
C PRO D 45 -43.23 -5.79 -9.87
N THR D 46 -43.21 -4.48 -9.58
CA THR D 46 -44.44 -3.67 -9.49
C THR D 46 -45.18 -3.64 -10.84
N GLY D 47 -46.50 -3.79 -10.78
CA GLY D 47 -47.38 -3.78 -11.95
C GLY D 47 -47.52 -5.10 -12.69
N ALA D 48 -46.77 -6.14 -12.26
CA ALA D 48 -46.75 -7.49 -12.86
C ALA D 48 -48.06 -8.29 -12.73
N GLY D 49 -49.01 -7.77 -11.95
CA GLY D 49 -50.29 -8.43 -11.73
C GLY D 49 -50.24 -9.45 -10.61
N LYS D 50 -49.76 -9.03 -9.43
CA LYS D 50 -49.66 -9.89 -8.25
C LYS D 50 -51.03 -10.12 -7.58
N SER D 51 -51.95 -9.11 -7.64
CA SER D 51 -53.29 -9.18 -7.03
C SER D 51 -54.12 -10.40 -7.47
N LEU D 52 -54.12 -10.69 -8.79
CA LEU D 52 -54.82 -11.83 -9.40
C LEU D 52 -54.33 -13.19 -8.86
N CYS D 53 -53.05 -13.30 -8.42
CA CYS D 53 -52.48 -14.55 -7.88
C CYS D 53 -53.26 -15.04 -6.64
N TYR D 54 -53.93 -14.11 -5.91
CA TYR D 54 -54.78 -14.42 -4.76
C TYR D 54 -56.27 -14.11 -5.03
N GLN D 55 -56.57 -13.09 -5.87
CA GLN D 55 -57.92 -12.65 -6.21
C GLN D 55 -58.73 -13.73 -6.92
N LEU D 56 -58.15 -14.34 -7.98
CA LEU D 56 -58.75 -15.42 -8.75
C LEU D 56 -58.98 -16.68 -7.88
N PRO D 57 -57.95 -17.29 -7.20
CA PRO D 57 -58.21 -18.48 -6.36
C PRO D 57 -59.26 -18.29 -5.26
N ALA D 58 -59.40 -17.04 -4.71
CA ALA D 58 -60.37 -16.66 -3.68
C ALA D 58 -61.82 -16.98 -4.07
N LEU D 59 -62.21 -16.71 -5.33
CA LEU D 59 -63.54 -16.98 -5.87
C LEU D 59 -63.75 -18.49 -6.01
N LEU D 60 -62.79 -19.20 -6.66
CA LEU D 60 -62.82 -20.65 -6.89
C LEU D 60 -62.83 -21.49 -5.62
N ALA D 61 -62.42 -20.91 -4.48
CA ALA D 61 -62.43 -21.60 -3.19
C ALA D 61 -63.86 -21.65 -2.59
N LYS D 62 -64.10 -22.61 -1.69
CA LYS D 62 -65.39 -22.82 -1.03
C LYS D 62 -65.73 -21.73 -0.01
N GLY D 63 -64.74 -21.31 0.80
CA GLY D 63 -64.91 -20.32 1.86
C GLY D 63 -64.50 -18.89 1.58
N ILE D 64 -64.09 -18.18 2.66
CA ILE D 64 -63.70 -16.77 2.65
C ILE D 64 -62.16 -16.60 2.65
N THR D 65 -61.68 -15.56 1.93
CA THR D 65 -60.28 -15.13 1.84
C THR D 65 -60.12 -13.80 2.60
N ILE D 66 -59.15 -13.73 3.53
CA ILE D 66 -58.85 -12.51 4.31
C ILE D 66 -57.50 -11.96 3.82
N VAL D 67 -57.48 -10.69 3.39
CA VAL D 67 -56.31 -10.01 2.84
C VAL D 67 -55.88 -8.82 3.70
N VAL D 68 -54.66 -8.84 4.21
CA VAL D 68 -54.14 -7.76 5.00
C VAL D 68 -53.36 -6.83 4.09
N SER D 69 -53.66 -5.55 4.15
CA SER D 69 -53.01 -4.52 3.35
C SER D 69 -52.58 -3.39 4.27
N PRO D 70 -51.41 -2.72 3.93
CA PRO D 70 -50.99 -1.68 4.89
C PRO D 70 -51.82 -0.46 5.10
N LEU D 71 -52.29 0.16 4.03
CA LEU D 71 -53.05 1.38 4.19
C LEU D 71 -54.39 1.42 3.48
N ILE D 72 -55.32 2.14 4.10
CA ILE D 72 -56.68 2.30 3.58
C ILE D 72 -56.71 3.01 2.23
N ALA D 73 -55.99 4.12 2.09
CA ALA D 73 -56.04 4.77 0.77
C ALA D 73 -55.58 3.84 -0.36
N LEU D 74 -54.64 2.91 -0.05
CA LEU D 74 -54.12 1.92 -0.99
C LEU D 74 -55.20 0.88 -1.31
N ILE D 75 -56.04 0.53 -0.31
CA ILE D 75 -57.16 -0.42 -0.42
C ILE D 75 -58.26 0.14 -1.36
N GLN D 76 -58.50 1.46 -1.33
CA GLN D 76 -59.49 2.20 -2.15
C GLN D 76 -59.43 1.80 -3.63
N ASP D 77 -58.22 1.70 -4.20
CA ASP D 77 -57.99 1.31 -5.60
C ASP D 77 -58.43 -0.14 -5.85
N GLN D 78 -58.17 -1.04 -4.88
CA GLN D 78 -58.45 -2.48 -4.94
C GLN D 78 -59.93 -2.86 -4.92
N VAL D 79 -60.66 -2.48 -3.84
CA VAL D 79 -62.08 -2.80 -3.61
C VAL D 79 -62.99 -2.27 -4.75
N ASP D 80 -62.75 -1.02 -5.22
CA ASP D 80 -63.51 -0.35 -6.28
C ASP D 80 -63.61 -1.16 -7.59
N HIS D 81 -62.51 -1.83 -7.97
CA HIS D 81 -62.43 -2.67 -9.18
C HIS D 81 -63.19 -3.99 -9.00
N LEU D 82 -63.03 -4.65 -7.84
CA LEU D 82 -63.67 -5.93 -7.52
C LEU D 82 -65.19 -5.83 -7.33
N LEU D 83 -65.66 -4.72 -6.74
CA LEU D 83 -67.10 -4.45 -6.52
C LEU D 83 -67.85 -4.29 -7.83
N THR D 84 -67.18 -3.73 -8.86
CA THR D 84 -67.70 -3.50 -10.21
C THR D 84 -67.63 -4.78 -11.09
N LEU D 85 -67.31 -5.94 -10.46
CA LEU D 85 -67.22 -7.25 -11.13
C LEU D 85 -68.19 -8.27 -10.51
N LYS D 86 -69.27 -7.76 -9.86
CA LYS D 86 -70.36 -8.51 -9.20
C LYS D 86 -69.88 -9.48 -8.07
N VAL D 87 -68.63 -9.28 -7.60
CA VAL D 87 -67.97 -10.07 -6.55
C VAL D 87 -68.25 -9.45 -5.16
N ARG D 88 -68.69 -10.28 -4.19
CA ARG D 88 -68.95 -9.79 -2.84
C ARG D 88 -67.64 -9.62 -2.05
N VAL D 89 -67.05 -8.42 -2.20
CA VAL D 89 -65.83 -7.99 -1.55
C VAL D 89 -66.17 -6.94 -0.47
N SER D 90 -65.54 -7.04 0.70
CA SER D 90 -65.77 -6.13 1.82
C SER D 90 -64.46 -5.67 2.48
N SER D 91 -64.54 -4.60 3.30
CA SER D 91 -63.39 -4.04 4.00
C SER D 91 -63.74 -3.78 5.48
N LEU D 92 -62.78 -4.05 6.37
CA LEU D 92 -62.92 -3.84 7.82
C LEU D 92 -61.73 -3.00 8.32
N ASN D 93 -61.98 -1.69 8.53
CA ASN D 93 -60.97 -0.74 9.00
C ASN D 93 -61.49 0.19 10.10
N SER D 94 -60.61 1.05 10.66
CA SER D 94 -60.95 2.02 11.71
C SER D 94 -61.90 3.10 11.19
N LYS D 95 -61.58 3.71 10.03
CA LYS D 95 -62.41 4.73 9.37
C LYS D 95 -63.62 4.06 8.69
N LEU D 96 -64.60 3.63 9.52
CA LEU D 96 -65.83 2.95 9.11
C LEU D 96 -66.99 3.32 10.03
N SER D 97 -68.23 3.19 9.51
CA SER D 97 -69.44 3.48 10.27
C SER D 97 -69.76 2.27 11.16
N ALA D 98 -70.14 2.52 12.43
CA ALA D 98 -70.46 1.51 13.43
C ALA D 98 -71.64 0.58 13.06
N GLN D 99 -72.47 0.99 12.07
CA GLN D 99 -73.61 0.21 11.60
C GLN D 99 -73.16 -0.92 10.66
N GLU D 100 -72.18 -0.63 9.76
CA GLU D 100 -71.63 -1.59 8.80
C GLU D 100 -70.90 -2.77 9.47
N ARG D 101 -70.30 -2.54 10.66
CA ARG D 101 -69.57 -3.52 11.45
C ARG D 101 -70.48 -4.69 11.85
N LYS D 102 -71.65 -4.37 12.47
CA LYS D 102 -72.68 -5.32 12.93
C LYS D 102 -73.20 -6.19 11.77
N GLU D 103 -73.53 -5.56 10.63
CA GLU D 103 -74.03 -6.21 9.40
C GLU D 103 -73.03 -7.24 8.85
N LEU D 104 -71.73 -6.90 8.89
CA LEU D 104 -70.62 -7.75 8.43
C LEU D 104 -70.41 -8.92 9.40
N LEU D 105 -70.33 -8.64 10.72
CA LEU D 105 -70.15 -9.65 11.76
C LEU D 105 -71.31 -10.66 11.85
N ALA D 106 -72.53 -10.23 11.47
CA ALA D 106 -73.71 -11.10 11.41
C ALA D 106 -73.55 -12.03 10.20
N ASP D 107 -73.06 -11.48 9.06
CA ASP D 107 -72.81 -12.23 7.82
C ASP D 107 -71.71 -13.27 8.05
N LEU D 108 -70.63 -12.89 8.76
CA LEU D 108 -69.50 -13.79 9.06
C LEU D 108 -69.89 -14.88 10.06
N GLU D 109 -70.95 -14.65 10.84
CA GLU D 109 -71.44 -15.61 11.83
C GLU D 109 -72.49 -16.53 11.22
N ARG D 110 -72.76 -16.30 9.94
CA ARG D 110 -73.73 -17.09 9.20
C ARG D 110 -73.23 -18.48 8.96
N GLU D 111 -74.15 -19.43 8.91
CA GLU D 111 -73.76 -20.78 8.65
C GLU D 111 -73.10 -20.82 7.29
N LYS D 112 -73.61 -20.04 6.35
CA LYS D 112 -73.03 -19.92 5.02
C LYS D 112 -72.87 -18.43 4.73
N PRO D 113 -71.66 -17.87 5.14
CA PRO D 113 -71.53 -16.43 4.87
C PRO D 113 -71.35 -16.02 3.41
N GLN D 114 -71.95 -14.90 3.05
CA GLN D 114 -71.86 -14.34 1.70
C GLN D 114 -70.52 -13.73 1.27
N THR D 115 -69.82 -13.08 2.20
CA THR D 115 -68.55 -12.39 1.96
C THR D 115 -67.51 -13.36 1.35
N LYS D 116 -66.92 -13.00 0.21
CA LYS D 116 -65.92 -13.86 -0.43
C LYS D 116 -64.48 -13.45 -0.10
N ILE D 117 -64.16 -12.15 -0.25
CA ILE D 117 -62.84 -11.57 0.04
C ILE D 117 -63.02 -10.41 1.02
N LEU D 118 -62.22 -10.39 2.10
CA LEU D 118 -62.25 -9.33 3.11
C LEU D 118 -60.92 -8.61 3.16
N TYR D 119 -60.95 -7.28 3.10
CA TYR D 119 -59.76 -6.44 3.14
C TYR D 119 -59.60 -5.78 4.52
N ILE D 120 -58.67 -6.31 5.32
CA ILE D 120 -58.40 -5.90 6.70
C ILE D 120 -57.01 -5.23 6.87
N THR D 121 -56.89 -4.28 7.82
CA THR D 121 -55.60 -3.63 8.12
C THR D 121 -54.89 -4.44 9.21
N PRO D 122 -53.52 -4.40 9.34
CA PRO D 122 -52.84 -5.21 10.39
C PRO D 122 -53.32 -4.96 11.83
N GLU D 123 -53.69 -3.71 12.16
N GLU D 123 -53.70 -3.70 12.17
CA GLU D 123 -54.21 -3.32 13.48
CA GLU D 123 -54.21 -3.34 13.50
C GLU D 123 -55.59 -3.94 13.74
C GLU D 123 -55.60 -3.96 13.74
N MET D 124 -56.46 -3.99 12.70
CA MET D 124 -57.80 -4.57 12.74
C MET D 124 -57.72 -6.10 12.82
N ALA D 125 -56.79 -6.71 12.05
CA ALA D 125 -56.59 -8.15 12.00
C ALA D 125 -56.08 -8.70 13.34
N ALA D 126 -55.20 -7.93 14.02
CA ALA D 126 -54.61 -8.31 15.31
C ALA D 126 -55.37 -7.80 16.55
N SER D 127 -56.53 -7.15 16.37
CA SER D 127 -57.36 -6.64 17.47
C SER D 127 -58.08 -7.78 18.20
N SER D 128 -58.17 -7.68 19.54
CA SER D 128 -58.84 -8.66 20.42
C SER D 128 -60.31 -8.88 20.06
N SER D 129 -60.99 -7.82 19.58
CA SER D 129 -62.39 -7.79 19.17
C SER D 129 -62.70 -8.66 17.93
N PHE D 130 -61.71 -8.86 17.05
CA PHE D 130 -61.88 -9.66 15.83
C PHE D 130 -61.65 -11.16 16.08
N GLN D 131 -60.94 -11.50 17.17
CA GLN D 131 -60.58 -12.88 17.54
C GLN D 131 -61.79 -13.83 17.68
N PRO D 132 -62.94 -13.50 18.35
CA PRO D 132 -64.06 -14.47 18.36
C PRO D 132 -64.63 -14.73 16.94
N THR D 133 -64.65 -13.69 16.06
CA THR D 133 -65.09 -13.76 14.66
C THR D 133 -64.20 -14.72 13.86
N LEU D 134 -62.87 -14.54 13.99
CA LEU D 134 -61.84 -15.34 13.33
C LEU D 134 -61.86 -16.80 13.82
N ASN D 135 -61.93 -17.00 15.16
CA ASN D 135 -61.98 -18.33 15.81
C ASN D 135 -63.20 -19.11 15.33
N SER D 136 -64.35 -18.41 15.21
CA SER D 136 -65.63 -18.94 14.75
C SER D 136 -65.52 -19.55 13.35
N LEU D 137 -64.80 -18.87 12.42
CA LEU D 137 -64.56 -19.34 11.05
C LEU D 137 -63.66 -20.57 11.00
N VAL D 138 -62.65 -20.66 11.89
CA VAL D 138 -61.69 -21.76 11.99
C VAL D 138 -62.43 -23.07 12.35
N SER D 139 -63.17 -23.06 13.48
CA SER D 139 -63.94 -24.18 14.02
C SER D 139 -64.96 -24.73 13.03
N ARG D 140 -65.66 -23.82 12.32
CA ARG D 140 -66.66 -24.17 11.29
C ARG D 140 -66.01 -24.57 9.95
N HIS D 141 -64.68 -24.36 9.80
CA HIS D 141 -63.88 -24.65 8.59
C HIS D 141 -64.32 -23.80 7.39
N LEU D 142 -64.52 -22.50 7.62
CA LEU D 142 -64.99 -21.52 6.64
C LEU D 142 -63.85 -20.65 6.04
N LEU D 143 -62.66 -20.63 6.68
CA LEU D 143 -61.50 -19.85 6.23
C LEU D 143 -60.73 -20.60 5.14
N SER D 144 -60.65 -20.02 3.93
CA SER D 144 -59.96 -20.63 2.79
C SER D 144 -58.51 -20.14 2.61
N TYR D 145 -58.27 -18.81 2.63
CA TYR D 145 -56.92 -18.24 2.46
C TYR D 145 -56.63 -17.06 3.38
N LEU D 146 -55.36 -16.95 3.84
CA LEU D 146 -54.86 -15.79 4.57
C LEU D 146 -53.81 -15.13 3.68
N VAL D 147 -54.10 -13.93 3.20
CA VAL D 147 -53.20 -13.22 2.29
C VAL D 147 -52.54 -12.06 3.02
N VAL D 148 -51.18 -11.97 2.94
CA VAL D 148 -50.38 -10.86 3.48
C VAL D 148 -49.73 -10.17 2.27
N ASP D 149 -50.31 -9.02 1.89
CA ASP D 149 -49.84 -8.21 0.76
C ASP D 149 -48.80 -7.21 1.26
N GLU D 150 -47.83 -6.81 0.37
CA GLU D 150 -46.70 -5.92 0.69
C GLU D 150 -45.99 -6.48 1.95
N ALA D 151 -45.72 -7.80 1.94
CA ALA D 151 -45.15 -8.56 3.04
C ALA D 151 -43.78 -8.03 3.49
N HIS D 152 -43.06 -7.28 2.60
CA HIS D 152 -41.75 -6.67 2.89
C HIS D 152 -41.87 -5.68 4.06
N CYS D 153 -43.11 -5.22 4.38
CA CYS D 153 -43.39 -4.32 5.50
C CYS D 153 -43.01 -4.92 6.86
N VAL D 154 -42.78 -6.27 6.93
CA VAL D 154 -42.30 -6.96 8.15
C VAL D 154 -40.82 -6.58 8.47
N SER D 155 -40.02 -6.24 7.43
CA SER D 155 -38.58 -6.02 7.48
C SER D 155 -38.10 -4.61 7.76
N GLN D 156 -37.26 -4.55 8.77
CA GLN D 156 -36.58 -3.37 9.22
C GLN D 156 -35.57 -2.99 8.14
N TRP D 157 -35.16 -3.98 7.36
CA TRP D 157 -34.20 -3.79 6.28
C TRP D 157 -34.84 -3.56 4.93
N GLY D 158 -36.14 -3.33 4.87
CA GLY D 158 -36.80 -3.14 3.61
C GLY D 158 -37.33 -1.82 3.07
N HIS D 159 -37.11 -0.71 3.75
CA HIS D 159 -37.60 0.58 3.23
C HIS D 159 -39.05 1.02 3.45
N ASP D 160 -39.84 0.21 4.13
CA ASP D 160 -41.19 0.57 4.50
C ASP D 160 -41.61 -0.23 5.69
N PHE D 161 -40.74 -0.39 6.65
CA PHE D 161 -41.03 -1.16 7.82
C PHE D 161 -42.21 -0.63 8.62
N ARG D 162 -43.11 -1.51 9.02
CA ARG D 162 -44.25 -1.16 9.84
C ARG D 162 -44.31 -2.17 10.96
N PRO D 163 -44.14 -1.73 12.20
CA PRO D 163 -44.18 -2.65 13.36
C PRO D 163 -45.46 -3.48 13.52
N ASP D 164 -46.62 -2.96 13.02
CA ASP D 164 -47.94 -3.61 12.98
C ASP D 164 -47.86 -4.96 12.27
N TYR D 165 -47.01 -5.05 11.22
CA TYR D 165 -46.82 -6.27 10.45
C TYR D 165 -46.26 -7.42 11.27
N LEU D 166 -45.51 -7.12 12.33
CA LEU D 166 -44.92 -8.15 13.18
C LEU D 166 -45.94 -8.97 13.96
N ARG D 167 -47.13 -8.41 14.19
CA ARG D 167 -48.23 -9.06 14.93
C ARG D 167 -48.86 -10.19 14.13
N LEU D 168 -48.85 -10.09 12.77
CA LEU D 168 -49.41 -11.03 11.78
C LEU D 168 -48.89 -12.48 11.87
N GLY D 169 -47.78 -12.72 12.54
CA GLY D 169 -47.24 -14.06 12.73
C GLY D 169 -48.05 -14.89 13.72
N ALA D 170 -48.48 -14.25 14.85
CA ALA D 170 -49.29 -14.91 15.87
C ALA D 170 -50.61 -15.35 15.24
N LEU D 171 -51.14 -14.51 14.34
CA LEU D 171 -52.36 -14.70 13.56
C LEU D 171 -52.29 -15.95 12.65
N ARG D 172 -51.22 -16.06 11.82
CA ARG D 172 -51.03 -17.20 10.90
C ARG D 172 -50.91 -18.56 11.63
N SER D 173 -50.17 -18.59 12.75
CA SER D 173 -49.98 -19.81 13.53
C SER D 173 -51.30 -20.30 14.16
N ARG D 174 -52.19 -19.35 14.52
CA ARG D 174 -53.53 -19.58 15.06
C ARG D 174 -54.44 -20.10 13.95
N LEU D 175 -54.22 -19.62 12.71
CA LEU D 175 -54.98 -19.99 11.49
C LEU D 175 -54.26 -21.06 10.65
N GLY D 176 -53.54 -21.96 11.33
CA GLY D 176 -52.74 -23.04 10.77
C GLY D 176 -53.39 -23.90 9.70
N HIS D 177 -54.63 -24.35 9.93
CA HIS D 177 -55.41 -25.20 9.02
C HIS D 177 -55.54 -24.68 7.57
N ALA D 178 -55.54 -23.33 7.38
CA ALA D 178 -55.67 -22.68 6.06
C ALA D 178 -54.34 -22.11 5.51
N PRO D 179 -54.10 -22.16 4.17
CA PRO D 179 -52.80 -21.68 3.63
C PRO D 179 -52.59 -20.16 3.58
N CYS D 180 -51.31 -19.72 3.72
CA CYS D 180 -50.91 -18.31 3.68
C CYS D 180 -50.20 -17.92 2.38
N VAL D 181 -50.60 -16.77 1.81
CA VAL D 181 -50.00 -16.22 0.59
C VAL D 181 -49.34 -14.88 0.94
N ALA D 182 -48.01 -14.76 0.70
CA ALA D 182 -47.23 -13.53 0.95
C ALA D 182 -46.68 -12.94 -0.36
N LEU D 183 -46.93 -11.66 -0.60
CA LEU D 183 -46.54 -11.03 -1.86
C LEU D 183 -45.72 -9.75 -1.70
N THR D 184 -44.68 -9.58 -2.55
CA THR D 184 -43.80 -8.39 -2.57
C THR D 184 -43.00 -8.23 -3.85
N ALA D 185 -42.46 -7.00 -4.07
CA ALA D 185 -41.58 -6.66 -5.20
C ALA D 185 -40.12 -6.67 -4.73
N THR D 186 -39.86 -6.46 -3.42
CA THR D 186 -38.52 -6.45 -2.83
C THR D 186 -37.91 -7.84 -3.02
N ALA D 187 -36.81 -7.94 -3.81
CA ALA D 187 -36.19 -9.21 -4.20
C ALA D 187 -34.91 -9.63 -3.44
N THR D 188 -34.49 -8.91 -2.39
CA THR D 188 -33.27 -9.31 -1.65
C THR D 188 -33.47 -10.57 -0.72
N PRO D 189 -32.38 -11.35 -0.44
CA PRO D 189 -32.51 -12.54 0.45
C PRO D 189 -32.82 -12.25 1.92
N GLN D 190 -32.33 -11.12 2.47
CA GLN D 190 -32.59 -10.73 3.86
C GLN D 190 -34.09 -10.52 4.05
N VAL D 191 -34.71 -9.80 3.09
CA VAL D 191 -36.13 -9.51 3.12
C VAL D 191 -36.96 -10.81 3.03
N GLN D 192 -36.54 -11.79 2.20
CA GLN D 192 -37.27 -13.06 2.06
C GLN D 192 -37.28 -13.83 3.40
N GLU D 193 -36.11 -13.88 4.07
CA GLU D 193 -35.90 -14.53 5.36
C GLU D 193 -36.70 -13.87 6.46
N ASP D 194 -36.84 -12.55 6.40
CA ASP D 194 -37.63 -11.77 7.33
C ASP D 194 -39.13 -12.08 7.10
N VAL D 195 -39.61 -12.15 5.84
CA VAL D 195 -41.02 -12.53 5.51
C VAL D 195 -41.35 -13.95 6.06
N PHE D 196 -40.48 -14.94 5.78
CA PHE D 196 -40.64 -16.34 6.19
C PHE D 196 -40.69 -16.53 7.72
N ALA D 197 -39.81 -15.84 8.47
CA ALA D 197 -39.82 -15.96 9.92
C ALA D 197 -40.96 -15.18 10.58
N ALA D 198 -41.17 -13.90 10.19
CA ALA D 198 -42.21 -13.04 10.76
C ALA D 198 -43.64 -13.51 10.46
N LEU D 199 -43.88 -14.15 9.31
CA LEU D 199 -45.24 -14.60 8.99
C LEU D 199 -45.49 -16.07 9.39
N HIS D 200 -44.56 -16.67 10.18
CA HIS D 200 -44.61 -18.04 10.69
C HIS D 200 -45.01 -19.05 9.57
N LEU D 201 -44.46 -18.84 8.35
CA LEU D 201 -44.80 -19.65 7.18
C LEU D 201 -44.42 -21.13 7.32
N LYS D 202 -45.30 -22.00 6.81
CA LYS D 202 -45.14 -23.45 6.84
C LYS D 202 -44.22 -23.88 5.72
N LYS D 203 -43.06 -24.43 6.11
CA LYS D 203 -42.00 -24.92 5.22
C LYS D 203 -42.39 -26.31 4.67
N PRO D 204 -42.11 -26.63 3.38
CA PRO D 204 -41.42 -25.82 2.36
C PRO D 204 -42.33 -24.85 1.61
N VAL D 205 -41.89 -23.59 1.53
CA VAL D 205 -42.64 -22.52 0.86
C VAL D 205 -42.48 -22.66 -0.66
N ALA D 206 -43.61 -22.57 -1.40
CA ALA D 206 -43.67 -22.58 -2.85
C ALA D 206 -43.35 -21.17 -3.29
N ILE D 207 -42.20 -20.99 -3.96
CA ILE D 207 -41.69 -19.67 -4.37
C ILE D 207 -41.86 -19.41 -5.85
N PHE D 208 -42.34 -18.23 -6.18
CA PHE D 208 -42.56 -17.76 -7.55
C PHE D 208 -41.90 -16.41 -7.62
N LYS D 209 -40.62 -16.44 -8.06
CA LYS D 209 -39.70 -15.30 -8.11
C LYS D 209 -39.18 -15.03 -9.54
N THR D 210 -39.30 -13.78 -9.99
CA THR D 210 -38.84 -13.34 -11.31
C THR D 210 -37.30 -13.33 -11.34
N PRO D 211 -36.66 -14.00 -12.32
CA PRO D 211 -35.18 -13.98 -12.36
C PRO D 211 -34.67 -12.59 -12.73
N CYS D 212 -33.49 -12.22 -12.20
CA CYS D 212 -32.92 -10.90 -12.49
C CYS D 212 -31.94 -10.89 -13.68
N PHE D 213 -31.48 -12.09 -14.15
CA PHE D 213 -30.51 -12.29 -15.24
C PHE D 213 -31.00 -11.83 -16.62
N ARG D 214 -30.28 -10.85 -17.21
CA ARG D 214 -30.56 -10.31 -18.55
C ARG D 214 -29.41 -10.70 -19.52
N ALA D 215 -29.60 -11.80 -20.27
CA ALA D 215 -28.58 -12.40 -21.16
C ALA D 215 -28.03 -11.50 -22.30
N ASN D 216 -28.84 -10.57 -22.81
CA ASN D 216 -28.45 -9.70 -23.92
C ASN D 216 -27.70 -8.43 -23.51
N LEU D 217 -27.31 -8.31 -22.22
CA LEU D 217 -26.59 -7.16 -21.68
C LEU D 217 -25.16 -7.53 -21.39
N PHE D 218 -24.20 -6.75 -21.92
CA PHE D 218 -22.78 -7.01 -21.68
C PHE D 218 -22.31 -6.02 -20.63
N TYR D 219 -21.77 -6.53 -19.50
CA TYR D 219 -21.32 -5.72 -18.37
C TYR D 219 -19.80 -5.69 -18.24
N ASP D 220 -19.27 -4.49 -18.02
CA ASP D 220 -17.87 -4.25 -17.71
C ASP D 220 -17.71 -3.06 -16.77
N VAL D 221 -16.60 -3.04 -16.03
CA VAL D 221 -16.20 -1.98 -15.11
C VAL D 221 -14.77 -1.53 -15.52
N GLN D 222 -14.59 -0.22 -15.77
CA GLN D 222 -13.34 0.43 -16.15
C GLN D 222 -12.93 1.40 -15.03
N PHE D 223 -11.66 1.40 -14.63
CA PHE D 223 -11.13 2.24 -13.57
C PHE D 223 -10.52 3.55 -14.11
N LYS D 224 -11.15 4.71 -13.79
CA LYS D 224 -10.74 6.07 -14.22
C LYS D 224 -9.27 6.41 -13.93
N GLU D 225 -8.67 5.73 -12.95
CA GLU D 225 -7.28 5.86 -12.54
C GLU D 225 -6.30 5.45 -13.67
N LEU D 226 -6.76 4.58 -14.59
CA LEU D 226 -5.98 4.01 -15.68
C LEU D 226 -6.30 4.62 -17.07
N ILE D 227 -7.23 5.58 -17.16
CA ILE D 227 -7.58 6.18 -18.45
C ILE D 227 -6.94 7.57 -18.64
N SER D 228 -6.23 7.75 -19.78
CA SER D 228 -5.52 8.98 -20.19
C SER D 228 -6.45 9.97 -20.87
N ASP D 229 -7.25 9.48 -21.84
CA ASP D 229 -8.22 10.27 -22.55
C ASP D 229 -9.63 9.82 -22.10
N PRO D 230 -10.19 10.43 -21.01
CA PRO D 230 -11.51 10.01 -20.51
C PRO D 230 -12.65 10.16 -21.52
N TYR D 231 -12.82 11.37 -22.11
CA TYR D 231 -13.88 11.65 -23.09
C TYR D 231 -13.72 10.83 -24.38
N GLY D 232 -12.49 10.43 -24.68
CA GLY D 232 -12.15 9.62 -25.85
C GLY D 232 -12.56 8.17 -25.70
N ASN D 233 -12.29 7.58 -24.50
CA ASN D 233 -12.65 6.20 -24.15
C ASN D 233 -14.15 6.06 -24.21
N LEU D 234 -14.88 7.06 -23.67
CA LEU D 234 -16.34 7.11 -23.68
C LEU D 234 -16.86 7.21 -25.11
N LYS D 235 -16.23 8.08 -25.96
CA LYS D 235 -16.56 8.25 -27.39
C LYS D 235 -16.44 6.91 -28.12
N ASP D 236 -15.32 6.18 -27.90
CA ASP D 236 -15.09 4.88 -28.51
C ASP D 236 -16.23 3.90 -28.18
N PHE D 237 -16.50 3.69 -26.87
CA PHE D 237 -17.55 2.79 -26.35
C PHE D 237 -18.92 3.10 -26.97
N CYS D 238 -19.32 4.38 -26.98
CA CYS D 238 -20.61 4.85 -27.53
C CYS D 238 -20.84 4.49 -28.98
N LEU D 239 -19.80 4.63 -29.82
CA LEU D 239 -19.91 4.37 -31.26
C LEU D 239 -19.96 2.88 -31.57
N LYS D 240 -19.08 2.07 -30.91
CA LYS D 240 -19.01 0.61 -31.02
C LYS D 240 -20.38 -0.06 -30.74
N ALA D 241 -21.15 0.50 -29.78
CA ALA D 241 -22.48 0.03 -29.38
C ALA D 241 -23.56 0.52 -30.33
N LEU D 242 -23.32 1.64 -31.04
CA LEU D 242 -24.26 2.23 -31.99
C LEU D 242 -24.07 1.75 -33.44
N GLY D 243 -22.90 1.20 -33.76
CA GLY D 243 -22.57 0.68 -35.07
C GLY D 243 -23.07 -0.74 -35.29
N SER D 251 -27.32 2.98 -35.63
CA SER D 251 -28.54 2.31 -35.17
C SER D 251 -28.66 2.27 -33.65
N GLY D 252 -29.87 2.53 -33.14
CA GLY D 252 -30.17 2.52 -31.71
C GLY D 252 -29.87 3.83 -31.02
N CYS D 253 -29.93 3.83 -29.68
CA CYS D 253 -29.67 5.00 -28.84
C CYS D 253 -28.90 4.65 -27.56
N GLY D 254 -28.62 5.66 -26.74
CA GLY D 254 -27.88 5.48 -25.48
C GLY D 254 -28.05 6.56 -24.44
N ILE D 255 -27.64 6.24 -23.20
CA ILE D 255 -27.69 7.09 -22.00
C ILE D 255 -26.33 7.09 -21.31
N VAL D 256 -25.97 8.25 -20.69
CA VAL D 256 -24.77 8.44 -19.88
C VAL D 256 -25.28 9.03 -18.55
N TYR D 257 -24.97 8.37 -17.42
CA TYR D 257 -25.39 8.86 -16.09
C TYR D 257 -24.22 9.45 -15.29
N CYS D 258 -24.45 10.61 -14.66
CA CYS D 258 -23.43 11.26 -13.84
C CYS D 258 -24.03 11.91 -12.58
N ARG D 259 -23.18 12.29 -11.61
CA ARG D 259 -23.56 12.87 -10.34
C ARG D 259 -23.89 14.38 -10.40
N THR D 260 -22.93 15.20 -10.88
CA THR D 260 -23.12 16.65 -10.88
C THR D 260 -23.67 17.21 -12.18
N ARG D 261 -24.44 18.32 -12.05
CA ARG D 261 -25.04 19.11 -13.14
C ARG D 261 -23.92 19.71 -14.01
N GLU D 262 -22.78 20.01 -13.38
CA GLU D 262 -21.56 20.56 -13.99
C GLU D 262 -20.99 19.53 -14.96
N ALA D 263 -20.86 18.27 -14.51
CA ALA D 263 -20.37 17.13 -15.29
C ALA D 263 -21.36 16.80 -16.41
N CYS D 264 -22.66 17.01 -16.16
CA CYS D 264 -23.73 16.76 -17.12
C CYS D 264 -23.61 17.70 -18.31
N GLU D 265 -23.46 19.03 -18.06
CA GLU D 265 -23.30 20.05 -19.10
C GLU D 265 -22.03 19.81 -19.93
N GLN D 266 -20.92 19.51 -19.24
CA GLN D 266 -19.61 19.22 -19.82
C GLN D 266 -19.64 17.98 -20.73
N LEU D 267 -20.19 16.83 -20.26
CA LEU D 267 -20.29 15.59 -21.04
C LEU D 267 -21.01 15.76 -22.39
N ALA D 268 -22.10 16.57 -22.42
CA ALA D 268 -22.84 16.85 -23.65
C ALA D 268 -21.96 17.67 -24.63
N ILE D 269 -21.28 18.72 -24.13
CA ILE D 269 -20.37 19.59 -24.91
C ILE D 269 -19.21 18.76 -25.49
N GLU D 270 -18.55 17.94 -24.65
CA GLU D 270 -17.42 17.09 -25.00
C GLU D 270 -17.73 16.00 -26.02
N LEU D 271 -18.88 15.31 -25.88
CA LEU D 271 -19.25 14.24 -26.80
C LEU D 271 -19.64 14.76 -28.19
N SER D 272 -20.60 15.71 -28.26
CA SER D 272 -21.12 16.31 -29.49
C SER D 272 -20.06 16.75 -30.50
N CYS D 273 -19.01 17.39 -30.00
CA CYS D 273 -17.90 17.87 -30.80
C CYS D 273 -17.06 16.71 -31.34
N ARG D 274 -16.88 15.74 -30.47
CA ARG D 274 -16.09 14.55 -30.75
C ARG D 274 -16.84 13.67 -31.71
N GLY D 275 -18.08 14.03 -32.02
CA GLY D 275 -18.85 13.24 -32.96
C GLY D 275 -20.22 12.87 -32.47
N VAL D 276 -20.28 11.90 -31.57
CA VAL D 276 -21.57 11.47 -31.07
C VAL D 276 -22.26 12.70 -30.48
N ASN D 277 -23.48 12.93 -30.94
CA ASN D 277 -24.23 14.07 -30.50
C ASN D 277 -24.95 13.76 -29.25
N ALA D 278 -24.74 14.61 -28.26
CA ALA D 278 -25.37 14.44 -26.95
C ALA D 278 -25.93 15.76 -26.41
N LYS D 279 -26.95 15.67 -25.53
CA LYS D 279 -27.59 16.81 -24.87
C LYS D 279 -27.74 16.56 -23.36
N ALA D 280 -27.73 17.62 -22.53
CA ALA D 280 -27.83 17.52 -21.07
C ALA D 280 -29.27 17.44 -20.55
N TYR D 281 -29.46 16.79 -19.37
CA TYR D 281 -30.76 16.61 -18.71
C TYR D 281 -30.56 16.56 -17.18
N HIS D 282 -30.74 17.71 -16.51
CA HIS D 282 -30.59 17.80 -15.06
C HIS D 282 -31.68 18.67 -14.40
N ALA D 283 -31.71 18.70 -13.05
CA ALA D 283 -32.69 19.45 -12.26
C ALA D 283 -32.52 20.98 -12.37
N GLY D 284 -31.34 21.43 -12.78
CA GLY D 284 -31.02 22.84 -12.97
C GLY D 284 -31.72 23.48 -14.16
N LEU D 285 -31.94 22.69 -15.22
CA LEU D 285 -32.61 23.19 -16.41
C LEU D 285 -34.05 23.56 -16.17
N LYS D 286 -34.52 24.55 -16.90
CA LYS D 286 -35.89 25.01 -16.77
C LYS D 286 -36.79 23.91 -17.29
N ALA D 287 -38.00 23.82 -16.74
CA ALA D 287 -38.94 22.77 -17.11
C ALA D 287 -39.14 22.82 -18.60
N SER D 288 -39.10 24.01 -19.17
CA SER D 288 -39.23 24.13 -20.61
C SER D 288 -38.01 23.43 -21.17
N GLU D 289 -36.86 23.68 -20.55
CA GLU D 289 -35.63 23.09 -21.02
C GLU D 289 -35.60 21.58 -20.92
N ARG D 290 -36.11 21.08 -19.81
CA ARG D 290 -36.14 19.65 -19.54
C ARG D 290 -36.98 18.94 -20.56
N THR D 291 -38.08 19.58 -20.89
CA THR D 291 -39.09 19.05 -21.77
C THR D 291 -38.63 18.87 -23.18
N LEU D 292 -37.85 19.83 -23.67
CA LEU D 292 -37.35 19.79 -25.03
C LEU D 292 -36.40 18.63 -25.33
N VAL D 293 -35.47 18.44 -24.42
CA VAL D 293 -34.44 17.39 -24.45
C VAL D 293 -35.09 16.00 -24.39
N GLN D 294 -36.06 15.80 -23.46
CA GLN D 294 -36.79 14.54 -23.28
C GLN D 294 -37.40 14.05 -24.60
N ASN D 295 -38.16 14.92 -25.28
CA ASN D 295 -38.81 14.61 -26.54
C ASN D 295 -37.84 14.50 -27.72
N ASP D 296 -36.69 15.23 -27.67
CA ASP D 296 -35.65 15.19 -28.71
C ASP D 296 -34.98 13.83 -28.80
N TRP D 297 -34.73 13.19 -27.63
CA TRP D 297 -34.12 11.87 -27.50
C TRP D 297 -35.16 10.78 -27.83
N MET D 298 -36.46 11.06 -27.55
CA MET D 298 -37.59 10.17 -27.81
C MET D 298 -37.94 10.06 -29.30
N GLU D 299 -37.82 11.18 -30.05
CA GLU D 299 -38.10 11.27 -31.49
C GLU D 299 -36.92 10.76 -32.36
N GLU D 300 -35.83 10.29 -31.71
CA GLU D 300 -34.59 9.78 -32.30
C GLU D 300 -33.80 10.86 -33.08
N LYS D 301 -34.05 12.15 -32.76
CA LYS D 301 -33.35 13.30 -33.34
C LYS D 301 -31.93 13.33 -32.77
N VAL D 302 -31.82 13.25 -31.42
CA VAL D 302 -30.57 13.21 -30.66
C VAL D 302 -30.35 11.73 -30.22
N PRO D 303 -29.27 11.05 -30.65
CA PRO D 303 -29.12 9.63 -30.29
C PRO D 303 -28.65 9.34 -28.86
N VAL D 304 -28.09 10.35 -28.16
CA VAL D 304 -27.54 10.20 -26.79
C VAL D 304 -28.02 11.30 -25.84
N ILE D 305 -28.40 10.91 -24.60
CA ILE D 305 -28.84 11.76 -23.48
C ILE D 305 -27.87 11.62 -22.28
N VAL D 306 -27.54 12.74 -21.63
CA VAL D 306 -26.67 12.81 -20.45
C VAL D 306 -27.60 13.22 -19.31
N ALA D 307 -27.66 12.43 -18.22
CA ALA D 307 -28.59 12.76 -17.15
C ALA D 307 -28.09 12.52 -15.74
N THR D 308 -28.63 13.33 -14.81
CA THR D 308 -28.40 13.32 -13.37
C THR D 308 -29.61 12.59 -12.71
N ILE D 309 -30.81 12.85 -13.24
CA ILE D 309 -32.07 12.27 -12.80
C ILE D 309 -32.87 11.74 -14.01
N SER D 310 -33.56 10.60 -13.85
CA SER D 310 -34.36 9.95 -14.88
C SER D 310 -35.79 10.49 -14.93
N PHE D 311 -36.48 10.39 -16.09
CA PHE D 311 -37.86 10.87 -16.23
C PHE D 311 -38.92 9.78 -15.95
N GLY D 312 -40.14 10.22 -15.61
CA GLY D 312 -41.28 9.36 -15.32
C GLY D 312 -42.21 9.19 -16.50
N VAL D 315 -43.95 4.26 -21.61
CA VAL D 315 -42.84 5.17 -21.78
C VAL D 315 -41.50 4.52 -21.46
N ASP D 316 -40.94 3.77 -22.39
CA ASP D 316 -39.63 3.18 -22.16
C ASP D 316 -38.93 2.87 -23.46
N LYS D 317 -37.87 3.60 -23.78
CA LYS D 317 -37.18 3.37 -25.02
C LYS D 317 -36.69 1.96 -25.01
N ALA D 318 -36.96 1.22 -26.08
CA ALA D 318 -36.56 -0.17 -26.16
C ALA D 318 -35.44 -0.48 -27.08
N ASN D 319 -34.80 0.55 -27.61
CA ASN D 319 -33.68 0.34 -28.50
C ASN D 319 -32.39 0.87 -27.89
N VAL D 320 -32.36 0.99 -26.57
CA VAL D 320 -31.17 1.48 -25.86
C VAL D 320 -30.03 0.46 -25.99
N ARG D 321 -29.04 0.78 -26.86
CA ARG D 321 -27.89 -0.08 -27.14
C ARG D 321 -26.75 0.05 -26.11
N PHE D 322 -26.75 1.13 -25.31
CA PHE D 322 -25.76 1.33 -24.24
C PHE D 322 -26.28 2.17 -23.10
N VAL D 323 -25.75 1.91 -21.89
CA VAL D 323 -25.96 2.70 -20.67
C VAL D 323 -24.58 2.81 -20.03
N ALA D 324 -24.02 4.04 -19.96
CA ALA D 324 -22.71 4.29 -19.37
C ALA D 324 -22.85 5.00 -18.03
N HIS D 325 -22.18 4.48 -16.99
CA HIS D 325 -22.24 5.10 -15.68
C HIS D 325 -20.95 5.83 -15.46
N TRP D 326 -20.97 7.15 -15.71
CA TRP D 326 -19.79 8.00 -15.56
C TRP D 326 -19.32 8.05 -14.11
N ASN D 327 -20.27 8.00 -13.15
CA ASN D 327 -19.96 7.95 -11.71
C ASN D 327 -20.67 6.75 -11.06
N ILE D 328 -20.05 6.13 -10.01
CA ILE D 328 -20.66 5.01 -9.26
C ILE D 328 -22.06 5.42 -8.76
N ALA D 329 -23.07 4.55 -8.94
CA ALA D 329 -24.43 4.84 -8.48
C ALA D 329 -24.50 4.73 -6.95
N LYS D 330 -25.62 5.13 -6.31
CA LYS D 330 -25.78 5.14 -4.84
C LYS D 330 -26.06 3.78 -4.20
N SER D 331 -26.54 2.78 -4.98
CA SER D 331 -26.85 1.43 -4.49
C SER D 331 -26.81 0.39 -5.60
N MET D 332 -26.68 -0.89 -5.20
CA MET D 332 -26.75 -2.03 -6.12
C MET D 332 -28.13 -2.09 -6.83
N ALA D 333 -29.24 -1.90 -6.09
CA ALA D 333 -30.58 -1.90 -6.71
C ALA D 333 -30.71 -0.74 -7.67
N GLY D 334 -30.14 0.40 -7.32
CA GLY D 334 -30.13 1.58 -8.17
C GLY D 334 -29.37 1.30 -9.47
N TYR D 335 -28.21 0.61 -9.36
CA TYR D 335 -27.43 0.27 -10.54
C TYR D 335 -28.18 -0.69 -11.44
N TYR D 336 -28.73 -1.76 -10.85
CA TYR D 336 -29.54 -2.79 -11.54
C TYR D 336 -30.66 -2.17 -12.36
N GLN D 337 -31.37 -1.21 -11.78
CA GLN D 337 -32.50 -0.49 -12.39
C GLN D 337 -32.05 0.42 -13.54
N GLU D 338 -30.92 1.14 -13.36
CA GLU D 338 -30.41 2.11 -14.33
C GLU D 338 -29.78 1.43 -15.54
N SER D 339 -28.94 0.40 -15.31
CA SER D 339 -28.29 -0.40 -16.35
C SER D 339 -29.33 -1.17 -17.16
N GLY D 340 -30.38 -1.62 -16.44
CA GLY D 340 -31.50 -2.38 -16.98
C GLY D 340 -32.43 -1.66 -17.93
N ARG D 341 -32.30 -0.32 -18.08
CA ARG D 341 -33.13 0.48 -19.00
C ARG D 341 -32.71 0.20 -20.48
N ALA D 342 -31.58 -0.48 -20.68
CA ALA D 342 -30.99 -0.88 -21.96
C ALA D 342 -31.44 -2.28 -22.41
N GLY D 343 -31.44 -2.46 -23.74
CA GLY D 343 -31.75 -3.72 -24.42
C GLY D 343 -33.05 -4.41 -24.07
N ARG D 344 -34.15 -3.64 -24.04
CA ARG D 344 -35.49 -4.15 -23.74
C ARG D 344 -36.00 -5.07 -24.88
N ASP D 345 -35.66 -4.73 -26.14
CA ASP D 345 -36.01 -5.48 -27.35
C ASP D 345 -35.48 -6.92 -27.39
N GLY D 346 -34.37 -7.18 -26.70
CA GLY D 346 -33.72 -8.48 -26.63
C GLY D 346 -32.43 -8.53 -27.43
N LYS D 347 -32.12 -7.45 -28.16
CA LYS D 347 -30.93 -7.29 -28.99
C LYS D 347 -29.70 -6.93 -28.12
N PRO D 348 -28.46 -7.37 -28.48
CA PRO D 348 -27.29 -7.09 -27.64
C PRO D 348 -27.06 -5.61 -27.29
N SER D 349 -26.75 -5.35 -26.00
CA SER D 349 -26.53 -4.02 -25.43
C SER D 349 -25.30 -3.98 -24.51
N TRP D 350 -24.77 -2.76 -24.23
CA TRP D 350 -23.57 -2.63 -23.41
C TRP D 350 -23.74 -1.71 -22.20
N CYS D 351 -23.32 -2.22 -21.03
CA CYS D 351 -23.40 -1.57 -19.73
C CYS D 351 -22.02 -1.42 -19.11
N ARG D 352 -21.51 -0.18 -19.08
CA ARG D 352 -20.20 0.12 -18.53
C ARG D 352 -20.33 0.98 -17.30
N LEU D 353 -19.50 0.69 -16.29
CA LEU D 353 -19.45 1.49 -15.07
C LEU D 353 -18.03 2.00 -14.89
N TYR D 354 -17.85 3.32 -14.95
CA TYR D 354 -16.55 3.94 -14.72
C TYR D 354 -16.40 4.18 -13.25
N TYR D 355 -15.52 3.41 -12.61
CA TYR D 355 -15.24 3.47 -11.19
C TYR D 355 -13.94 4.21 -10.91
N SER D 356 -13.94 4.95 -9.81
CA SER D 356 -12.76 5.58 -9.23
C SER D 356 -12.91 5.56 -7.72
N ARG D 357 -11.81 5.38 -6.98
CA ARG D 357 -11.82 5.38 -5.52
C ARG D 357 -12.14 6.78 -4.92
N ASN D 358 -11.99 7.87 -5.71
CA ASN D 358 -12.32 9.23 -5.31
C ASN D 358 -13.83 9.43 -5.42
N ASP D 359 -14.47 8.81 -6.46
CA ASP D 359 -15.92 8.81 -6.67
C ASP D 359 -16.57 8.01 -5.53
N ARG D 360 -15.98 6.85 -5.17
CA ARG D 360 -16.41 5.97 -4.07
C ARG D 360 -16.52 6.81 -2.79
N ASP D 361 -15.42 7.54 -2.42
CA ASP D 361 -15.30 8.46 -1.29
C ASP D 361 -16.36 9.58 -1.28
N GLN D 362 -16.61 10.23 -2.44
CA GLN D 362 -17.61 11.31 -2.55
C GLN D 362 -19.05 10.85 -2.36
N VAL D 363 -19.45 9.73 -3.02
CA VAL D 363 -20.81 9.19 -2.94
C VAL D 363 -21.11 8.71 -1.52
N SER D 364 -20.17 7.99 -0.91
CA SER D 364 -20.24 7.51 0.46
C SER D 364 -20.39 8.71 1.41
N PHE D 365 -19.60 9.80 1.18
CA PHE D 365 -19.64 11.03 1.99
C PHE D 365 -21.08 11.63 2.01
N LEU D 366 -21.67 11.87 0.82
CA LEU D 366 -23.04 12.39 0.63
C LEU D 366 -24.12 11.55 1.30
N ILE D 367 -23.98 10.20 1.23
CA ILE D 367 -24.92 9.24 1.82
C ILE D 367 -24.91 9.33 3.37
N ARG D 368 -23.72 9.42 3.97
CA ARG D 368 -23.56 9.48 5.42
C ARG D 368 -24.10 10.81 5.99
N LYS D 369 -24.09 11.87 5.16
CA LYS D 369 -24.61 13.21 5.50
C LYS D 369 -26.14 13.12 5.49
N GLU D 370 -26.73 12.46 4.46
CA GLU D 370 -28.16 12.17 4.33
C GLU D 370 -28.66 11.34 5.51
N VAL D 371 -27.92 10.29 5.91
CA VAL D 371 -28.26 9.43 7.06
C VAL D 371 -28.27 10.26 8.36
N ALA D 372 -27.18 11.03 8.62
CA ALA D 372 -27.06 11.86 9.83
C ALA D 372 -28.19 12.89 9.94
N LYS D 373 -28.65 13.43 8.81
CA LYS D 373 -29.75 14.38 8.69
C LYS D 373 -31.04 13.72 9.20
N LEU D 374 -31.28 12.45 8.82
CA LEU D 374 -32.44 11.66 9.22
C LEU D 374 -32.40 11.35 10.71
N GLN D 375 -31.21 10.99 11.23
CA GLN D 375 -30.97 10.71 12.64
C GLN D 375 -31.21 11.94 13.53
N GLU D 376 -30.98 13.16 12.99
CA GLU D 376 -31.23 14.39 13.74
C GLU D 376 -32.75 14.66 13.88
N LYS D 377 -33.49 14.32 12.81
CA LYS D 377 -34.93 14.46 12.74
C LYS D 377 -35.70 13.46 13.63
N ARG D 378 -35.44 12.14 13.49
CA ARG D 378 -36.20 11.08 14.17
C ARG D 378 -35.37 10.02 14.90
N GLY D 379 -34.11 10.30 15.19
CA GLY D 379 -33.23 9.34 15.88
C GLY D 379 -32.84 8.18 14.98
N ASN D 380 -32.30 7.14 15.60
CA ASN D 380 -31.79 5.93 14.93
C ASN D 380 -32.86 4.91 14.52
N LYS D 381 -32.61 4.20 13.40
CA LYS D 381 -33.43 3.11 12.84
C LYS D 381 -32.47 2.08 12.19
N ALA D 382 -32.91 0.80 11.97
CA ALA D 382 -32.04 -0.22 11.33
C ALA D 382 -31.77 0.10 9.85
N SER D 383 -32.70 0.82 9.18
CA SER D 383 -32.57 1.24 7.78
C SER D 383 -31.36 2.17 7.51
N ASP D 384 -30.74 2.75 8.57
CA ASP D 384 -29.57 3.63 8.46
C ASP D 384 -28.35 2.80 8.00
N LYS D 385 -28.19 1.60 8.60
CA LYS D 385 -27.15 0.64 8.26
C LYS D 385 -27.38 0.06 6.87
N ALA D 386 -28.66 -0.23 6.51
CA ALA D 386 -29.05 -0.80 5.22
C ALA D 386 -28.72 0.11 4.02
N THR D 387 -28.82 1.43 4.21
CA THR D 387 -28.51 2.48 3.24
C THR D 387 -27.01 2.43 2.88
N ILE D 388 -26.14 2.27 3.90
CA ILE D 388 -24.68 2.20 3.78
C ILE D 388 -24.26 0.88 3.12
N MET D 389 -24.80 -0.23 3.61
CA MET D 389 -24.53 -1.58 3.10
C MET D 389 -24.89 -1.71 1.61
N ALA D 390 -25.99 -1.09 1.17
CA ALA D 390 -26.48 -1.08 -0.21
C ALA D 390 -25.48 -0.39 -1.18
N PHE D 391 -24.73 0.62 -0.68
CA PHE D 391 -23.72 1.29 -1.48
C PHE D 391 -22.46 0.43 -1.51
N ASP D 392 -22.01 -0.07 -0.33
CA ASP D 392 -20.84 -0.92 -0.18
C ASP D 392 -20.91 -2.16 -1.07
N ALA D 393 -22.14 -2.68 -1.35
CA ALA D 393 -22.35 -3.83 -2.23
C ALA D 393 -21.96 -3.46 -3.69
N LEU D 394 -22.25 -2.20 -4.14
CA LEU D 394 -21.88 -1.74 -5.47
C LEU D 394 -20.34 -1.53 -5.56
N VAL D 395 -19.67 -1.10 -4.45
CA VAL D 395 -18.18 -0.97 -4.37
C VAL D 395 -17.55 -2.37 -4.55
N THR D 396 -18.10 -3.39 -3.83
CA THR D 396 -17.63 -4.79 -3.91
C THR D 396 -17.70 -5.33 -5.35
N PHE D 397 -18.82 -5.13 -6.06
CA PHE D 397 -19.06 -5.48 -7.45
C PHE D 397 -17.95 -4.83 -8.36
N CYS D 398 -17.56 -3.56 -8.08
CA CYS D 398 -16.57 -2.82 -8.87
C CYS D 398 -15.15 -3.37 -8.72
N GLU D 399 -14.76 -3.71 -7.48
CA GLU D 399 -13.43 -4.19 -7.06
C GLU D 399 -13.23 -5.72 -6.98
N GLU D 400 -14.23 -6.51 -7.37
CA GLU D 400 -14.11 -7.96 -7.26
C GLU D 400 -13.77 -8.65 -8.57
N LEU D 401 -13.34 -9.92 -8.46
CA LEU D 401 -13.04 -10.82 -9.56
C LEU D 401 -14.05 -11.95 -9.57
N GLY D 402 -14.95 -11.88 -10.52
CA GLY D 402 -16.00 -12.86 -10.73
C GLY D 402 -16.92 -12.35 -11.80
N CYS D 403 -17.79 -13.24 -12.31
CA CYS D 403 -18.81 -12.93 -13.31
C CYS D 403 -19.69 -11.83 -12.73
N ARG D 404 -19.92 -10.78 -13.52
CA ARG D 404 -20.73 -9.61 -13.18
C ARG D 404 -22.22 -10.01 -13.09
N HIS D 405 -22.72 -10.82 -14.03
CA HIS D 405 -24.10 -11.31 -14.02
C HIS D 405 -24.37 -12.18 -12.77
N ALA D 406 -23.42 -13.05 -12.38
CA ALA D 406 -23.52 -13.88 -11.17
C ALA D 406 -23.45 -13.04 -9.88
N ALA D 407 -22.66 -11.94 -9.86
CA ALA D 407 -22.58 -11.09 -8.66
C ALA D 407 -23.92 -10.40 -8.40
N ILE D 408 -24.64 -10.03 -9.48
CA ILE D 408 -25.95 -9.38 -9.43
C ILE D 408 -26.96 -10.41 -8.93
N ALA D 409 -26.92 -11.64 -9.53
CA ALA D 409 -27.79 -12.77 -9.19
C ALA D 409 -27.71 -13.06 -7.69
N LYS D 410 -26.48 -13.15 -7.15
CA LYS D 410 -26.17 -13.40 -5.73
C LYS D 410 -26.80 -12.35 -4.79
N TYR D 411 -26.72 -11.05 -5.16
CA TYR D 411 -27.30 -9.94 -4.38
C TYR D 411 -28.82 -10.06 -4.24
N PHE D 412 -29.49 -10.54 -5.30
CA PHE D 412 -30.93 -10.73 -5.28
C PHE D 412 -31.35 -12.16 -4.95
N GLY D 413 -30.43 -12.97 -4.42
CA GLY D 413 -30.70 -14.35 -4.01
C GLY D 413 -31.09 -15.30 -5.13
N ASP D 414 -30.55 -15.10 -6.31
CA ASP D 414 -30.81 -16.00 -7.42
C ASP D 414 -29.53 -16.79 -7.47
N ALA D 415 -29.55 -17.96 -8.06
CA ALA D 415 -28.31 -18.73 -8.14
C ALA D 415 -28.10 -18.82 -9.61
N LEU D 416 -26.90 -18.58 -10.06
CA LEU D 416 -26.67 -18.63 -11.46
C LEU D 416 -25.29 -19.04 -11.74
N PRO D 417 -25.11 -19.68 -12.94
CA PRO D 417 -23.74 -20.03 -13.25
C PRO D 417 -23.23 -18.94 -14.22
N ALA D 418 -21.92 -18.85 -14.41
CA ALA D 418 -21.30 -17.82 -15.22
C ALA D 418 -21.87 -17.78 -16.59
N CYS D 419 -22.00 -16.56 -17.07
CA CYS D 419 -22.52 -16.23 -18.37
C CYS D 419 -21.61 -16.62 -19.52
N ALA D 420 -20.33 -16.76 -19.22
CA ALA D 420 -19.32 -17.12 -20.19
C ALA D 420 -18.98 -16.05 -21.19
N LYS D 421 -19.98 -15.57 -21.89
CA LYS D 421 -19.78 -14.57 -22.89
C LYS D 421 -20.48 -13.26 -22.68
N GLY D 422 -21.02 -13.03 -21.51
CA GLY D 422 -21.79 -11.82 -21.21
C GLY D 422 -21.14 -10.76 -20.34
N CYS D 423 -19.89 -10.96 -19.93
CA CYS D 423 -19.24 -9.94 -19.11
C CYS D 423 -17.73 -9.87 -19.33
N ASP D 424 -17.06 -8.77 -18.87
CA ASP D 424 -15.62 -8.58 -19.03
C ASP D 424 -14.79 -9.67 -18.36
N HIS D 425 -15.20 -10.11 -17.15
CA HIS D 425 -14.48 -11.16 -16.42
C HIS D 425 -14.65 -12.54 -17.07
N CYS D 426 -15.79 -12.76 -17.71
CA CYS D 426 -16.02 -14.05 -18.35
C CYS D 426 -15.34 -14.08 -19.75
N GLN D 427 -15.26 -12.90 -20.45
CA GLN D 427 -14.57 -12.76 -21.75
C GLN D 427 -13.04 -12.86 -21.58
N ASN D 428 -12.46 -12.08 -20.64
CA ASN D 428 -11.02 -12.09 -20.34
C ASN D 428 -10.74 -11.90 -18.83
N PRO D 429 -10.73 -12.99 -18.05
CA PRO D 429 -10.52 -12.89 -16.59
C PRO D 429 -9.12 -12.47 -16.15
N THR D 430 -8.10 -12.82 -16.94
CA THR D 430 -6.71 -12.51 -16.62
C THR D 430 -6.45 -11.03 -16.75
N ALA D 431 -7.10 -10.37 -17.76
CA ALA D 431 -7.00 -8.92 -18.00
C ALA D 431 -7.77 -8.12 -16.93
N VAL D 432 -8.90 -8.69 -16.40
CA VAL D 432 -9.68 -8.03 -15.32
C VAL D 432 -8.80 -8.00 -14.06
N ARG D 433 -8.18 -9.14 -13.71
CA ARG D 433 -7.28 -9.24 -12.56
C ARG D 433 -6.07 -8.31 -12.68
N ARG D 434 -5.55 -8.10 -13.91
CA ARG D 434 -4.39 -7.22 -14.11
C ARG D 434 -4.75 -5.75 -13.99
N ARG D 435 -5.98 -5.35 -14.37
N ARG D 435 -5.98 -5.35 -14.38
CA ARG D 435 -6.46 -3.97 -14.26
CA ARG D 435 -6.46 -3.98 -14.28
C ARG D 435 -6.61 -3.60 -12.78
C ARG D 435 -6.64 -3.59 -12.79
N LEU D 436 -7.06 -4.56 -11.94
CA LEU D 436 -7.24 -4.39 -10.49
C LEU D 436 -5.87 -4.24 -9.80
N GLU D 437 -4.87 -5.01 -10.26
CA GLU D 437 -3.51 -4.94 -9.74
C GLU D 437 -2.90 -3.57 -10.10
N ALA D 438 -3.27 -2.99 -11.27
CA ALA D 438 -2.77 -1.68 -11.69
C ALA D 438 -3.42 -0.54 -10.89
N LEU D 439 -4.69 -0.74 -10.45
CA LEU D 439 -5.43 0.23 -9.63
C LEU D 439 -4.69 0.40 -8.30
N GLU D 440 -4.25 -0.72 -7.70
CA GLU D 440 -3.49 -0.72 -6.45
C GLU D 440 -2.13 -0.06 -6.62
N ARG D 441 -1.44 -0.31 -7.76
CA ARG D 441 -0.13 0.28 -8.05
C ARG D 441 -0.18 1.81 -8.23
N SER D 442 -1.32 2.35 -8.69
CA SER D 442 -1.51 3.79 -8.92
C SER D 442 -1.43 4.69 -7.65
N SER D 443 -1.43 4.09 -6.44
CA SER D 443 -1.31 4.81 -5.17
C SER D 443 0.02 4.50 -4.47
N SER D 444 0.88 3.68 -5.10
CA SER D 444 2.19 3.26 -4.60
C SER D 444 3.21 4.41 -4.59
N TRP D 445 4.34 4.23 -3.87
CA TRP D 445 5.43 5.22 -3.78
C TRP D 445 6.26 5.18 -5.05
ZN ZN E . 50.44 -38.66 6.20
S DMS F . 37.06 -33.41 19.54
O DMS F . 36.26 -32.19 19.51
C1 DMS F . 38.20 -33.19 18.22
C2 DMS F . 38.06 -33.21 20.99
MG MG G . 24.15 -32.37 22.35
PB ADP H . 24.70 -33.00 18.93
O1B ADP H . 24.12 -33.34 20.29
O2B ADP H . 25.40 -31.64 18.91
O3B ADP H . 25.67 -34.06 18.41
PA ADP H . 21.98 -32.65 17.86
O1A ADP H . 21.70 -31.25 18.41
O2A ADP H . 21.28 -33.66 18.67
O3A ADP H . 23.55 -32.91 17.82
O5' ADP H . 21.67 -32.73 16.29
C5' ADP H . 21.90 -31.66 15.34
C4' ADP H . 20.75 -31.61 14.36
O4' ADP H . 20.63 -32.87 13.65
C3' ADP H . 19.37 -31.31 14.96
O3' ADP H . 18.77 -30.17 14.37
C2' ADP H . 18.61 -32.63 14.78
O2' ADP H . 17.20 -32.46 14.63
C1' ADP H . 19.26 -33.17 13.51
N9 ADP H . 19.12 -34.62 13.27
C8 ADP H . 19.08 -35.62 14.21
N7 ADP H . 18.90 -36.82 13.71
C5 ADP H . 18.81 -36.59 12.34
C6 ADP H . 18.59 -37.46 11.25
N6 ADP H . 18.48 -38.79 11.36
N1 ADP H . 18.53 -36.90 10.01
C2 ADP H . 18.68 -35.58 9.89
N3 ADP H . 18.89 -34.67 10.85
C4 ADP H . 18.94 -35.24 12.06
ZN ZN I . -0.17 16.54 -15.14
S DMS J . 22.12 22.27 -27.28
O DMS J . 20.71 22.09 -27.59
C1 DMS J . 22.69 23.52 -28.38
C2 DMS J . 22.13 23.18 -25.78
MG MG K . 23.35 -1.16 -27.82
PB ADP L . 22.96 0.43 -24.91
O1B ADP L . 21.79 0.47 -24.02
O2B ADP L . 23.05 1.63 -25.85
O3B ADP L . 23.13 -0.87 -25.64
PA ADP L . 25.72 -0.09 -24.05
O1A ADP L . 25.64 -1.59 -23.85
O2A ADP L . 26.33 0.20 -25.36
O3A ADP L . 24.25 0.53 -23.98
O5' ADP L . 26.54 0.49 -22.81
C5' ADP L . 26.88 1.88 -22.64
C4' ADP L . 28.07 1.98 -21.72
O4' ADP L . 27.69 1.59 -20.38
C3' ADP L . 29.29 1.14 -22.11
O3' ADP L . 30.49 1.91 -22.15
C2' ADP L . 29.29 0.02 -21.04
O2' ADP L . 30.57 -0.54 -20.78
C1' ADP L . 28.70 0.76 -19.84
N9 ADP L . 28.11 -0.10 -18.82
C8 ADP L . 27.29 -1.19 -19.02
N7 ADP L . 26.94 -1.80 -17.91
C5 ADP L . 27.58 -1.07 -16.92
C6 ADP L . 27.61 -1.21 -15.51
N6 ADP L . 27.10 -2.26 -14.85
N1 ADP L . 28.26 -0.26 -14.79
C2 ADP L . 28.87 0.74 -15.45
N3 ADP L . 28.96 0.93 -16.77
C4 ADP L . 28.29 -0.01 -17.45
ZN ZN M . -29.29 38.95 25.25
MG MG N . -2.93 22.30 16.26
PB ADP O . -3.72 23.82 19.70
O1B ADP O . -5.10 24.14 20.26
O2B ADP O . -3.65 22.50 19.02
O3B ADP O . -3.28 24.98 18.76
PA ADP O . -1.20 23.37 21.15
O1A ADP O . -1.09 21.91 21.28
O2A ADP O . -0.39 23.87 19.94
O3A ADP O . -2.73 23.81 20.95
O5' ADP O . -0.65 24.06 22.52
C5' ADP O . -0.04 25.36 22.66
C4' ADP O . 0.96 25.32 23.79
O4' ADP O . 0.31 24.91 25.02
C3' ADP O . 2.17 24.38 23.59
O3' ADP O . 3.41 25.07 23.75
C2' ADP O . 1.94 23.29 24.64
O2' ADP O . 3.16 22.71 25.13
C1' ADP O . 1.18 24.06 25.72
N9 ADP O . 0.42 23.24 26.65
C8 ADP O . -0.36 22.14 26.37
N7 ADP O . -0.86 21.55 27.43
C5 ADP O . -0.39 22.33 28.49
C6 ADP O . -0.56 22.23 29.89
N6 ADP O . -1.23 21.25 30.48
N1 ADP O . 0.01 23.18 30.66
C2 ADP O . 0.73 24.14 30.07
N3 ADP O . 0.98 24.32 28.76
C4 ADP O . 0.38 23.37 28.02
ZN ZN P . -19.97 -13.40 -16.87
S DMS Q . -32.77 8.73 -18.54
O DMS Q . -33.92 8.04 -17.91
C1 DMS Q . -33.08 8.52 -20.26
C2 DMS Q . -33.16 10.45 -18.42
MG MG R . -50.33 -4.82 -5.33
PB ADP S . -48.75 -5.62 -8.70
O1B ADP S . -49.45 -6.05 -7.46
O2B ADP S . -47.68 -6.61 -9.14
O3B ADP S . -48.15 -4.23 -8.57
PA ADP S . -51.38 -5.51 -9.95
O1A ADP S . -51.84 -4.24 -9.23
O2A ADP S . -51.89 -6.70 -9.23
O3A ADP S . -49.78 -5.53 -9.92
O5' ADP S . -51.84 -5.43 -11.49
C5' ADP S . -51.41 -4.41 -12.42
C4' ADP S . -52.26 -4.47 -13.66
O4' ADP S . -52.12 -5.75 -14.30
C3' ADP S . -53.76 -4.23 -13.45
O3' ADP S . -54.22 -3.07 -14.14
C2' ADP S . -54.42 -5.54 -13.93
O2' ADP S . -55.66 -5.34 -14.60
C1' ADP S . -53.36 -6.09 -14.88
N9 ADP S . -53.41 -7.54 -15.11
C8 ADP S . -53.41 -8.53 -14.16
N7 ADP S . -53.52 -9.73 -14.65
C5 ADP S . -53.59 -9.54 -16.01
C6 ADP S . -53.74 -10.43 -17.11
N6 ADP S . -53.83 -11.75 -16.97
N1 ADP S . -53.78 -9.89 -18.35
C2 ADP S . -53.70 -8.56 -18.49
N3 ADP S . -53.55 -7.63 -17.54
C4 ADP S . -53.52 -8.18 -16.32
#